data_8PUW
#
_entry.id   8PUW
#
_cell.length_a   1.00
_cell.length_b   1.00
_cell.length_c   1.00
_cell.angle_alpha   90.00
_cell.angle_beta   90.00
_cell.angle_gamma   90.00
#
_symmetry.space_group_name_H-M   'P 1'
#
loop_
_entity.id
_entity.type
_entity.pdbx_description
1 polymer Las1
2 polymer "Polynucleotide 5'-hydroxyl-kinase GRC3"
#
loop_
_entity_poly.entity_id
_entity_poly.type
_entity_poly.pdbx_seq_one_letter_code
_entity_poly.pdbx_strand_id
1 'polypeptide(L)'
;MVQYIFTPWRNRAELLAVRAQFYPEHTSKTHLKKHHQSTFQDDEHIRSEKQKAVARVSMWMQRGGCPHMVESTALLVAAI
LSDEAQGSGAAGGYAVRAAYSAAFSRFVTGLLDSHQDKQRKQSMYDVAKAVGLPAAFVELRHQATHEQLPSLTRLRSAAR
RALEWIWWYYWKGLGPVDMVQRGVNGKGVAGVGDTSESEEKDVGEEGGDAAARCREGVVRLLESDVRVGGEAINGPGKEE
LLAEFGEALVLTTLDAAAGNTRDVGVLRRAIGLMREIVNGGDEDCMQLENGKGNRDVEKLKEELKKGWEEIKRLAQEKED
SGDDQTEDEDVDMEAEEEDKKEQQSGWVLYDEKEWVPKPIGIV
;
A,D
2 'polypeptide(L)'
;MTSTKKRKLEGSASESGNNTPILSAFAARQQLWAQSLVVQAQKQPQSVDNSKHVTERRSATPISAAQVLRKSKRKSPEDS
PITPATPATPVETEEEKPSKPSSPRELLRHHSSFQPNNSNFQRKAGGRLVLSTPDVERFVILGNYGVKVHQGEVTIAGAT
LTPIDDVQWVHAPHCHALPVLRTANDTVIELLPCPTAQGLRELARLNPLFGRLWNETSDTFQIIYTSADAPKRTSLRELA
SHPAWNKKISELLTSTRRKPSPILFICGPKSSGKSTFGRLLTNRLMTDRAGHKSRSWKPVMVLDLDPGQPEFSPPGVVSL
TKLRRPNLAPPFCHPGLSFGEKGLDGGNEGMTTVRMHAIASVTPALDPAHFIACARDLFAYYRRSASQENIPLVVNTPGW
IQGTGLDLLAELIAVLRPTEVLYMSEDGPEETVSALREACASSSTIPFTMLPSQPNSSGEGGGGGAASWTPATLRSMAMQ
SYFHLSPFSRDQQGGPGCEWNPTPLTHLCPWRVRLAGRPDERGVLGIVCYDHQYAPELVSDAINGMVMGLVRIEKKEALR
GLAVPGDTSLSFTSSTSQGGCDDELDSDSNSSSAPSFTSSSPSHLNSTPLLPLIPNPTGSPLSPQYTSLVGLVLIRGVSL
TASNPELHLLTPVPPSVLHSFRGDELVLVAGKFDAPTWAYVEGLYWKSNSKAAKRVDEEREDEDREESGGVEEEEEQDEV
PWVEMLHGSAGRDVGSRVWRVRRDLGRS
;
B,E
#
# COMPACT_ATOMS: atom_id res chain seq x y z
N MET A 1 -23.37 27.96 -20.51
CA MET A 1 -24.13 27.58 -19.33
C MET A 1 -23.29 27.76 -18.07
N VAL A 2 -23.86 27.40 -16.92
CA VAL A 2 -23.19 27.53 -15.62
C VAL A 2 -23.03 26.12 -15.04
N GLN A 3 -21.80 25.79 -14.66
CA GLN A 3 -21.48 24.50 -14.06
C GLN A 3 -21.07 24.72 -12.62
N TYR A 4 -21.45 23.79 -11.75
CA TYR A 4 -21.22 23.90 -10.32
C TYR A 4 -20.25 22.82 -9.84
N ILE A 5 -19.23 23.22 -9.11
CA ILE A 5 -18.35 22.31 -8.40
C ILE A 5 -18.62 22.48 -6.91
N PHE A 6 -18.90 21.38 -6.23
CA PHE A 6 -19.24 21.41 -4.82
C PHE A 6 -18.01 21.12 -3.98
N THR A 7 -17.73 22.01 -3.03
CA THR A 7 -16.51 21.98 -2.25
C THR A 7 -16.85 21.74 -0.78
N PRO A 8 -16.00 21.01 -0.03
CA PRO A 8 -16.24 20.87 1.42
C PRO A 8 -16.15 22.17 2.20
N TRP A 9 -15.33 23.11 1.75
CA TRP A 9 -15.25 24.42 2.39
C TRP A 9 -16.42 25.29 1.94
N ARG A 10 -16.86 26.19 2.83
CA ARG A 10 -18.00 27.04 2.52
C ARG A 10 -17.67 28.03 1.41
N ASN A 11 -16.47 28.62 1.45
CA ASN A 11 -16.05 29.60 0.46
C ASN A 11 -14.55 29.47 0.25
N ARG A 12 -14.04 30.25 -0.71
CA ARG A 12 -12.63 30.17 -1.03
C ARG A 12 -11.76 30.79 0.06
N ALA A 13 -12.35 31.68 0.88
CA ALA A 13 -11.62 32.27 1.99
C ALA A 13 -11.23 31.23 3.02
N GLU A 14 -12.09 30.25 3.26
CA GLU A 14 -11.77 29.15 4.17
C GLU A 14 -10.60 28.33 3.64
N LEU A 15 -10.60 28.04 2.34
CA LEU A 15 -9.50 27.28 1.73
C LEU A 15 -8.20 28.06 1.79
N LEU A 16 -8.25 29.37 1.53
CA LEU A 16 -7.03 30.18 1.60
C LEU A 16 -6.52 30.33 3.02
N ALA A 17 -7.41 30.40 4.01
CA ALA A 17 -6.97 30.39 5.41
C ALA A 17 -6.30 29.07 5.78
N VAL A 18 -6.85 27.95 5.30
CA VAL A 18 -6.24 26.65 5.57
C VAL A 18 -4.88 26.54 4.87
N ARG A 19 -4.77 27.12 3.67
CA ARG A 19 -3.48 27.20 2.99
C ARG A 19 -2.48 28.02 3.79
N ALA A 20 -2.92 29.13 4.37
CA ALA A 20 -2.04 29.95 5.19
C ALA A 20 -1.60 29.21 6.45
N GLN A 21 -2.47 28.35 6.97
CA GLN A 21 -2.11 27.60 8.18
C GLN A 21 -1.15 26.45 7.88
N PHE A 22 -1.33 25.76 6.75
CA PHE A 22 -0.31 24.82 6.27
C PHE A 22 1.01 25.51 5.96
N TYR A 23 0.98 26.66 5.32
CA TYR A 23 2.19 27.29 4.81
C TYR A 23 2.33 28.70 5.37
N PRO A 24 2.79 28.84 6.61
CA PRO A 24 2.97 30.20 7.16
C PRO A 24 4.15 30.93 6.54
N GLU A 25 5.17 30.22 6.09
CA GLU A 25 6.37 30.88 5.59
C GLU A 25 6.16 31.45 4.19
N HIS A 26 5.38 30.76 3.35
CA HIS A 26 5.12 31.27 2.02
C HIS A 26 4.10 32.40 2.04
N THR A 27 3.08 32.29 2.88
CA THR A 27 1.98 33.25 2.86
C THR A 27 2.36 34.56 3.55
N SER A 28 3.18 34.49 4.58
CA SER A 28 3.62 35.71 5.27
C SER A 28 4.66 36.45 4.45
N SER A 38 12.30 30.84 15.54
CA SER A 38 12.15 32.21 16.02
C SER A 38 11.70 32.23 17.48
N THR A 39 10.74 33.10 17.79
CA THR A 39 10.20 33.17 19.14
C THR A 39 9.40 31.91 19.46
N PHE A 40 9.45 31.51 20.74
CA PHE A 40 8.73 30.31 21.17
C PHE A 40 7.22 30.48 21.03
N GLN A 41 6.71 31.69 21.29
CA GLN A 41 5.29 31.95 21.11
C GLN A 41 4.89 31.82 19.64
N ASP A 42 5.75 32.28 18.73
CA ASP A 42 5.48 32.13 17.30
C ASP A 42 5.46 30.66 16.90
N ASP A 43 6.39 29.86 17.44
CA ASP A 43 6.43 28.43 17.13
C ASP A 43 5.18 27.71 17.65
N GLU A 44 4.76 28.06 18.87
CA GLU A 44 3.55 27.46 19.42
C GLU A 44 2.32 27.86 18.63
N HIS A 45 2.26 29.13 18.20
CA HIS A 45 1.15 29.59 17.37
C HIS A 45 1.12 28.86 16.03
N ILE A 46 2.29 28.65 15.43
CA ILE A 46 2.37 27.95 14.15
C ILE A 46 1.91 26.50 14.31
N ARG A 47 2.33 25.85 15.39
CA ARG A 47 1.92 24.47 15.64
C ARG A 47 0.41 24.38 15.89
N SER A 48 -0.15 25.32 16.64
CA SER A 48 -1.58 25.30 16.91
C SER A 48 -2.40 25.54 15.65
N GLU A 49 -1.95 26.47 14.81
CA GLU A 49 -2.66 26.73 13.55
C GLU A 49 -2.57 25.54 12.61
N LYS A 50 -1.43 24.87 12.58
CA LYS A 50 -1.31 23.66 11.75
C LYS A 50 -2.23 22.55 12.26
N GLN A 51 -2.34 22.40 13.57
CA GLN A 51 -3.26 21.41 14.13
C GLN A 51 -4.71 21.74 13.78
N LYS A 52 -5.08 23.02 13.87
CA LYS A 52 -6.42 23.46 13.49
C LYS A 52 -6.71 23.16 12.02
N ALA A 53 -5.72 23.40 11.16
CA ALA A 53 -5.92 23.16 9.74
C ALA A 53 -6.07 21.67 9.42
N VAL A 54 -5.26 20.82 10.07
CA VAL A 54 -5.38 19.38 9.83
C VAL A 54 -6.73 18.86 10.34
N ALA A 55 -7.21 19.41 11.45
CA ALA A 55 -8.54 19.04 11.93
C ALA A 55 -9.63 19.48 10.95
N ARG A 56 -9.48 20.67 10.36
CA ARG A 56 -10.44 21.13 9.35
C ARG A 56 -10.43 20.23 8.13
N VAL A 57 -9.26 19.77 7.70
CA VAL A 57 -9.20 18.89 6.53
C VAL A 57 -9.77 17.52 6.86
N SER A 58 -9.64 17.08 8.11
CA SER A 58 -10.32 15.85 8.54
C SER A 58 -11.83 15.99 8.44
N MET A 59 -12.36 17.14 8.87
CA MET A 59 -13.78 17.41 8.70
C MET A 59 -14.17 17.46 7.24
N TRP A 60 -13.33 18.05 6.39
CA TRP A 60 -13.58 18.13 4.96
C TRP A 60 -13.64 16.74 4.32
N MET A 61 -12.73 15.86 4.72
CA MET A 61 -12.75 14.50 4.20
C MET A 61 -13.98 13.74 4.69
N GLN A 62 -14.45 14.07 5.91
CA GLN A 62 -15.71 13.51 6.36
C GLN A 62 -16.89 13.99 5.53
N ARG A 63 -16.88 15.27 5.14
CA ARG A 63 -17.96 15.80 4.31
C ARG A 63 -17.95 15.19 2.91
N GLY A 64 -16.78 15.06 2.31
CA GLY A 64 -16.67 14.51 0.98
C GLY A 64 -16.38 15.59 -0.04
N GLY A 65 -15.77 15.17 -1.15
CA GLY A 65 -15.40 16.09 -2.21
C GLY A 65 -14.08 16.80 -2.00
N CYS A 66 -13.33 16.45 -0.98
CA CYS A 66 -12.03 17.07 -0.74
C CYS A 66 -11.03 16.57 -1.77
N PRO A 67 -10.19 17.45 -2.33
CA PRO A 67 -9.18 17.00 -3.28
C PRO A 67 -8.11 16.14 -2.61
N HIS A 68 -7.42 15.36 -3.43
CA HIS A 68 -6.40 14.46 -2.90
C HIS A 68 -5.18 15.22 -2.39
N MET A 69 -4.87 16.36 -3.01
CA MET A 69 -3.70 17.13 -2.60
C MET A 69 -3.88 17.73 -1.20
N VAL A 70 -5.10 18.16 -0.88
CA VAL A 70 -5.39 18.69 0.46
C VAL A 70 -5.24 17.61 1.50
N GLU A 71 -5.75 16.41 1.22
CA GLU A 71 -5.63 15.28 2.14
C GLU A 71 -4.17 14.88 2.32
N SER A 72 -3.39 14.86 1.24
CA SER A 72 -1.98 14.52 1.33
C SER A 72 -1.21 15.54 2.13
N THR A 73 -1.52 16.83 1.95
CA THR A 73 -0.87 17.88 2.73
C THR A 73 -1.21 17.75 4.20
N ALA A 74 -2.48 17.47 4.53
CA ALA A 74 -2.87 17.30 5.92
C ALA A 74 -2.19 16.10 6.55
N LEU A 75 -2.07 14.99 5.80
CA LEU A 75 -1.39 13.80 6.31
C LEU A 75 0.08 14.06 6.57
N LEU A 76 0.77 14.73 5.63
CA LEU A 76 2.18 15.01 5.82
C LEU A 76 2.41 16.00 6.95
N VAL A 77 1.56 17.03 7.08
CA VAL A 77 1.70 17.99 8.16
C VAL A 77 1.40 17.33 9.50
N ALA A 78 0.44 16.41 9.54
CA ALA A 78 0.15 15.69 10.78
C ALA A 78 1.30 14.78 11.18
N ALA A 79 1.94 14.12 10.21
CA ALA A 79 3.12 13.31 10.51
C ALA A 79 4.27 14.17 11.03
N ILE A 80 4.48 15.34 10.41
CA ILE A 80 5.53 16.25 10.87
C ILE A 80 5.23 16.77 12.27
N LEU A 81 3.95 17.06 12.56
CA LEU A 81 3.58 17.54 13.89
C LEU A 81 3.76 16.47 14.95
N SER A 82 3.43 15.22 14.62
CA SER A 82 3.64 14.13 15.57
C SER A 82 5.12 13.86 15.77
N ASP A 83 5.94 14.09 14.74
CA ASP A 83 7.38 13.98 14.90
C ASP A 83 7.90 15.08 15.83
N GLU A 84 7.44 16.31 15.61
CA GLU A 84 8.01 17.45 16.33
C GLU A 84 7.54 17.49 17.78
N ALA A 85 6.30 17.06 18.03
CA ALA A 85 5.75 17.14 19.38
C ALA A 85 6.47 16.21 20.35
N GLN A 86 6.62 14.95 19.97
CA GLN A 86 7.35 13.98 20.78
C GLN A 86 7.78 12.84 19.88
N GLY A 87 9.08 12.60 19.87
CA GLY A 87 9.61 11.47 19.12
C GLY A 87 9.50 10.20 19.94
N SER A 88 9.12 9.10 19.29
CA SER A 88 8.97 7.81 19.98
C SER A 88 10.33 7.12 20.08
N GLY A 89 11.24 7.78 20.78
CA GLY A 89 12.55 7.20 21.02
C GLY A 89 12.49 5.97 21.90
N ALA A 90 11.58 5.98 22.88
CA ALA A 90 11.35 4.78 23.68
C ALA A 90 10.75 3.66 22.85
N ALA A 91 9.86 4.00 21.92
CA ALA A 91 9.21 2.98 21.09
C ALA A 91 9.92 2.76 19.77
N GLY A 92 11.08 3.38 19.57
CA GLY A 92 11.83 3.16 18.34
C GLY A 92 11.32 3.91 17.14
N GLY A 93 10.24 4.69 17.29
CA GLY A 93 9.78 5.56 16.22
C GLY A 93 8.84 4.95 15.21
N TYR A 94 8.36 3.72 15.43
CA TYR A 94 7.35 3.15 14.54
C TYR A 94 6.05 3.93 14.52
N ALA A 95 5.73 4.65 15.59
CA ALA A 95 4.58 5.55 15.54
C ALA A 95 4.81 6.66 14.52
N VAL A 96 5.94 7.34 14.64
CA VAL A 96 6.26 8.46 13.76
C VAL A 96 6.55 7.98 12.34
N ARG A 97 7.35 6.92 12.22
CA ARG A 97 7.70 6.39 10.91
C ARG A 97 6.48 5.78 10.22
N ALA A 98 5.57 5.19 10.99
CA ALA A 98 4.34 4.66 10.42
C ALA A 98 3.41 5.78 9.95
N ALA A 99 3.35 6.88 10.70
CA ALA A 99 2.58 8.03 10.24
C ALA A 99 3.12 8.58 8.94
N TYR A 100 4.45 8.71 8.84
CA TYR A 100 5.09 9.15 7.60
C TYR A 100 4.81 8.18 6.46
N SER A 101 4.92 6.88 6.73
CA SER A 101 4.75 5.88 5.69
C SER A 101 3.32 5.82 5.17
N ALA A 102 2.32 5.96 6.05
CA ALA A 102 0.95 6.00 5.59
C ALA A 102 0.65 7.28 4.80
N ALA A 103 1.24 8.40 5.22
CA ALA A 103 1.08 9.64 4.46
C ALA A 103 1.65 9.50 3.05
N PHE A 104 2.82 8.88 2.93
CA PHE A 104 3.44 8.70 1.62
C PHE A 104 2.69 7.68 0.79
N SER A 105 2.18 6.62 1.42
CA SER A 105 1.40 5.62 0.69
C SER A 105 0.14 6.24 0.10
N ARG A 106 -0.59 7.02 0.89
CA ARG A 106 -1.78 7.69 0.39
C ARG A 106 -1.44 8.69 -0.70
N PHE A 107 -0.37 9.48 -0.49
CA PHE A 107 0.00 10.53 -1.45
C PHE A 107 0.40 9.94 -2.81
N VAL A 108 1.32 8.97 -2.80
CA VAL A 108 1.79 8.41 -4.06
C VAL A 108 0.69 7.57 -4.73
N THR A 109 -0.08 6.81 -3.94
CA THR A 109 -1.14 5.99 -4.51
C THR A 109 -2.22 6.86 -5.15
N GLY A 110 -2.61 7.95 -4.49
CA GLY A 110 -3.61 8.83 -5.08
C GLY A 110 -3.13 9.52 -6.33
N LEU A 111 -1.89 10.01 -6.32
CA LEU A 111 -1.35 10.68 -7.50
C LEU A 111 -1.26 9.72 -8.70
N LEU A 112 -0.71 8.52 -8.47
CA LEU A 112 -0.56 7.55 -9.54
C LEU A 112 -1.91 7.04 -10.04
N ASP A 113 -2.87 6.82 -9.14
CA ASP A 113 -4.18 6.34 -9.56
C ASP A 113 -4.95 7.43 -10.30
N SER A 114 -4.70 8.70 -9.97
CA SER A 114 -5.33 9.78 -10.71
C SER A 114 -4.75 9.90 -12.11
N HIS A 115 -3.44 9.75 -12.25
CA HIS A 115 -2.81 10.08 -13.53
C HIS A 115 -2.51 8.84 -14.37
N GLN A 116 -2.93 7.66 -13.93
CA GLN A 116 -2.70 6.47 -14.74
C GLN A 116 -3.78 6.32 -15.81
N ASP A 117 -3.44 5.60 -16.88
CA ASP A 117 -4.36 5.30 -17.97
C ASP A 117 -4.50 3.79 -18.10
N LYS A 118 -5.75 3.31 -18.13
CA LYS A 118 -5.98 1.87 -18.23
C LYS A 118 -5.75 1.37 -19.65
N GLN A 119 -5.85 2.25 -20.63
CA GLN A 119 -5.70 1.83 -22.03
C GLN A 119 -4.27 1.45 -22.35
N ARG A 120 -3.30 2.20 -21.85
CA ARG A 120 -1.88 1.96 -22.12
C ARG A 120 -1.21 1.41 -20.87
N LYS A 121 -0.45 0.33 -21.04
CA LYS A 121 0.28 -0.25 -19.92
C LYS A 121 1.41 0.68 -19.49
N GLN A 122 1.29 1.22 -18.28
CA GLN A 122 2.23 2.20 -17.76
C GLN A 122 2.85 1.67 -16.47
N SER A 123 4.18 1.69 -16.42
CA SER A 123 4.86 1.42 -15.17
C SER A 123 4.67 2.59 -14.21
N MET A 124 4.81 2.31 -12.92
CA MET A 124 4.60 3.35 -11.91
C MET A 124 5.66 4.45 -12.02
N TYR A 125 6.87 4.09 -12.46
CA TYR A 125 7.90 5.09 -12.67
C TYR A 125 7.60 5.94 -13.89
N ASP A 126 6.95 5.36 -14.90
CA ASP A 126 6.54 6.14 -16.07
C ASP A 126 5.47 7.16 -15.70
N VAL A 127 4.50 6.76 -14.87
CA VAL A 127 3.49 7.70 -14.39
C VAL A 127 4.12 8.77 -13.53
N ALA A 128 5.09 8.39 -12.69
CA ALA A 128 5.79 9.36 -11.84
C ALA A 128 6.56 10.36 -12.68
N LYS A 129 7.16 9.91 -13.79
CA LYS A 129 7.85 10.82 -14.69
C LYS A 129 6.88 11.72 -15.42
N ALA A 130 5.71 11.19 -15.79
CA ALA A 130 4.70 11.99 -16.48
C ALA A 130 4.15 13.09 -15.58
N VAL A 131 3.90 12.78 -14.31
CA VAL A 131 3.43 13.78 -13.36
C VAL A 131 4.52 14.80 -13.08
N GLY A 132 5.76 14.34 -12.97
CA GLY A 132 6.84 15.15 -12.45
C GLY A 132 7.23 14.81 -11.03
N LEU A 133 6.59 13.80 -10.45
CA LEU A 133 6.94 13.36 -9.11
C LEU A 133 8.31 12.70 -9.12
N PRO A 134 9.17 13.00 -8.14
CA PRO A 134 10.43 12.26 -8.02
C PRO A 134 10.20 10.79 -7.72
N ALA A 135 11.10 9.95 -8.22
CA ALA A 135 10.95 8.51 -8.04
C ALA A 135 11.34 8.07 -6.65
N ALA A 136 11.94 8.98 -5.87
CA ALA A 136 12.26 8.69 -4.48
C ALA A 136 11.01 8.41 -3.68
N PHE A 137 9.93 9.15 -3.94
CA PHE A 137 8.68 8.94 -3.24
C PHE A 137 8.06 7.60 -3.62
N VAL A 138 8.17 7.20 -4.88
CA VAL A 138 7.64 5.91 -5.33
C VAL A 138 8.42 4.76 -4.68
N GLU A 139 9.75 4.88 -4.64
CA GLU A 139 10.57 3.87 -3.99
C GLU A 139 10.30 3.83 -2.49
N LEU A 140 10.05 4.99 -1.89
CA LEU A 140 9.73 5.04 -0.46
C LEU A 140 8.41 4.37 -0.16
N ARG A 141 7.41 4.58 -1.04
CA ARG A 141 6.13 3.90 -0.90
C ARG A 141 6.29 2.39 -1.03
N HIS A 142 7.07 1.94 -2.01
CA HIS A 142 7.26 0.51 -2.21
C HIS A 142 8.01 -0.12 -1.05
N GLN A 143 9.01 0.58 -0.50
CA GLN A 143 9.75 0.06 0.64
C GLN A 143 8.88 0.03 1.90
N ALA A 144 8.04 1.05 2.09
CA ALA A 144 7.15 1.05 3.25
C ALA A 144 6.09 -0.04 3.13
N THR A 145 5.70 -0.38 1.90
CA THR A 145 4.65 -1.39 1.73
C THR A 145 5.22 -2.81 1.81
N HIS A 146 6.15 -3.15 0.91
CA HIS A 146 6.59 -4.53 0.76
C HIS A 146 7.86 -4.86 1.55
N GLU A 147 8.52 -3.87 2.13
CA GLU A 147 9.70 -4.10 2.95
C GLU A 147 9.47 -3.45 4.30
N GLN A 148 10.53 -3.36 5.09
CA GLN A 148 10.45 -2.68 6.37
C GLN A 148 10.27 -1.18 6.15
N LEU A 149 9.81 -0.49 7.21
CA LEU A 149 9.57 0.94 7.16
C LEU A 149 10.86 1.69 6.91
N PRO A 150 10.82 2.76 6.10
CA PRO A 150 12.02 3.57 5.90
C PRO A 150 12.42 4.29 7.18
N SER A 151 13.68 4.67 7.24
CA SER A 151 14.23 5.29 8.44
C SER A 151 13.65 6.68 8.64
N LEU A 152 13.77 7.18 9.87
CA LEU A 152 13.09 8.42 10.25
C LEU A 152 13.68 9.63 9.56
N THR A 153 15.01 9.65 9.36
CA THR A 153 15.66 10.78 8.71
C THR A 153 15.24 10.89 7.24
N ARG A 154 15.20 9.74 6.55
CA ARG A 154 14.73 9.72 5.17
C ARG A 154 13.28 10.17 5.07
N LEU A 155 12.44 9.72 6.01
CA LEU A 155 11.03 10.10 5.99
C LEU A 155 10.86 11.59 6.26
N ARG A 156 11.67 12.16 7.16
CA ARG A 156 11.61 13.60 7.41
C ARG A 156 12.00 14.41 6.18
N SER A 157 13.14 14.06 5.56
CA SER A 157 13.60 14.80 4.39
C SER A 157 12.62 14.68 3.23
N ALA A 158 12.11 13.46 3.01
CA ALA A 158 11.15 13.26 1.92
C ALA A 158 9.82 13.94 2.21
N ALA A 159 9.44 14.06 3.49
CA ALA A 159 8.20 14.74 3.83
C ALA A 159 8.32 16.24 3.56
N ARG A 160 9.46 16.84 3.90
CA ARG A 160 9.64 18.26 3.60
C ARG A 160 9.68 18.50 2.09
N ARG A 161 10.38 17.64 1.34
CA ARG A 161 10.41 17.79 -0.11
C ARG A 161 9.02 17.56 -0.73
N ALA A 162 8.24 16.64 -0.17
CA ALA A 162 6.90 16.37 -0.67
C ALA A 162 5.97 17.54 -0.39
N LEU A 163 6.11 18.17 0.77
CA LEU A 163 5.29 19.34 1.08
C LEU A 163 5.61 20.49 0.14
N GLU A 164 6.90 20.69 -0.17
CA GLU A 164 7.26 21.71 -1.15
C GLU A 164 6.72 21.37 -2.54
N TRP A 165 6.76 20.09 -2.92
CA TRP A 165 6.23 19.67 -4.21
C TRP A 165 4.73 19.90 -4.31
N ILE A 166 3.99 19.62 -3.22
CA ILE A 166 2.55 19.85 -3.23
C ILE A 166 2.23 21.34 -3.27
N TRP A 167 3.06 22.16 -2.60
CA TRP A 167 2.88 23.60 -2.69
C TRP A 167 3.05 24.11 -4.11
N TRP A 168 4.09 23.63 -4.81
CA TRP A 168 4.30 24.07 -6.18
C TRP A 168 3.28 23.46 -7.14
N TYR A 169 2.72 22.30 -6.78
CA TYR A 169 1.78 21.63 -7.66
C TYR A 169 0.38 22.19 -7.53
N TYR A 170 -0.12 22.32 -6.30
CA TYR A 170 -1.53 22.59 -6.06
C TYR A 170 -1.78 23.92 -5.36
N TRP A 171 -1.10 24.18 -4.24
CA TRP A 171 -1.54 25.25 -3.34
C TRP A 171 -1.22 26.63 -3.89
N LYS A 172 -0.19 26.74 -4.72
CA LYS A 172 0.20 28.06 -5.23
C LYS A 172 -0.82 28.59 -6.24
N GLY A 173 -1.48 27.70 -6.96
CA GLY A 173 -2.35 28.13 -8.05
C GLY A 173 -3.73 28.53 -7.60
N LEU A 174 -4.02 28.39 -6.30
CA LEU A 174 -5.37 28.71 -5.81
C LEU A 174 -5.62 30.22 -5.84
N GLY A 175 -4.61 31.03 -5.54
CA GLY A 175 -4.77 32.45 -5.58
C GLY A 175 -3.46 33.19 -5.39
N PRO A 176 -3.49 34.51 -5.51
CA PRO A 176 -2.31 35.31 -5.20
C PRO A 176 -1.94 35.21 -3.73
N VAL A 177 -0.64 35.23 -3.46
CA VAL A 177 -0.10 35.05 -2.13
C VAL A 177 0.19 36.43 -1.54
N ASP A 178 -0.46 36.73 -0.42
CA ASP A 178 -0.28 38.02 0.24
C ASP A 178 0.19 37.84 1.68
N GLN A 344 -44.90 21.95 23.11
CA GLN A 344 -44.29 21.72 21.80
C GLN A 344 -43.41 22.91 21.40
N SER A 345 -42.82 23.56 22.40
CA SER A 345 -41.97 24.71 22.13
C SER A 345 -40.59 24.31 21.64
N GLY A 346 -40.24 23.02 21.72
CA GLY A 346 -38.96 22.57 21.21
C GLY A 346 -38.84 22.70 19.71
N TRP A 347 -39.89 22.32 18.98
CA TRP A 347 -39.93 22.40 17.52
C TRP A 347 -40.97 23.44 17.13
N VAL A 348 -40.51 24.55 16.55
CA VAL A 348 -41.39 25.63 16.12
C VAL A 348 -41.15 25.86 14.63
N LEU A 349 -42.22 25.88 13.85
CA LEU A 349 -42.12 26.29 12.46
C LEU A 349 -41.81 27.78 12.40
N TYR A 350 -40.88 28.15 11.53
CA TYR A 350 -40.42 29.53 11.49
C TYR A 350 -41.48 30.39 10.81
N ASP A 351 -41.65 31.62 11.29
CA ASP A 351 -42.79 32.44 10.91
C ASP A 351 -42.71 32.85 9.44
N GLU A 352 -43.85 32.73 8.73
CA GLU A 352 -43.85 32.92 7.29
C GLU A 352 -43.73 34.39 6.91
N LYS A 353 -44.11 35.30 7.81
CA LYS A 353 -44.03 36.72 7.51
C LYS A 353 -42.59 37.21 7.55
N GLU A 354 -41.82 36.73 8.54
CA GLU A 354 -40.45 37.20 8.68
C GLU A 354 -39.46 36.34 7.91
N TRP A 355 -39.93 35.28 7.26
CA TRP A 355 -39.02 34.41 6.51
C TRP A 355 -38.59 35.05 5.20
N VAL A 356 -37.29 35.04 4.97
CA VAL A 356 -36.67 35.48 3.72
C VAL A 356 -35.83 34.33 3.20
N PRO A 357 -36.03 33.88 1.97
CA PRO A 357 -35.26 32.74 1.46
C PRO A 357 -33.76 33.03 1.37
N LYS A 358 -32.98 32.07 1.81
CA LYS A 358 -31.53 32.16 1.90
C LYS A 358 -30.95 30.89 1.29
N PRO A 359 -29.67 30.92 0.89
CA PRO A 359 -29.02 29.66 0.50
C PRO A 359 -28.90 28.70 1.68
N ILE A 360 -28.71 27.42 1.35
CA ILE A 360 -28.60 26.39 2.38
C ILE A 360 -27.31 26.61 3.16
N GLY A 361 -27.43 26.64 4.48
CA GLY A 361 -26.28 26.84 5.34
C GLY A 361 -26.11 28.24 5.88
N ILE A 362 -26.99 29.18 5.54
CA ILE A 362 -26.91 30.55 6.00
C ILE A 362 -28.07 30.81 6.95
N VAL A 363 -27.74 31.35 8.12
CA VAL A 363 -28.76 31.72 9.10
C VAL A 363 -28.98 33.24 9.05
N LEU B 107 -32.88 1.48 -37.02
CA LEU B 107 -33.97 0.57 -37.32
C LEU B 107 -35.07 0.71 -36.29
N LEU B 108 -36.31 0.86 -36.76
CA LEU B 108 -37.44 1.03 -35.86
C LEU B 108 -37.80 -0.27 -35.17
N ARG B 109 -37.98 -0.20 -33.85
CA ARG B 109 -38.39 -1.34 -33.05
C ARG B 109 -39.79 -1.07 -32.49
N HIS B 110 -40.71 -1.99 -32.75
CA HIS B 110 -42.12 -1.81 -32.40
C HIS B 110 -42.32 -2.25 -30.96
N HIS B 111 -42.55 -1.29 -30.07
CA HIS B 111 -42.78 -1.61 -28.67
C HIS B 111 -44.20 -2.08 -28.41
N SER B 112 -45.19 -1.36 -28.96
CA SER B 112 -46.59 -1.67 -28.74
C SER B 112 -47.16 -2.32 -29.99
N SER B 113 -47.82 -3.47 -29.81
CA SER B 113 -48.42 -4.16 -30.95
C SER B 113 -49.83 -3.66 -31.23
N PHE B 114 -50.33 -2.76 -30.39
CA PHE B 114 -51.68 -2.24 -30.57
C PHE B 114 -51.74 -1.31 -31.78
N GLN B 115 -52.82 -1.42 -32.54
CA GLN B 115 -53.10 -0.49 -33.62
C GLN B 115 -54.44 0.20 -33.34
N PRO B 116 -54.50 1.52 -33.42
CA PRO B 116 -55.75 2.21 -33.07
C PRO B 116 -56.62 2.45 -34.28
N ASN B 117 -57.93 2.45 -34.05
CA ASN B 117 -58.90 2.94 -35.02
C ASN B 117 -60.04 3.59 -34.24
N ASN B 118 -61.15 3.86 -34.93
CA ASN B 118 -62.31 4.48 -34.29
C ASN B 118 -63.02 3.56 -33.31
N SER B 119 -62.91 2.25 -33.49
CA SER B 119 -63.66 1.31 -32.67
C SER B 119 -62.97 1.04 -31.35
N ASN B 120 -61.73 0.57 -31.39
CA ASN B 120 -61.07 0.09 -30.18
C ASN B 120 -60.58 1.25 -29.32
N PHE B 121 -60.13 2.33 -29.94
CA PHE B 121 -59.39 3.39 -29.27
C PHE B 121 -60.32 4.59 -29.11
N GLN B 122 -60.58 5.00 -27.87
CA GLN B 122 -61.55 6.07 -27.64
C GLN B 122 -61.01 7.03 -26.58
N ARG B 123 -61.15 8.32 -26.83
CA ARG B 123 -60.79 9.32 -25.82
C ARG B 123 -62.01 9.72 -25.01
N LYS B 124 -61.76 10.22 -23.80
CA LYS B 124 -62.81 10.71 -22.92
C LYS B 124 -62.27 11.88 -22.13
N ALA B 125 -63.17 12.83 -21.82
CA ALA B 125 -62.80 14.12 -21.25
C ALA B 125 -62.13 13.96 -19.89
N GLY B 126 -61.20 14.85 -19.59
CA GLY B 126 -60.27 14.66 -18.50
C GLY B 126 -59.02 13.93 -18.90
N GLY B 127 -58.84 13.64 -20.19
CA GLY B 127 -57.67 12.94 -20.66
C GLY B 127 -57.72 11.43 -20.55
N ARG B 128 -58.84 10.85 -20.14
CA ARG B 128 -58.88 9.41 -19.93
C ARG B 128 -59.08 8.70 -21.26
N LEU B 129 -58.72 7.41 -21.29
CA LEU B 129 -58.70 6.66 -22.53
C LEU B 129 -59.35 5.30 -22.32
N VAL B 130 -60.13 4.84 -23.30
CA VAL B 130 -60.78 3.55 -23.25
C VAL B 130 -60.25 2.73 -24.42
N LEU B 131 -59.68 1.56 -24.11
CA LEU B 131 -59.02 0.73 -25.11
C LEU B 131 -59.54 -0.69 -25.01
N SER B 132 -60.10 -1.21 -26.11
CA SER B 132 -60.66 -2.55 -26.15
C SER B 132 -59.87 -3.41 -27.12
N THR B 133 -59.20 -4.42 -26.59
CA THR B 133 -58.40 -5.34 -27.38
C THR B 133 -59.09 -6.68 -27.44
N PRO B 134 -59.55 -7.11 -28.62
CA PRO B 134 -60.19 -8.44 -28.73
C PRO B 134 -59.18 -9.57 -28.64
N ASP B 135 -57.91 -9.28 -28.89
CA ASP B 135 -56.84 -10.27 -28.83
C ASP B 135 -55.80 -9.84 -27.82
N VAL B 136 -54.78 -10.69 -27.64
CA VAL B 136 -53.70 -10.38 -26.72
C VAL B 136 -52.84 -9.27 -27.30
N GLU B 137 -52.65 -8.21 -26.54
CA GLU B 137 -51.89 -7.05 -26.98
C GLU B 137 -50.89 -6.64 -25.91
N ARG B 138 -49.84 -5.95 -26.33
CA ARG B 138 -48.84 -5.42 -25.41
C ARG B 138 -48.77 -3.91 -25.54
N PHE B 139 -48.53 -3.23 -24.43
CA PHE B 139 -48.44 -1.78 -24.39
C PHE B 139 -47.17 -1.37 -23.66
N VAL B 140 -46.43 -0.45 -24.24
CA VAL B 140 -45.31 0.21 -23.58
C VAL B 140 -45.67 1.67 -23.45
N ILE B 141 -46.00 2.10 -22.23
CA ILE B 141 -46.47 3.45 -21.96
C ILE B 141 -45.43 4.16 -21.09
N LEU B 142 -45.05 5.36 -21.50
CA LEU B 142 -44.03 6.15 -20.82
C LEU B 142 -44.69 7.32 -20.12
N GLY B 143 -44.40 7.49 -18.84
CA GLY B 143 -44.97 8.56 -18.06
C GLY B 143 -45.74 8.01 -16.88
N ASN B 144 -46.67 8.81 -16.38
CA ASN B 144 -47.46 8.43 -15.21
C ASN B 144 -48.91 8.23 -15.64
N TYR B 145 -49.48 7.08 -15.28
CA TYR B 145 -50.84 6.78 -15.68
C TYR B 145 -51.53 5.94 -14.62
N GLY B 146 -52.79 5.61 -14.89
CA GLY B 146 -53.55 4.76 -14.00
C GLY B 146 -54.31 3.70 -14.78
N VAL B 147 -54.28 2.46 -14.29
CA VAL B 147 -54.87 1.32 -14.96
C VAL B 147 -56.11 0.89 -14.19
N LYS B 148 -57.24 0.84 -14.88
CA LYS B 148 -58.49 0.31 -14.35
C LYS B 148 -59.20 -0.40 -15.48
N VAL B 149 -59.38 -1.71 -15.34
CA VAL B 149 -59.88 -2.56 -16.42
C VAL B 149 -61.38 -2.72 -16.26
N HIS B 150 -62.11 -2.55 -17.38
CA HIS B 150 -63.55 -2.75 -17.34
C HIS B 150 -63.90 -4.22 -17.58
N GLN B 151 -63.17 -4.88 -18.46
CA GLN B 151 -63.37 -6.30 -18.73
C GLN B 151 -62.04 -6.97 -18.99
N GLY B 152 -61.91 -8.21 -18.55
CA GLY B 152 -60.72 -8.98 -18.83
C GLY B 152 -59.62 -8.79 -17.81
N GLU B 153 -58.54 -9.54 -18.01
CA GLU B 153 -57.41 -9.59 -17.11
C GLU B 153 -56.19 -9.01 -17.79
N VAL B 154 -55.43 -8.16 -17.09
CA VAL B 154 -54.20 -7.61 -17.63
C VAL B 154 -53.05 -7.95 -16.69
N THR B 155 -51.83 -7.89 -17.23
CA THR B 155 -50.62 -8.20 -16.47
C THR B 155 -49.61 -7.09 -16.71
N ILE B 156 -49.21 -6.41 -15.63
CA ILE B 156 -48.20 -5.36 -15.68
C ILE B 156 -47.20 -5.57 -14.56
N ALA B 157 -45.93 -5.77 -14.96
CA ALA B 157 -44.79 -5.97 -14.05
C ALA B 157 -45.04 -7.12 -13.08
N GLY B 158 -45.65 -8.19 -13.60
CA GLY B 158 -45.97 -9.34 -12.78
C GLY B 158 -47.24 -9.21 -11.97
N ALA B 159 -47.92 -8.08 -12.03
CA ALA B 159 -49.13 -7.83 -11.27
C ALA B 159 -50.34 -8.11 -12.16
N THR B 160 -51.26 -8.94 -11.65
CA THR B 160 -52.46 -9.32 -12.37
C THR B 160 -53.63 -8.46 -11.91
N LEU B 161 -54.28 -7.78 -12.85
CA LEU B 161 -55.39 -6.89 -12.54
C LEU B 161 -56.66 -7.40 -13.21
N THR B 162 -57.73 -7.43 -12.43
CA THR B 162 -59.05 -7.91 -12.78
C THR B 162 -60.04 -6.78 -12.58
N PRO B 163 -61.24 -6.86 -13.18
CA PRO B 163 -62.21 -5.76 -13.01
C PRO B 163 -62.66 -5.51 -11.59
N ILE B 164 -62.51 -6.50 -10.70
CA ILE B 164 -62.82 -6.29 -9.29
C ILE B 164 -61.84 -5.30 -8.66
N ASP B 165 -60.58 -5.36 -9.08
CA ASP B 165 -59.52 -4.55 -8.47
C ASP B 165 -59.68 -3.08 -8.80
N ASP B 166 -59.14 -2.22 -7.93
CA ASP B 166 -59.27 -0.79 -8.09
C ASP B 166 -58.25 -0.24 -9.08
N VAL B 167 -58.20 1.09 -9.17
CA VAL B 167 -57.26 1.75 -10.06
C VAL B 167 -55.85 1.64 -9.49
N GLN B 168 -54.91 1.26 -10.35
CA GLN B 168 -53.51 1.10 -9.95
C GLN B 168 -52.67 2.15 -10.66
N TRP B 169 -51.88 2.90 -9.90
CA TRP B 169 -51.13 4.03 -10.44
C TRP B 169 -49.72 3.60 -10.77
N VAL B 170 -49.30 3.87 -12.01
CA VAL B 170 -48.01 3.43 -12.54
C VAL B 170 -47.18 4.66 -12.86
N HIS B 171 -45.93 4.67 -12.41
CA HIS B 171 -44.94 5.66 -12.81
C HIS B 171 -43.87 4.95 -13.61
N ALA B 172 -43.65 5.41 -14.85
CA ALA B 172 -42.69 4.80 -15.76
C ALA B 172 -41.80 5.88 -16.38
N PRO B 173 -40.76 6.32 -15.66
CA PRO B 173 -39.72 7.10 -16.32
C PRO B 173 -38.81 6.20 -17.14
N HIS B 174 -38.14 6.81 -18.12
CA HIS B 174 -37.33 6.00 -19.02
C HIS B 174 -35.92 5.80 -18.48
N CYS B 175 -35.63 6.33 -17.29
CA CYS B 175 -34.38 5.99 -16.62
C CYS B 175 -34.36 4.50 -16.25
N HIS B 176 -35.50 3.98 -15.81
CA HIS B 176 -35.64 2.55 -15.57
C HIS B 176 -36.37 1.90 -16.74
N ALA B 177 -36.46 0.58 -16.70
CA ALA B 177 -37.16 -0.15 -17.75
C ALA B 177 -38.66 0.08 -17.65
N LEU B 178 -39.27 0.36 -18.80
CA LEU B 178 -40.70 0.66 -18.83
C LEU B 178 -41.50 -0.61 -18.65
N PRO B 179 -42.45 -0.66 -17.71
CA PRO B 179 -43.30 -1.83 -17.58
C PRO B 179 -44.17 -2.05 -18.81
N VAL B 180 -44.35 -3.31 -19.18
CA VAL B 180 -45.12 -3.69 -20.35
C VAL B 180 -46.46 -4.24 -19.87
N LEU B 181 -47.55 -3.66 -20.37
CA LEU B 181 -48.90 -4.02 -19.97
C LEU B 181 -49.48 -4.95 -21.01
N ARG B 182 -49.73 -6.21 -20.62
CA ARG B 182 -50.24 -7.22 -21.53
C ARG B 182 -51.70 -7.51 -21.25
N THR B 183 -52.52 -7.46 -22.30
CA THR B 183 -53.95 -7.67 -22.21
C THR B 183 -54.31 -8.97 -22.92
N ALA B 184 -55.14 -9.79 -22.27
CA ALA B 184 -55.60 -11.02 -22.85
C ALA B 184 -56.73 -10.76 -23.86
N ASN B 185 -57.30 -11.84 -24.37
CA ASN B 185 -58.35 -11.73 -25.38
C ASN B 185 -59.65 -11.20 -24.77
N ASP B 186 -60.30 -10.31 -25.52
CA ASP B 186 -61.55 -9.64 -25.13
C ASP B 186 -61.32 -8.91 -23.80
N THR B 187 -60.54 -7.83 -23.86
CA THR B 187 -60.17 -7.08 -22.67
C THR B 187 -60.35 -5.59 -22.93
N VAL B 188 -61.15 -4.95 -22.08
CA VAL B 188 -61.41 -3.51 -22.17
C VAL B 188 -60.82 -2.84 -20.95
N ILE B 189 -59.89 -1.91 -21.18
CA ILE B 189 -59.18 -1.21 -20.11
C ILE B 189 -59.42 0.27 -20.22
N GLU B 190 -59.16 0.99 -19.12
CA GLU B 190 -59.20 2.43 -19.07
C GLU B 190 -57.88 2.95 -18.52
N LEU B 191 -57.30 3.92 -19.23
CA LEU B 191 -56.06 4.57 -18.82
C LEU B 191 -56.40 5.97 -18.30
N LEU B 192 -55.92 6.26 -17.09
CA LEU B 192 -56.25 7.49 -16.39
C LEU B 192 -54.99 8.32 -16.20
N PRO B 193 -55.07 9.65 -16.36
CA PRO B 193 -53.90 10.50 -16.03
C PRO B 193 -53.67 10.56 -14.54
N CYS B 194 -52.41 10.77 -14.15
CA CYS B 194 -52.04 10.82 -12.73
C CYS B 194 -52.08 12.26 -12.23
N PRO B 195 -52.82 12.54 -11.15
CA PRO B 195 -52.93 13.92 -10.66
C PRO B 195 -51.66 14.42 -9.99
N THR B 196 -51.06 13.60 -9.14
CA THR B 196 -49.91 14.01 -8.32
C THR B 196 -48.66 14.21 -9.16
N ALA B 197 -48.63 13.57 -10.34
CA ALA B 197 -47.42 13.48 -11.15
C ALA B 197 -46.87 14.83 -11.54
N GLN B 198 -47.77 15.81 -11.73
CA GLN B 198 -47.43 17.19 -12.06
C GLN B 198 -46.40 17.74 -11.09
N GLY B 199 -46.62 17.52 -9.79
CA GLY B 199 -45.66 17.96 -8.79
C GLY B 199 -44.29 17.37 -9.02
N LEU B 200 -44.23 16.06 -9.30
CA LEU B 200 -42.97 15.41 -9.61
C LEU B 200 -42.34 16.02 -10.86
N ARG B 201 -43.16 16.32 -11.87
CA ARG B 201 -42.63 16.92 -13.08
C ARG B 201 -42.14 18.34 -12.82
N GLU B 202 -42.71 19.00 -11.81
CA GLU B 202 -42.23 20.34 -11.46
C GLU B 202 -40.88 20.28 -10.76
N LEU B 203 -40.46 19.09 -10.30
CA LEU B 203 -39.08 18.94 -9.83
C LEU B 203 -38.08 19.12 -10.97
N ALA B 204 -38.54 19.04 -12.22
CA ALA B 204 -37.70 19.40 -13.36
C ALA B 204 -37.23 20.84 -13.27
N ARG B 205 -37.98 21.69 -12.56
CA ARG B 205 -37.57 23.08 -12.39
C ARG B 205 -36.37 23.20 -11.46
N LEU B 206 -36.14 22.18 -10.63
CA LEU B 206 -35.09 22.29 -9.62
C LEU B 206 -33.84 21.49 -10.01
N ASN B 207 -34.01 20.45 -10.82
CA ASN B 207 -32.90 19.60 -11.22
C ASN B 207 -33.06 19.25 -12.69
N PRO B 208 -32.03 19.43 -13.51
CA PRO B 208 -32.12 18.96 -14.91
C PRO B 208 -32.27 17.45 -15.04
N LEU B 209 -31.86 16.68 -14.02
CA LEU B 209 -32.02 15.23 -14.07
C LEU B 209 -33.49 14.83 -14.04
N PHE B 210 -34.31 15.60 -13.32
CA PHE B 210 -35.73 15.25 -13.21
C PHE B 210 -36.51 15.68 -14.45
N GLY B 211 -35.88 16.46 -15.33
CA GLY B 211 -36.54 16.82 -16.58
C GLY B 211 -36.37 15.79 -17.67
N ARG B 212 -35.38 14.91 -17.52
CA ARG B 212 -35.08 13.94 -18.57
C ARG B 212 -35.91 12.68 -18.42
N LEU B 213 -36.65 12.56 -17.31
CA LEU B 213 -37.24 11.27 -16.94
C LEU B 213 -38.49 10.96 -17.77
N TRP B 214 -39.28 11.97 -18.09
CA TRP B 214 -40.65 11.70 -18.54
C TRP B 214 -40.83 12.00 -20.02
N ASN B 215 -42.04 11.76 -20.50
CA ASN B 215 -42.38 11.98 -21.90
C ASN B 215 -42.50 13.46 -22.20
N GLU B 216 -42.28 13.81 -23.48
CA GLU B 216 -42.37 15.19 -23.91
C GLU B 216 -43.77 15.61 -24.34
N THR B 217 -44.70 14.65 -24.43
CA THR B 217 -46.08 14.97 -24.78
C THR B 217 -46.73 15.72 -23.62
N SER B 218 -47.69 16.59 -23.95
CA SER B 218 -48.37 17.40 -22.94
C SER B 218 -49.17 16.54 -21.97
N ASP B 219 -49.64 15.38 -22.40
CA ASP B 219 -50.31 14.45 -21.50
C ASP B 219 -49.30 13.81 -20.55
N THR B 220 -49.83 13.27 -19.45
CA THR B 220 -48.95 12.66 -18.44
C THR B 220 -48.32 11.37 -18.97
N PHE B 221 -49.06 10.59 -19.75
CA PHE B 221 -48.58 9.32 -20.28
C PHE B 221 -48.68 9.33 -21.80
N GLN B 222 -47.74 8.66 -22.46
CA GLN B 222 -47.72 8.53 -23.91
C GLN B 222 -47.49 7.06 -24.25
N ILE B 223 -48.33 6.52 -25.14
CA ILE B 223 -48.16 5.15 -25.59
C ILE B 223 -47.09 5.10 -26.67
N ILE B 224 -46.09 4.24 -26.49
CA ILE B 224 -44.97 4.15 -27.40
C ILE B 224 -45.19 3.04 -28.41
N TYR B 225 -45.74 3.40 -29.58
CA TYR B 225 -45.99 2.39 -30.61
C TYR B 225 -44.69 1.97 -31.29
N THR B 226 -43.89 2.93 -31.74
CA THR B 226 -42.62 2.65 -32.40
C THR B 226 -41.51 3.38 -31.68
N SER B 227 -40.29 3.18 -32.16
CA SER B 227 -39.13 3.84 -31.56
C SER B 227 -39.10 5.33 -31.89
N ALA B 228 -39.85 5.74 -32.92
CA ALA B 228 -39.91 7.16 -33.28
C ALA B 228 -40.72 7.96 -32.27
N ASP B 229 -41.59 7.28 -31.51
CA ASP B 229 -42.38 7.97 -30.49
C ASP B 229 -41.57 8.27 -29.24
N ALA B 230 -40.36 7.73 -29.15
CA ALA B 230 -39.51 8.00 -28.00
C ALA B 230 -39.01 9.44 -28.03
N PRO B 231 -38.68 10.02 -26.88
CA PRO B 231 -38.05 11.34 -26.88
C PRO B 231 -36.68 11.31 -27.53
N LYS B 232 -36.23 12.47 -28.01
CA LYS B 232 -34.97 12.57 -28.72
C LYS B 232 -33.79 12.25 -27.82
N ARG B 233 -32.80 11.54 -28.38
CA ARG B 233 -31.57 11.13 -27.73
C ARG B 233 -31.82 10.25 -26.50
N THR B 234 -32.92 9.52 -26.48
CA THR B 234 -33.25 8.60 -25.39
C THR B 234 -33.58 7.24 -25.96
N SER B 235 -33.07 6.19 -25.33
CA SER B 235 -33.35 4.81 -25.72
C SER B 235 -34.27 4.18 -24.69
N LEU B 236 -35.34 3.57 -25.16
CA LEU B 236 -36.36 2.97 -24.30
C LEU B 236 -36.14 1.47 -24.23
N ARG B 237 -36.01 0.94 -23.01
CA ARG B 237 -35.86 -0.48 -22.78
C ARG B 237 -37.10 -1.00 -22.06
N GLU B 238 -37.68 -2.07 -22.60
CA GLU B 238 -38.86 -2.67 -22.00
C GLU B 238 -38.49 -3.50 -20.78
N LEU B 239 -39.45 -3.68 -19.88
CA LEU B 239 -39.26 -4.57 -18.75
C LEU B 239 -39.35 -6.01 -19.22
N ALA B 240 -38.35 -6.81 -18.84
CA ALA B 240 -38.24 -8.18 -19.32
C ALA B 240 -37.94 -9.10 -18.14
N SER B 241 -38.37 -10.36 -18.28
CA SER B 241 -38.12 -11.39 -17.29
C SER B 241 -37.68 -12.66 -18.00
N HIS B 242 -36.71 -13.36 -17.42
CA HIS B 242 -36.26 -14.62 -17.99
C HIS B 242 -37.34 -15.67 -17.82
N PRO B 243 -37.46 -16.63 -18.75
CA PRO B 243 -38.39 -17.75 -18.55
C PRO B 243 -38.07 -18.59 -17.32
N ALA B 244 -36.78 -18.71 -16.98
CA ALA B 244 -36.40 -19.39 -15.75
C ALA B 244 -36.94 -18.66 -14.53
N TRP B 245 -36.95 -17.31 -14.57
CA TRP B 245 -37.53 -16.53 -13.49
C TRP B 245 -39.01 -16.82 -13.33
N ASN B 246 -39.75 -16.88 -14.44
CA ASN B 246 -41.19 -17.14 -14.36
C ASN B 246 -41.47 -18.54 -13.86
N LYS B 247 -40.68 -19.53 -14.30
CA LYS B 247 -40.86 -20.90 -13.80
C LYS B 247 -40.56 -20.99 -12.31
N LYS B 248 -39.49 -20.33 -11.85
CA LYS B 248 -39.16 -20.35 -10.44
C LYS B 248 -40.22 -19.65 -9.60
N ILE B 249 -40.77 -18.54 -10.10
CA ILE B 249 -41.82 -17.83 -9.37
C ILE B 249 -43.09 -18.67 -9.33
N SER B 250 -43.39 -19.41 -10.40
CA SER B 250 -44.55 -20.31 -10.39
C SER B 250 -44.39 -21.42 -9.35
N GLU B 251 -43.19 -22.02 -9.27
CA GLU B 251 -42.95 -23.03 -8.25
C GLU B 251 -43.01 -22.43 -6.84
N LEU B 252 -42.50 -21.20 -6.69
CA LEU B 252 -42.57 -20.52 -5.40
C LEU B 252 -44.01 -20.24 -4.99
N LEU B 253 -44.86 -19.87 -5.96
CA LEU B 253 -46.27 -19.64 -5.67
C LEU B 253 -46.97 -20.93 -5.26
N THR B 254 -46.64 -22.05 -5.93
CA THR B 254 -47.22 -23.32 -5.53
C THR B 254 -46.78 -23.71 -4.11
N SER B 255 -45.50 -23.53 -3.78
CA SER B 255 -45.02 -23.84 -2.44
C SER B 255 -45.62 -22.90 -1.40
N THR B 256 -45.83 -21.63 -1.78
CA THR B 256 -46.44 -20.66 -0.88
C THR B 256 -47.89 -21.03 -0.58
N ARG B 257 -48.61 -21.51 -1.60
CA ARG B 257 -49.96 -22.03 -1.35
C ARG B 257 -49.91 -23.28 -0.49
N ARG B 258 -48.86 -24.10 -0.63
CA ARG B 258 -48.74 -25.27 0.22
C ARG B 258 -48.34 -24.91 1.65
N LYS B 259 -47.35 -24.02 1.81
CA LYS B 259 -46.80 -23.71 3.12
C LYS B 259 -47.01 -22.23 3.45
N PRO B 260 -47.64 -21.92 4.58
CA PRO B 260 -47.97 -20.52 4.89
C PRO B 260 -46.73 -19.72 5.28
N SER B 261 -46.72 -18.45 4.85
CA SER B 261 -45.72 -17.41 5.12
C SER B 261 -44.29 -17.86 4.84
N PRO B 262 -43.90 -18.00 3.58
CA PRO B 262 -42.51 -18.36 3.28
C PRO B 262 -41.58 -17.15 3.39
N ILE B 263 -40.30 -17.42 3.57
CA ILE B 263 -39.26 -16.40 3.58
C ILE B 263 -38.34 -16.62 2.40
N LEU B 264 -38.26 -15.63 1.52
CA LEU B 264 -37.51 -15.73 0.28
C LEU B 264 -36.33 -14.77 0.33
N PHE B 265 -35.14 -15.33 0.41
CA PHE B 265 -33.90 -14.59 0.48
C PHE B 265 -33.39 -14.39 -0.94
N ILE B 266 -33.15 -13.15 -1.33
CA ILE B 266 -32.72 -12.83 -2.70
C ILE B 266 -31.33 -12.21 -2.61
N CYS B 267 -30.31 -12.98 -2.93
CA CYS B 267 -28.92 -12.51 -2.90
C CYS B 267 -28.37 -12.54 -4.31
N GLY B 268 -27.36 -11.73 -4.56
CA GLY B 268 -26.72 -11.70 -5.86
C GLY B 268 -25.69 -10.59 -5.96
N PRO B 269 -24.93 -10.58 -7.05
CA PRO B 269 -23.98 -9.48 -7.27
C PRO B 269 -24.70 -8.20 -7.65
N LYS B 270 -23.98 -7.10 -7.58
CA LYS B 270 -24.52 -5.82 -8.00
C LYS B 270 -24.73 -5.82 -9.51
N SER B 271 -25.79 -5.14 -9.95
CA SER B 271 -26.25 -5.05 -11.34
C SER B 271 -26.58 -6.42 -11.93
N SER B 272 -27.08 -7.35 -11.11
CA SER B 272 -27.49 -8.65 -11.61
C SER B 272 -28.99 -8.74 -11.86
N GLY B 273 -29.73 -7.64 -11.72
CA GLY B 273 -31.15 -7.70 -11.91
C GLY B 273 -31.91 -8.34 -10.77
N LYS B 274 -31.36 -8.29 -9.56
CA LYS B 274 -32.06 -8.85 -8.41
C LYS B 274 -33.27 -8.01 -8.02
N SER B 275 -33.20 -6.70 -8.30
CA SER B 275 -34.30 -5.80 -7.94
C SER B 275 -35.52 -6.05 -8.82
N THR B 276 -35.31 -6.28 -10.11
CA THR B 276 -36.42 -6.59 -11.01
C THR B 276 -37.07 -7.91 -10.63
N PHE B 277 -36.26 -8.93 -10.32
CA PHE B 277 -36.81 -10.21 -9.88
C PHE B 277 -37.56 -10.06 -8.56
N GLY B 278 -37.06 -9.22 -7.66
CA GLY B 278 -37.77 -8.97 -6.41
C GLY B 278 -39.11 -8.30 -6.63
N ARG B 279 -39.18 -7.32 -7.54
CA ARG B 279 -40.44 -6.65 -7.81
C ARG B 279 -41.46 -7.59 -8.44
N LEU B 280 -41.05 -8.39 -9.44
CA LEU B 280 -41.99 -9.35 -10.02
C LEU B 280 -42.38 -10.44 -9.03
N LEU B 281 -41.45 -10.86 -8.16
CA LEU B 281 -41.79 -11.86 -7.15
C LEU B 281 -42.83 -11.32 -6.18
N THR B 282 -42.64 -10.07 -5.72
CA THR B 282 -43.60 -9.46 -4.81
C THR B 282 -44.96 -9.28 -5.47
N ASN B 283 -44.97 -8.82 -6.73
CA ASN B 283 -46.24 -8.58 -7.42
C ASN B 283 -46.97 -9.89 -7.71
N ARG B 284 -46.23 -10.97 -8.00
CA ARG B 284 -46.89 -12.24 -8.28
C ARG B 284 -47.37 -12.92 -7.01
N LEU B 285 -46.63 -12.75 -5.90
CA LEU B 285 -47.13 -13.25 -4.62
C LEU B 285 -48.37 -12.49 -4.17
N MET B 286 -48.43 -11.19 -4.50
CA MET B 286 -49.57 -10.39 -4.08
C MET B 286 -50.81 -10.65 -4.93
N THR B 287 -50.68 -10.49 -6.25
CA THR B 287 -51.86 -10.35 -7.11
C THR B 287 -52.38 -11.66 -7.68
N ASP B 288 -51.51 -12.67 -7.84
CA ASP B 288 -51.94 -13.89 -8.49
C ASP B 288 -52.83 -14.71 -7.59
N ARG B 289 -54.03 -15.00 -8.07
CA ARG B 289 -55.02 -15.81 -7.36
C ARG B 289 -55.30 -17.06 -8.17
N ALA B 290 -55.32 -18.21 -7.50
CA ALA B 290 -55.57 -19.48 -8.16
C ALA B 290 -56.91 -20.05 -7.69
N GLY B 291 -57.67 -20.55 -8.64
CA GLY B 291 -58.97 -21.11 -8.34
C GLY B 291 -60.08 -20.07 -8.41
N HIS B 292 -60.55 -19.69 -7.23
CA HIS B 292 -61.63 -18.72 -7.13
C HIS B 292 -61.14 -17.33 -7.53
N LYS B 293 -61.93 -16.65 -8.38
CA LYS B 293 -61.57 -15.30 -8.79
C LYS B 293 -61.98 -14.28 -7.74
N SER B 294 -62.78 -14.70 -6.76
CA SER B 294 -63.21 -13.80 -5.69
C SER B 294 -62.18 -13.69 -4.58
N ARG B 295 -61.06 -14.40 -4.68
CA ARG B 295 -60.01 -14.31 -3.68
C ARG B 295 -59.39 -12.93 -3.66
N SER B 296 -59.18 -12.39 -2.46
CA SER B 296 -58.61 -11.07 -2.31
C SER B 296 -57.09 -11.12 -2.39
N TRP B 297 -56.48 -9.94 -2.56
CA TRP B 297 -55.03 -9.86 -2.61
C TRP B 297 -54.42 -10.11 -1.23
N LYS B 298 -53.25 -10.73 -1.22
CA LYS B 298 -52.57 -10.94 0.04
C LYS B 298 -51.55 -9.83 0.29
N PRO B 299 -51.40 -9.39 1.54
CA PRO B 299 -50.31 -8.49 1.86
C PRO B 299 -48.97 -9.19 1.76
N VAL B 300 -47.95 -8.44 1.38
CA VAL B 300 -46.59 -8.95 1.29
C VAL B 300 -45.68 -8.01 2.06
N MET B 301 -44.82 -8.57 2.90
CA MET B 301 -43.89 -7.78 3.68
C MET B 301 -42.51 -7.87 3.05
N VAL B 302 -41.87 -6.72 2.86
CA VAL B 302 -40.56 -6.63 2.24
C VAL B 302 -39.57 -6.15 3.29
N LEU B 303 -38.53 -6.94 3.52
CA LEU B 303 -37.43 -6.58 4.40
C LEU B 303 -36.31 -6.03 3.52
N ASP B 304 -36.22 -4.71 3.45
CA ASP B 304 -35.24 -4.04 2.62
C ASP B 304 -33.98 -3.80 3.45
N LEU B 305 -32.94 -4.58 3.18
CA LEU B 305 -31.67 -4.51 3.89
C LEU B 305 -30.56 -3.94 3.03
N ASP B 306 -30.88 -3.27 1.93
CA ASP B 306 -29.88 -2.66 1.08
C ASP B 306 -29.84 -1.16 1.31
N PRO B 307 -28.82 -0.62 1.94
CA PRO B 307 -28.77 0.82 2.17
C PRO B 307 -28.34 1.60 0.94
N GLY B 308 -27.47 1.01 0.13
CA GLY B 308 -26.95 1.70 -1.04
C GLY B 308 -28.00 1.95 -2.10
N GLN B 309 -28.81 0.95 -2.40
CA GLN B 309 -29.88 1.05 -3.40
C GLN B 309 -31.20 0.58 -2.80
N PRO B 310 -31.79 1.37 -1.91
CA PRO B 310 -32.97 0.91 -1.20
C PRO B 310 -34.24 1.05 -2.02
N GLU B 311 -35.26 0.31 -1.61
CA GLU B 311 -36.62 0.46 -2.13
C GLU B 311 -37.55 0.68 -0.94
N PHE B 312 -38.50 1.59 -1.10
CA PHE B 312 -39.50 2.04 -0.11
C PHE B 312 -38.88 2.82 1.04
N SER B 313 -37.59 3.12 1.01
CA SER B 313 -36.91 3.84 2.08
C SER B 313 -35.87 4.77 1.47
N PRO B 314 -35.54 5.87 2.15
CA PRO B 314 -34.47 6.75 1.66
C PRO B 314 -33.12 6.07 1.77
N PRO B 315 -32.10 6.56 1.07
CA PRO B 315 -30.77 5.94 1.14
C PRO B 315 -30.16 6.01 2.53
N GLY B 316 -29.39 4.98 2.86
CA GLY B 316 -28.80 4.84 4.17
C GLY B 316 -29.73 4.27 5.22
N VAL B 317 -30.89 3.78 4.82
CA VAL B 317 -31.92 3.30 5.74
C VAL B 317 -32.30 1.88 5.37
N VAL B 318 -32.36 1.01 6.37
CA VAL B 318 -32.94 -0.33 6.23
C VAL B 318 -34.35 -0.26 6.78
N SER B 319 -35.26 -1.01 6.17
CA SER B 319 -36.67 -0.85 6.50
C SER B 319 -37.42 -2.17 6.39
N LEU B 320 -38.58 -2.19 7.04
CA LEU B 320 -39.54 -3.27 6.93
C LEU B 320 -40.86 -2.66 6.48
N THR B 321 -41.37 -3.11 5.33
CA THR B 321 -42.50 -2.46 4.69
C THR B 321 -43.60 -3.48 4.44
N LYS B 322 -44.85 -3.06 4.64
CA LYS B 322 -46.01 -3.90 4.35
C LYS B 322 -46.75 -3.33 3.14
N LEU B 323 -46.99 -4.17 2.14
CA LEU B 323 -47.63 -3.75 0.91
C LEU B 323 -48.94 -4.50 0.72
N ARG B 324 -50.02 -3.75 0.51
CA ARG B 324 -51.29 -4.29 0.06
C ARG B 324 -51.61 -3.89 -1.37
N ARG B 325 -50.74 -3.11 -2.01
CA ARG B 325 -50.88 -2.58 -3.36
C ARG B 325 -49.59 -2.85 -4.12
N PRO B 326 -49.68 -3.26 -5.38
CA PRO B 326 -48.48 -3.66 -6.13
C PRO B 326 -47.49 -2.52 -6.32
N ASN B 327 -46.21 -2.88 -6.34
CA ASN B 327 -45.12 -1.92 -6.51
C ASN B 327 -44.87 -1.73 -8.00
N LEU B 328 -45.53 -0.73 -8.56
CA LEU B 328 -45.41 -0.42 -9.99
C LEU B 328 -44.62 0.85 -10.25
N ALA B 329 -43.79 1.29 -9.30
CA ALA B 329 -43.06 2.53 -9.41
C ALA B 329 -41.58 2.33 -9.10
N PRO B 330 -40.70 3.18 -9.62
CA PRO B 330 -39.27 3.12 -9.26
C PRO B 330 -39.06 3.49 -7.81
N PRO B 331 -37.89 3.15 -7.23
CA PRO B 331 -37.65 3.49 -5.82
C PRO B 331 -37.68 4.97 -5.50
N PHE B 332 -37.35 5.83 -6.45
CA PHE B 332 -37.38 7.27 -6.17
C PHE B 332 -38.79 7.83 -6.32
N CYS B 333 -39.72 7.03 -6.85
CA CYS B 333 -41.09 7.50 -6.96
C CYS B 333 -41.89 7.20 -5.70
N HIS B 334 -41.41 6.31 -4.85
CA HIS B 334 -41.93 6.12 -3.49
C HIS B 334 -40.76 6.06 -2.52
N PRO B 335 -40.07 7.18 -2.29
CA PRO B 335 -38.88 7.12 -1.43
C PRO B 335 -39.21 7.07 0.05
N GLY B 336 -40.29 7.71 0.47
CA GLY B 336 -40.68 7.69 1.87
C GLY B 336 -42.16 7.39 2.05
N LEU B 337 -42.45 6.37 2.85
CA LEU B 337 -43.82 5.93 3.08
C LEU B 337 -44.22 6.27 4.52
N SER B 338 -45.43 6.78 4.68
CA SER B 338 -45.91 7.17 6.00
C SER B 338 -46.14 5.93 6.86
N PHE B 339 -45.95 6.10 8.18
CA PHE B 339 -46.16 5.01 9.12
C PHE B 339 -47.64 4.68 9.23
N GLY B 340 -47.93 3.47 9.70
CA GLY B 340 -49.29 3.02 9.85
C GLY B 340 -50.04 3.70 10.98
N ASN B 348 -54.40 1.13 6.60
CA ASN B 348 -55.32 0.81 5.50
C ASN B 348 -54.77 1.33 4.18
N GLU B 349 -53.57 1.92 4.22
CA GLU B 349 -52.95 2.44 3.01
C GLU B 349 -52.40 1.30 2.17
N GLY B 350 -52.08 1.59 0.91
CA GLY B 350 -51.53 0.58 0.03
C GLY B 350 -50.15 0.12 0.46
N MET B 351 -49.29 1.06 0.86
CA MET B 351 -47.93 0.77 1.29
C MET B 351 -47.65 1.50 2.59
N THR B 352 -47.37 0.75 3.65
CA THR B 352 -47.08 1.31 4.95
C THR B 352 -45.76 0.77 5.47
N THR B 353 -45.05 1.62 6.22
CA THR B 353 -43.75 1.28 6.76
C THR B 353 -43.89 0.81 8.21
N VAL B 354 -43.39 -0.39 8.50
CA VAL B 354 -43.53 -0.93 9.84
C VAL B 354 -42.42 -0.42 10.76
N ARG B 355 -41.16 -0.48 10.31
CA ARG B 355 -40.05 -0.03 11.14
C ARG B 355 -38.89 0.38 10.24
N MET B 356 -38.10 1.33 10.71
CA MET B 356 -36.95 1.87 9.98
C MET B 356 -35.75 1.96 10.90
N HIS B 357 -34.56 1.78 10.34
CA HIS B 357 -33.32 1.97 11.08
C HIS B 357 -32.31 2.63 10.16
N ALA B 358 -31.49 3.51 10.75
CA ALA B 358 -30.53 4.30 10.01
C ALA B 358 -29.17 3.61 10.06
N ILE B 359 -28.78 3.01 8.93
CA ILE B 359 -27.39 2.55 8.79
C ILE B 359 -26.45 3.74 8.72
N ALA B 360 -26.93 4.86 8.19
CA ALA B 360 -26.22 6.12 7.98
C ALA B 360 -25.02 5.96 7.07
N SER B 361 -25.06 5.01 6.15
CA SER B 361 -24.00 4.81 5.17
C SER B 361 -24.57 4.07 3.98
N VAL B 362 -23.85 4.12 2.86
CA VAL B 362 -24.30 3.42 1.66
C VAL B 362 -23.89 1.96 1.72
N THR B 363 -22.97 1.62 2.61
CA THR B 363 -22.51 0.26 2.77
C THR B 363 -22.46 -0.12 4.26
N PRO B 364 -22.66 -1.39 4.60
CA PRO B 364 -22.53 -1.80 6.01
C PRO B 364 -21.10 -1.89 6.52
N ALA B 365 -20.10 -1.55 5.69
CA ALA B 365 -18.71 -1.79 6.04
C ALA B 365 -18.26 -0.94 7.23
N LEU B 366 -18.98 0.15 7.50
CA LEU B 366 -18.66 0.95 8.69
C LEU B 366 -18.96 0.19 9.96
N ASP B 367 -20.03 -0.61 9.98
CA ASP B 367 -20.35 -1.46 11.11
C ASP B 367 -21.21 -2.62 10.62
N PRO B 368 -20.63 -3.79 10.39
CA PRO B 368 -21.43 -4.93 9.95
C PRO B 368 -22.37 -5.46 11.01
N ALA B 369 -21.87 -5.66 12.24
CA ALA B 369 -22.63 -6.30 13.31
C ALA B 369 -23.92 -5.55 13.66
N HIS B 370 -23.83 -4.22 13.82
CA HIS B 370 -25.03 -3.41 14.02
C HIS B 370 -26.02 -3.61 12.89
N PHE B 371 -25.52 -3.70 11.65
CA PHE B 371 -26.35 -4.02 10.49
C PHE B 371 -27.13 -5.30 10.72
N ILE B 372 -26.43 -6.36 11.15
CA ILE B 372 -27.09 -7.63 11.44
C ILE B 372 -28.11 -7.44 12.56
N ALA B 373 -27.75 -6.65 13.57
CA ALA B 373 -28.67 -6.37 14.68
C ALA B 373 -29.94 -5.72 14.17
N CYS B 374 -29.81 -4.77 13.23
CA CYS B 374 -30.97 -4.12 12.64
C CYS B 374 -31.89 -5.16 12.01
N ALA B 375 -31.30 -6.08 11.23
CA ALA B 375 -32.07 -7.12 10.57
C ALA B 375 -32.83 -7.95 11.60
N ARG B 376 -32.15 -8.31 12.70
CA ARG B 376 -32.79 -9.10 13.75
C ARG B 376 -34.03 -8.39 14.26
N ASP B 377 -33.88 -7.10 14.58
CA ASP B 377 -35.01 -6.33 15.11
C ASP B 377 -36.14 -6.29 14.11
N LEU B 378 -35.80 -6.05 12.83
CA LEU B 378 -36.83 -5.96 11.81
C LEU B 378 -37.50 -7.31 11.64
N PHE B 379 -36.71 -8.39 11.69
CA PHE B 379 -37.27 -9.72 11.56
C PHE B 379 -38.23 -10.01 12.70
N ALA B 380 -37.89 -9.52 13.90
CA ALA B 380 -38.75 -9.74 15.06
C ALA B 380 -40.12 -9.13 14.82
N TYR B 381 -40.16 -7.92 14.24
CA TYR B 381 -41.44 -7.28 14.00
C TYR B 381 -42.24 -8.05 12.96
N TYR B 382 -41.55 -8.64 11.97
CA TYR B 382 -42.25 -9.47 11.00
C TYR B 382 -42.88 -10.67 11.68
N ARG B 383 -42.20 -11.24 12.68
CA ARG B 383 -42.77 -12.35 13.42
C ARG B 383 -44.02 -11.91 14.15
N ARG B 384 -44.01 -10.67 14.68
CA ARG B 384 -45.17 -10.17 15.40
C ARG B 384 -46.35 -9.92 14.48
N SER B 385 -46.12 -9.97 13.17
CA SER B 385 -47.25 -10.02 12.25
C SER B 385 -47.56 -11.45 11.84
N ALA B 386 -46.52 -12.26 11.60
CA ALA B 386 -46.71 -13.54 10.93
C ALA B 386 -47.41 -14.55 11.83
N SER B 387 -47.43 -14.30 13.14
CA SER B 387 -48.19 -15.15 14.04
C SER B 387 -49.69 -15.02 13.81
N GLN B 388 -50.17 -13.80 13.54
CA GLN B 388 -51.61 -13.62 13.40
C GLN B 388 -52.12 -14.07 12.04
N GLU B 389 -51.39 -13.76 10.97
CA GLU B 389 -51.82 -14.08 9.62
C GLU B 389 -50.62 -14.54 8.81
N ASN B 390 -50.87 -15.34 7.78
CA ASN B 390 -49.80 -15.81 6.91
C ASN B 390 -49.49 -14.71 5.90
N ILE B 391 -48.24 -14.26 5.91
CA ILE B 391 -47.78 -13.18 5.04
C ILE B 391 -46.42 -13.58 4.50
N PRO B 392 -46.22 -13.61 3.18
CA PRO B 392 -44.88 -13.85 2.65
C PRO B 392 -43.97 -12.66 2.86
N LEU B 393 -42.70 -12.96 3.14
CA LEU B 393 -41.66 -11.95 3.33
C LEU B 393 -40.63 -12.09 2.21
N VAL B 394 -40.30 -10.97 1.57
CA VAL B 394 -39.28 -10.92 0.53
C VAL B 394 -38.13 -10.06 1.04
N VAL B 395 -36.93 -10.63 1.04
CA VAL B 395 -35.76 -10.00 1.64
C VAL B 395 -34.85 -9.50 0.53
N ASN B 396 -34.55 -8.20 0.56
CA ASN B 396 -33.62 -7.59 -0.39
C ASN B 396 -32.29 -7.35 0.31
N THR B 397 -31.21 -7.80 -0.30
CA THR B 397 -29.90 -7.87 0.31
C THR B 397 -28.92 -6.97 -0.44
N PRO B 398 -27.85 -6.53 0.21
CA PRO B 398 -26.85 -5.71 -0.49
C PRO B 398 -26.13 -6.50 -1.58
N GLY B 399 -25.66 -5.78 -2.59
CA GLY B 399 -24.89 -6.38 -3.67
C GLY B 399 -23.42 -6.51 -3.33
N TRP B 400 -23.13 -7.13 -2.19
CA TRP B 400 -21.77 -7.33 -1.71
C TRP B 400 -21.55 -8.82 -1.52
N ILE B 401 -20.73 -9.41 -2.38
CA ILE B 401 -20.64 -10.87 -2.43
C ILE B 401 -19.22 -11.35 -2.14
N GLN B 402 -18.33 -10.42 -1.79
CA GLN B 402 -16.95 -10.80 -1.48
C GLN B 402 -16.50 -10.09 -0.21
N GLY B 403 -15.56 -10.72 0.48
CA GLY B 403 -15.01 -10.11 1.68
C GLY B 403 -15.99 -10.15 2.83
N THR B 404 -16.20 -8.98 3.44
CA THR B 404 -17.07 -8.88 4.60
C THR B 404 -18.53 -9.09 4.20
N GLY B 405 -18.88 -8.74 2.95
CA GLY B 405 -20.25 -8.90 2.50
C GLY B 405 -20.69 -10.35 2.42
N LEU B 406 -19.75 -11.25 2.11
CA LEU B 406 -20.09 -12.67 2.07
C LEU B 406 -20.39 -13.19 3.48
N ASP B 407 -19.60 -12.76 4.47
CA ASP B 407 -19.90 -13.09 5.86
C ASP B 407 -21.22 -12.47 6.30
N LEU B 408 -21.53 -11.28 5.80
CA LEU B 408 -22.82 -10.64 6.11
C LEU B 408 -23.98 -11.47 5.55
N LEU B 409 -23.84 -11.96 4.32
CA LEU B 409 -24.89 -12.78 3.73
C LEU B 409 -25.05 -14.10 4.48
N ALA B 410 -23.93 -14.71 4.88
CA ALA B 410 -24.00 -15.94 5.67
C ALA B 410 -24.68 -15.70 7.01
N GLU B 411 -24.36 -14.58 7.67
CA GLU B 411 -25.00 -14.24 8.93
C GLU B 411 -26.48 -13.96 8.75
N LEU B 412 -26.86 -13.32 7.63
CA LEU B 412 -28.28 -13.06 7.38
C LEU B 412 -29.04 -14.35 7.12
N ILE B 413 -28.43 -15.30 6.41
CA ILE B 413 -29.06 -16.61 6.23
C ILE B 413 -29.22 -17.31 7.57
N ALA B 414 -28.20 -17.21 8.43
CA ALA B 414 -28.27 -17.85 9.75
C ALA B 414 -29.31 -17.19 10.66
N VAL B 415 -29.53 -15.88 10.50
CA VAL B 415 -30.46 -15.17 11.36
C VAL B 415 -31.89 -15.37 10.90
N LEU B 416 -32.16 -15.10 9.62
CA LEU B 416 -33.53 -15.05 9.14
C LEU B 416 -34.15 -16.43 9.03
N ARG B 417 -33.33 -17.47 8.84
CA ARG B 417 -33.73 -18.84 8.51
C ARG B 417 -34.69 -18.84 7.34
N PRO B 418 -34.25 -18.45 6.14
CA PRO B 418 -35.21 -18.27 5.03
C PRO B 418 -35.72 -19.60 4.52
N THR B 419 -36.94 -19.57 3.98
CA THR B 419 -37.51 -20.77 3.38
C THR B 419 -36.73 -21.16 2.13
N GLU B 420 -36.39 -20.20 1.28
CA GLU B 420 -35.50 -20.48 0.15
C GLU B 420 -34.50 -19.35 -0.03
N VAL B 421 -33.35 -19.70 -0.61
CA VAL B 421 -32.30 -18.75 -0.96
C VAL B 421 -32.14 -18.76 -2.48
N LEU B 422 -32.13 -17.57 -3.07
CA LEU B 422 -32.10 -17.40 -4.51
C LEU B 422 -30.89 -16.54 -4.86
N TYR B 423 -29.88 -17.16 -5.47
CA TYR B 423 -28.70 -16.47 -5.96
C TYR B 423 -28.98 -16.08 -7.41
N MET B 424 -28.74 -14.81 -7.72
CA MET B 424 -29.34 -14.24 -8.93
C MET B 424 -28.42 -14.36 -10.14
N SER B 425 -27.22 -14.90 -9.96
CA SER B 425 -26.26 -15.00 -11.05
C SER B 425 -25.87 -16.46 -11.29
N GLU B 426 -25.98 -16.90 -12.54
CA GLU B 426 -25.43 -18.21 -12.90
C GLU B 426 -23.91 -18.19 -12.97
N ASP B 427 -23.36 -17.12 -13.51
CA ASP B 427 -21.92 -17.01 -13.72
C ASP B 427 -21.19 -16.36 -12.55
N GLY B 428 -21.73 -16.45 -11.34
CA GLY B 428 -21.13 -15.86 -10.18
C GLY B 428 -19.86 -16.57 -9.77
N PRO B 429 -19.07 -15.94 -8.91
CA PRO B 429 -17.83 -16.57 -8.45
C PRO B 429 -18.10 -17.84 -7.67
N GLU B 430 -17.23 -18.84 -7.88
CA GLU B 430 -17.47 -20.15 -7.28
C GLU B 430 -17.25 -20.11 -5.77
N GLU B 431 -16.37 -19.23 -5.30
CA GLU B 431 -16.18 -19.08 -3.86
C GLU B 431 -17.41 -18.49 -3.19
N THR B 432 -18.09 -17.55 -3.85
CA THR B 432 -19.31 -16.97 -3.30
C THR B 432 -20.44 -18.00 -3.25
N VAL B 433 -20.62 -18.76 -4.33
CA VAL B 433 -21.66 -19.78 -4.37
C VAL B 433 -21.37 -20.89 -3.36
N SER B 434 -20.09 -21.24 -3.20
CA SER B 434 -19.71 -22.26 -2.22
C SER B 434 -19.96 -21.77 -0.80
N ALA B 435 -19.65 -20.51 -0.52
CA ALA B 435 -19.90 -19.97 0.83
C ALA B 435 -21.40 -19.90 1.12
N LEU B 436 -22.19 -19.50 0.14
CA LEU B 436 -23.64 -19.45 0.33
C LEU B 436 -24.23 -20.84 0.50
N ARG B 437 -23.73 -21.82 -0.26
CA ARG B 437 -24.17 -23.20 -0.09
C ARG B 437 -23.80 -23.77 1.27
N GLU B 438 -22.60 -23.44 1.75
CA GLU B 438 -22.21 -23.86 3.10
C GLU B 438 -23.10 -23.21 4.16
N ALA B 439 -23.42 -21.92 3.99
CA ALA B 439 -24.29 -21.23 4.93
C ALA B 439 -25.69 -21.81 4.93
N CYS B 440 -26.19 -22.21 3.75
CA CYS B 440 -27.50 -22.85 3.67
C CYS B 440 -27.48 -24.23 4.33
N ALA B 441 -26.45 -25.03 4.03
CA ALA B 441 -26.45 -26.42 4.48
C ALA B 441 -26.10 -26.53 5.97
N SER B 442 -25.47 -25.49 6.53
CA SER B 442 -25.11 -25.54 7.94
C SER B 442 -26.34 -25.49 8.84
N SER B 443 -27.33 -24.68 8.48
CA SER B 443 -28.54 -24.57 9.29
C SER B 443 -29.42 -25.81 9.16
N SER B 444 -29.95 -26.02 7.96
CA SER B 444 -30.85 -27.14 7.68
C SER B 444 -30.86 -27.37 6.18
N THR B 445 -31.83 -28.16 5.73
CA THR B 445 -32.04 -28.32 4.30
C THR B 445 -32.76 -27.10 3.75
N ILE B 446 -32.01 -26.06 3.45
CA ILE B 446 -32.54 -24.81 2.89
C ILE B 446 -32.27 -24.83 1.39
N PRO B 447 -33.30 -24.79 0.55
CA PRO B 447 -33.07 -24.86 -0.90
C PRO B 447 -32.37 -23.63 -1.43
N PHE B 448 -31.21 -23.84 -2.04
CA PHE B 448 -30.39 -22.81 -2.66
C PHE B 448 -30.51 -22.96 -4.16
N THR B 449 -31.07 -21.95 -4.83
CA THR B 449 -31.34 -22.00 -6.27
C THR B 449 -30.57 -20.88 -6.97
N MET B 450 -29.84 -21.25 -8.02
CA MET B 450 -29.14 -20.28 -8.85
C MET B 450 -30.01 -19.87 -10.02
N LEU B 451 -30.00 -18.58 -10.33
CA LEU B 451 -30.87 -18.01 -11.35
C LEU B 451 -30.07 -17.19 -12.33
N PRO B 452 -30.56 -17.01 -13.56
CA PRO B 452 -29.86 -16.13 -14.51
C PRO B 452 -29.93 -14.68 -14.10
N SER B 453 -28.93 -13.90 -14.55
CA SER B 453 -28.79 -12.49 -14.20
C SER B 453 -28.93 -11.64 -15.46
N GLN B 454 -30.15 -11.19 -15.74
CA GLN B 454 -30.33 -10.18 -16.76
C GLN B 454 -29.96 -8.82 -16.19
N PRO B 455 -28.96 -8.13 -16.76
CA PRO B 455 -28.52 -6.84 -16.24
C PRO B 455 -29.31 -5.67 -16.83
N SER B 468 -25.22 4.78 -18.66
CA SER B 468 -26.58 5.27 -18.51
C SER B 468 -26.72 6.11 -17.25
N TRP B 469 -27.38 5.55 -16.24
CA TRP B 469 -27.59 6.21 -14.95
C TRP B 469 -26.80 5.46 -13.89
N THR B 470 -25.83 6.14 -13.28
CA THR B 470 -25.02 5.55 -12.25
C THR B 470 -25.85 5.36 -10.98
N PRO B 471 -25.48 4.41 -10.12
CA PRO B 471 -26.20 4.24 -8.84
C PRO B 471 -26.13 5.47 -7.93
N ALA B 472 -25.05 6.24 -8.01
CA ALA B 472 -24.95 7.45 -7.19
C ALA B 472 -25.96 8.50 -7.61
N THR B 473 -26.18 8.65 -8.92
CA THR B 473 -27.19 9.59 -9.38
C THR B 473 -28.60 9.16 -8.99
N LEU B 474 -28.90 7.85 -9.08
CA LEU B 474 -30.19 7.37 -8.65
C LEU B 474 -30.38 7.54 -7.14
N ARG B 475 -29.29 7.39 -6.38
CA ARG B 475 -29.33 7.63 -4.94
C ARG B 475 -29.63 9.09 -4.64
N SER B 476 -29.01 10.02 -5.37
CA SER B 476 -29.28 11.44 -5.18
C SER B 476 -30.71 11.80 -5.57
N MET B 477 -31.22 11.20 -6.66
CA MET B 477 -32.62 11.43 -7.04
C MET B 477 -33.58 10.89 -5.99
N ALA B 478 -33.27 9.73 -5.41
CA ALA B 478 -34.10 9.18 -4.34
C ALA B 478 -34.10 10.09 -3.11
N MET B 479 -32.94 10.62 -2.73
CA MET B 479 -32.89 11.52 -1.58
C MET B 479 -33.61 12.84 -1.84
N GLN B 480 -33.46 13.40 -3.05
CA GLN B 480 -34.16 14.64 -3.38
C GLN B 480 -35.67 14.44 -3.42
N SER B 481 -36.12 13.32 -3.99
CA SER B 481 -37.54 13.02 -4.03
C SER B 481 -38.09 12.75 -2.64
N TYR B 482 -37.27 12.20 -1.75
CA TYR B 482 -37.69 12.04 -0.36
C TYR B 482 -37.87 13.39 0.32
N PHE B 483 -36.92 14.30 0.13
CA PHE B 483 -36.99 15.58 0.82
C PHE B 483 -38.02 16.50 0.18
N HIS B 484 -38.51 16.16 -1.01
CA HIS B 484 -39.54 17.00 -1.63
C HIS B 484 -40.93 16.41 -1.46
N LEU B 485 -41.06 15.36 -0.64
CA LEU B 485 -42.38 14.81 -0.35
C LEU B 485 -43.23 15.77 0.46
N SER B 486 -44.50 15.90 0.11
CA SER B 486 -45.39 16.72 0.91
C SER B 486 -45.73 16.00 2.21
N PRO B 487 -45.89 16.73 3.32
CA PRO B 487 -46.30 16.09 4.57
C PRO B 487 -47.66 15.41 4.50
N PHE B 488 -48.57 15.92 3.68
CA PHE B 488 -49.86 15.28 3.48
C PHE B 488 -49.71 13.97 2.72
CA GLY B 495 -55.69 7.95 -5.02
C GLY B 495 -54.23 7.58 -4.95
N PRO B 496 -53.38 8.37 -5.60
CA PRO B 496 -51.93 8.10 -5.54
C PRO B 496 -51.38 8.30 -4.14
N GLY B 497 -50.34 7.54 -3.83
CA GLY B 497 -49.77 7.55 -2.49
C GLY B 497 -48.99 8.80 -2.14
N CYS B 498 -47.95 9.09 -2.91
CA CYS B 498 -47.04 10.20 -2.60
C CYS B 498 -47.41 11.44 -3.38
N GLU B 499 -47.15 12.59 -2.77
CA GLU B 499 -47.30 13.89 -3.42
C GLU B 499 -46.05 14.72 -3.15
N TRP B 500 -45.66 15.52 -4.13
CA TRP B 500 -44.41 16.25 -4.09
C TRP B 500 -44.67 17.75 -4.01
N ASN B 501 -43.70 18.47 -3.44
CA ASN B 501 -43.78 19.92 -3.31
C ASN B 501 -42.80 20.55 -4.29
N PRO B 502 -43.26 21.33 -5.27
CA PRO B 502 -42.33 21.93 -6.23
C PRO B 502 -41.47 23.05 -5.66
N THR B 503 -41.79 23.54 -4.47
CA THR B 503 -41.07 24.66 -3.88
C THR B 503 -39.62 24.27 -3.58
N PRO B 504 -38.65 25.12 -3.89
CA PRO B 504 -37.26 24.81 -3.54
C PRO B 504 -37.05 24.75 -2.03
N LEU B 505 -36.07 23.96 -1.62
CA LEU B 505 -35.79 23.80 -0.19
C LEU B 505 -35.28 25.09 0.43
N THR B 506 -34.68 25.97 -0.38
CA THR B 506 -34.23 27.25 0.13
C THR B 506 -35.39 28.19 0.43
N HIS B 507 -36.56 27.94 -0.17
CA HIS B 507 -37.69 28.83 -0.01
C HIS B 507 -38.64 28.39 1.09
N LEU B 508 -38.53 27.15 1.56
CA LEU B 508 -39.43 26.64 2.58
C LEU B 508 -39.09 27.21 3.95
N CYS B 509 -40.12 27.44 4.76
CA CYS B 509 -39.91 27.86 6.14
C CYS B 509 -39.40 26.68 6.95
N PRO B 510 -38.24 26.79 7.60
CA PRO B 510 -37.65 25.64 8.28
C PRO B 510 -38.16 25.47 9.70
N TRP B 511 -38.01 24.24 10.20
CA TRP B 511 -38.26 23.96 11.60
C TRP B 511 -37.11 24.52 12.45
N ARG B 512 -37.47 25.22 13.52
CA ARG B 512 -36.50 25.70 14.49
C ARG B 512 -36.48 24.76 15.69
N VAL B 513 -35.33 24.16 15.94
CA VAL B 513 -35.12 23.22 17.04
C VAL B 513 -34.30 23.94 18.09
N ARG B 514 -34.91 24.17 19.25
CA ARG B 514 -34.25 24.88 20.34
C ARG B 514 -33.17 24.00 20.96
N LEU B 515 -31.98 24.57 21.14
CA LEU B 515 -30.83 23.82 21.63
C LEU B 515 -30.44 24.16 23.06
N ALA B 516 -30.94 25.26 23.62
CA ALA B 516 -30.58 25.69 24.96
C ALA B 516 -31.73 25.44 25.91
N GLY B 517 -31.44 24.77 27.02
CA GLY B 517 -32.44 24.54 28.04
C GLY B 517 -32.28 23.17 28.66
N ARG B 518 -33.30 22.80 29.44
CA ARG B 518 -33.36 21.48 30.02
C ARG B 518 -33.61 20.44 28.93
N PRO B 519 -33.27 19.17 29.18
CA PRO B 519 -33.58 18.12 28.19
C PRO B 519 -35.07 17.99 27.89
N ASP B 520 -35.93 18.38 28.84
CA ASP B 520 -37.36 18.47 28.53
C ASP B 520 -37.65 19.67 27.64
N GLU B 521 -36.85 20.74 27.76
CA GLU B 521 -37.14 21.97 27.04
C GLU B 521 -36.59 21.94 25.61
N ARG B 522 -35.45 21.29 25.40
CA ARG B 522 -34.82 21.30 24.09
C ARG B 522 -35.63 20.50 23.09
N GLY B 523 -35.54 20.88 21.81
CA GLY B 523 -36.22 20.14 20.77
C GLY B 523 -35.64 18.76 20.55
N VAL B 524 -34.33 18.63 20.60
CA VAL B 524 -33.64 17.36 20.47
C VAL B 524 -32.82 17.13 21.74
N LEU B 525 -32.63 15.86 22.09
CA LEU B 525 -31.86 15.53 23.28
C LEU B 525 -30.37 15.81 23.06
N GLY B 526 -29.85 15.47 21.89
CA GLY B 526 -28.45 15.67 21.60
C GLY B 526 -28.11 15.21 20.21
N ILE B 527 -26.83 15.36 19.86
CA ILE B 527 -26.32 14.97 18.56
C ILE B 527 -25.30 13.86 18.77
N VAL B 528 -25.53 12.72 18.11
CA VAL B 528 -24.66 11.55 18.20
C VAL B 528 -24.00 11.33 16.85
N CYS B 529 -22.68 11.27 16.84
CA CYS B 529 -21.95 11.04 15.60
C CYS B 529 -21.63 9.56 15.44
N TYR B 530 -21.84 9.06 14.22
CA TYR B 530 -21.66 7.64 13.91
C TYR B 530 -20.30 7.46 13.26
N ASP B 531 -19.47 6.60 13.88
CA ASP B 531 -18.21 6.04 13.39
C ASP B 531 -17.07 7.06 13.38
N HIS B 532 -17.32 8.35 13.61
CA HIS B 532 -16.24 9.33 13.57
C HIS B 532 -16.59 10.46 14.52
N GLN B 533 -15.65 10.74 15.43
CA GLN B 533 -15.86 11.71 16.49
C GLN B 533 -15.15 13.00 16.13
N TYR B 534 -15.91 14.02 15.75
CA TYR B 534 -15.34 15.33 15.49
C TYR B 534 -14.93 16.00 16.78
N ALA B 535 -14.02 16.96 16.66
CA ALA B 535 -13.79 17.89 17.74
C ALA B 535 -15.05 18.74 17.95
N PRO B 536 -15.35 19.13 19.20
CA PRO B 536 -16.60 19.86 19.47
C PRO B 536 -16.75 21.19 18.72
N GLU B 537 -15.63 21.83 18.34
CA GLU B 537 -15.73 23.04 17.54
C GLU B 537 -16.06 22.73 16.10
N LEU B 538 -15.81 21.49 15.66
CA LEU B 538 -15.97 21.16 14.25
C LEU B 538 -17.33 20.52 13.96
N VAL B 539 -18.11 20.23 15.00
CA VAL B 539 -19.40 19.55 14.81
C VAL B 539 -20.37 20.45 14.06
N SER B 540 -20.39 21.75 14.39
CA SER B 540 -21.29 22.69 13.74
C SER B 540 -20.98 22.83 12.26
N ASP B 541 -19.70 22.81 11.90
CA ASP B 541 -19.33 22.87 10.49
C ASP B 541 -19.57 21.54 9.79
N ALA B 542 -19.49 20.44 10.53
CA ALA B 542 -19.65 19.12 9.92
C ALA B 542 -21.10 18.81 9.62
N ILE B 543 -22.02 19.23 10.50
CA ILE B 543 -23.42 18.83 10.33
C ILE B 543 -24.18 19.84 9.47
N ASN B 544 -23.58 21.00 9.23
CA ASN B 544 -24.28 22.07 8.53
C ASN B 544 -24.47 21.73 7.06
N GLY B 545 -25.70 21.86 6.59
CA GLY B 545 -26.02 21.55 5.20
C GLY B 545 -25.84 20.09 4.85
N MET B 546 -26.07 19.19 5.80
CA MET B 546 -25.88 17.77 5.61
C MET B 546 -27.11 17.02 6.10
N VAL B 547 -27.32 15.83 5.55
CA VAL B 547 -28.46 15.00 5.94
C VAL B 547 -28.13 14.31 7.26
N MET B 548 -29.03 14.45 8.23
CA MET B 548 -28.92 13.78 9.52
C MET B 548 -30.16 12.95 9.75
N GLY B 549 -30.01 11.88 10.53
CA GLY B 549 -31.14 11.05 10.89
C GLY B 549 -31.80 11.52 12.17
N LEU B 550 -33.12 11.36 12.23
CA LEU B 550 -33.89 11.69 13.42
C LEU B 550 -34.35 10.40 14.06
N VAL B 551 -33.89 10.15 15.29
CA VAL B 551 -34.03 8.86 15.94
C VAL B 551 -34.85 9.03 17.21
N ARG B 552 -35.88 8.21 17.36
CA ARG B 552 -36.73 8.17 18.53
C ARG B 552 -36.15 7.14 19.50
N ILE B 553 -35.88 7.58 20.74
CA ILE B 553 -35.37 6.72 21.79
C ILE B 553 -36.54 6.11 22.54
N GLU B 554 -36.90 4.87 22.18
CA GLU B 554 -38.07 4.25 22.78
C GLU B 554 -37.79 3.78 24.20
N LYS B 555 -36.60 3.23 24.45
CA LYS B 555 -36.23 2.71 25.76
C LYS B 555 -35.00 3.44 26.27
N LYS B 556 -34.92 3.56 27.60
CA LYS B 556 -33.82 4.31 28.22
C LYS B 556 -32.52 3.53 28.19
N GLU B 557 -32.56 2.25 27.83
CA GLU B 557 -31.36 1.43 27.84
C GLU B 557 -30.43 1.78 26.67
N ALA B 558 -30.96 2.47 25.66
CA ALA B 558 -30.15 2.86 24.51
C ALA B 558 -29.13 3.93 24.89
N LEU B 559 -29.46 4.76 25.88
CA LEU B 559 -28.59 5.88 26.21
C LEU B 559 -27.58 5.51 27.28
N ARG B 560 -27.65 4.29 27.80
CA ARG B 560 -26.71 3.87 28.83
C ARG B 560 -25.31 3.71 28.25
N GLY B 561 -24.33 4.19 29.01
CA GLY B 561 -22.97 4.26 28.54
C GLY B 561 -22.63 5.53 27.78
N LEU B 562 -23.61 6.40 27.55
CA LEU B 562 -23.41 7.65 26.83
C LEU B 562 -23.79 8.81 27.72
N ALA B 563 -23.00 9.87 27.66
CA ALA B 563 -23.16 11.04 28.51
C ALA B 563 -24.05 12.06 27.80
N VAL B 564 -25.34 12.03 28.13
CA VAL B 564 -26.27 13.04 27.59
C VAL B 564 -25.95 14.39 28.24
N PRO B 565 -25.79 15.46 27.45
CA PRO B 565 -25.48 16.76 28.05
C PRO B 565 -26.63 17.28 28.90
N GLY B 566 -26.27 17.99 29.97
CA GLY B 566 -27.26 18.42 30.95
C GLY B 566 -27.95 19.71 30.54
N ASP B 567 -28.46 20.40 31.56
CA ASP B 567 -29.15 21.67 31.38
C ASP B 567 -28.23 22.73 30.80
N THR B 568 -28.47 23.14 29.57
CA THR B 568 -27.65 24.13 28.91
C THR B 568 -28.32 25.51 28.94
N THR B 608 -20.49 31.92 22.40
CA THR B 608 -21.40 31.05 21.67
C THR B 608 -21.63 29.74 22.40
N PRO B 609 -22.88 29.45 22.74
CA PRO B 609 -23.20 28.16 23.37
C PRO B 609 -22.91 27.00 22.43
N LEU B 610 -22.43 25.90 23.00
CA LEU B 610 -22.10 24.73 22.21
C LEU B 610 -23.35 23.94 21.87
N LEU B 611 -23.23 23.10 20.85
CA LEU B 611 -24.31 22.20 20.49
C LEU B 611 -24.47 21.13 21.57
N PRO B 612 -25.66 20.61 21.78
CA PRO B 612 -25.81 19.44 22.66
C PRO B 612 -25.23 18.20 21.97
N LEU B 613 -24.04 17.81 22.42
CA LEU B 613 -23.31 16.74 21.76
C LEU B 613 -23.13 15.60 22.74
N ILE B 614 -23.57 14.41 22.36
CA ILE B 614 -23.41 13.20 23.16
C ILE B 614 -22.13 12.52 22.71
N PRO B 615 -21.11 12.41 23.56
CA PRO B 615 -19.87 11.73 23.17
C PRO B 615 -20.09 10.24 22.98
N ASN B 616 -19.57 9.70 21.88
CA ASN B 616 -19.75 8.31 21.51
C ASN B 616 -18.36 7.72 21.25
N PRO B 617 -17.60 7.40 22.31
CA PRO B 617 -16.22 6.94 22.11
C PRO B 617 -16.10 5.63 21.35
N THR B 618 -17.10 4.76 21.48
CA THR B 618 -17.11 3.53 20.71
C THR B 618 -17.33 3.81 19.22
N GLY B 619 -18.16 4.81 18.91
CA GLY B 619 -18.50 5.11 17.54
C GLY B 619 -19.55 4.20 16.95
N SER B 620 -20.06 3.24 17.72
CA SER B 620 -21.08 2.34 17.20
C SER B 620 -22.42 3.06 17.15
N PRO B 621 -23.31 2.64 16.25
CA PRO B 621 -24.66 3.22 16.22
C PRO B 621 -25.47 2.85 17.44
N LEU B 622 -26.59 3.54 17.60
CA LEU B 622 -27.51 3.25 18.70
C LEU B 622 -28.15 1.89 18.51
N SER B 623 -28.60 1.30 19.61
CA SER B 623 -29.11 -0.06 19.58
C SER B 623 -30.43 -0.12 18.81
N PRO B 624 -30.55 -0.99 17.81
CA PRO B 624 -31.81 -1.05 17.03
C PRO B 624 -33.02 -1.46 17.85
N GLN B 625 -32.83 -2.29 18.87
CA GLN B 625 -33.98 -2.84 19.59
C GLN B 625 -34.55 -1.84 20.58
N TYR B 626 -33.85 -0.73 20.84
CA TYR B 626 -34.38 0.31 21.72
C TYR B 626 -34.63 1.63 21.00
N THR B 627 -34.22 1.77 19.75
CA THR B 627 -34.41 3.02 19.01
C THR B 627 -35.16 2.74 17.72
N SER B 628 -35.70 3.81 17.13
CA SER B 628 -36.32 3.74 15.81
C SER B 628 -35.95 5.00 15.04
N LEU B 629 -36.15 4.97 13.73
CA LEU B 629 -35.86 6.13 12.89
C LEU B 629 -37.16 6.78 12.44
N VAL B 630 -37.41 8.00 12.92
CA VAL B 630 -38.59 8.72 12.49
C VAL B 630 -38.46 9.16 11.03
N GLY B 631 -37.30 9.67 10.66
CA GLY B 631 -37.08 10.14 9.31
C GLY B 631 -35.73 10.81 9.22
N LEU B 632 -35.47 11.37 8.04
CA LEU B 632 -34.22 12.08 7.76
C LEU B 632 -34.50 13.57 7.74
N VAL B 633 -33.57 14.36 8.28
CA VAL B 633 -33.65 15.80 8.26
C VAL B 633 -32.44 16.36 7.53
N LEU B 634 -32.57 17.60 7.08
CA LEU B 634 -31.50 18.33 6.42
C LEU B 634 -31.29 19.64 7.15
N ILE B 635 -30.07 19.87 7.63
CA ILE B 635 -29.77 21.03 8.45
C ILE B 635 -29.72 22.27 7.57
N ARG B 636 -30.78 23.07 7.64
CA ARG B 636 -30.85 24.33 6.90
C ARG B 636 -29.79 25.32 7.39
N GLY B 637 -29.55 25.35 8.71
CA GLY B 637 -28.57 26.25 9.27
C GLY B 637 -28.41 26.04 10.75
N VAL B 638 -27.31 26.56 11.28
CA VAL B 638 -26.97 26.46 12.71
C VAL B 638 -26.80 27.86 13.26
N SER B 639 -27.59 28.21 14.28
CA SER B 639 -27.52 29.53 14.90
C SER B 639 -27.02 29.34 16.33
N LEU B 640 -25.76 29.69 16.58
CA LEU B 640 -25.16 29.55 17.89
C LEU B 640 -25.07 30.86 18.65
N THR B 641 -26.01 31.78 18.42
CA THR B 641 -26.05 33.01 19.19
C THR B 641 -26.44 32.72 20.63
N ALA B 642 -26.00 33.59 21.54
CA ALA B 642 -26.25 33.37 22.96
C ALA B 642 -27.72 33.57 23.31
N SER B 643 -28.41 34.42 22.54
CA SER B 643 -29.81 34.70 22.85
C SER B 643 -30.71 33.51 22.51
N ASN B 644 -30.47 32.87 21.37
CA ASN B 644 -31.31 31.76 20.90
C ASN B 644 -30.46 30.76 20.12
N PRO B 645 -29.84 29.80 20.81
CA PRO B 645 -29.16 28.72 20.10
C PRO B 645 -30.16 27.75 19.50
N GLU B 646 -30.10 27.52 18.19
CA GLU B 646 -31.09 26.68 17.54
C GLU B 646 -30.54 26.09 16.25
N LEU B 647 -31.24 25.09 15.76
CA LEU B 647 -30.98 24.50 14.45
C LEU B 647 -32.19 24.75 13.56
N HIS B 648 -31.95 25.30 12.38
CA HIS B 648 -32.96 25.36 11.34
C HIS B 648 -32.79 24.12 10.49
N LEU B 649 -33.86 23.35 10.31
CA LEU B 649 -33.77 22.13 9.52
C LEU B 649 -35.07 21.88 8.76
N LEU B 650 -34.94 21.12 7.67
CA LEU B 650 -36.05 20.79 6.79
C LEU B 650 -36.26 19.29 6.80
N THR B 651 -37.51 18.86 6.87
CA THR B 651 -37.83 17.44 6.86
C THR B 651 -39.19 17.20 6.20
N PRO B 652 -39.37 16.04 5.56
CA PRO B 652 -40.71 15.72 5.01
C PRO B 652 -41.64 15.08 6.02
N VAL B 653 -41.18 14.92 7.27
CA VAL B 653 -42.03 14.32 8.31
C VAL B 653 -43.17 15.28 8.61
N PRO B 654 -44.42 14.80 8.74
CA PRO B 654 -45.53 15.71 8.97
C PRO B 654 -45.42 16.38 10.32
N PRO B 655 -45.97 17.60 10.46
CA PRO B 655 -45.88 18.31 11.75
C PRO B 655 -46.55 17.60 12.91
N SER B 656 -47.62 16.83 12.66
CA SER B 656 -48.27 16.11 13.73
C SER B 656 -47.35 15.04 14.34
N VAL B 657 -46.61 14.33 13.48
CA VAL B 657 -45.66 13.33 13.96
C VAL B 657 -44.54 13.98 14.76
N LEU B 658 -44.03 15.12 14.27
CA LEU B 658 -42.95 15.81 14.97
C LEU B 658 -43.42 16.37 16.32
N HIS B 659 -44.64 16.87 16.37
CA HIS B 659 -45.18 17.41 17.62
C HIS B 659 -45.67 16.33 18.57
N SER B 660 -45.85 15.10 18.10
CA SER B 660 -46.22 14.01 19.00
C SER B 660 -45.08 13.65 19.95
N PHE B 661 -43.85 13.68 19.45
CA PHE B 661 -42.71 13.28 20.28
C PHE B 661 -42.29 14.39 21.22
N ARG B 662 -41.81 13.99 22.40
CA ARG B 662 -41.21 14.90 23.36
C ARG B 662 -39.76 15.15 22.98
N GLY B 663 -39.20 16.23 23.53
CA GLY B 663 -37.84 16.62 23.17
C GLY B 663 -36.78 15.63 23.62
N ASP B 664 -37.01 14.98 24.77
CA ASP B 664 -36.01 14.07 25.31
C ASP B 664 -36.03 12.71 24.60
N GLU B 665 -37.03 12.48 23.76
CA GLU B 665 -37.08 11.23 23.00
C GLU B 665 -36.30 11.32 21.70
N LEU B 666 -36.11 12.53 21.19
CA LEU B 666 -35.53 12.72 19.86
C LEU B 666 -34.02 12.95 19.94
N VAL B 667 -33.29 12.28 19.04
CA VAL B 667 -31.85 12.39 18.95
C VAL B 667 -31.47 12.57 17.49
N LEU B 668 -30.63 13.57 17.21
CA LEU B 668 -30.11 13.79 15.87
C LEU B 668 -28.84 12.98 15.70
N VAL B 669 -28.70 12.33 14.54
CA VAL B 669 -27.63 11.38 14.28
C VAL B 669 -26.88 11.82 13.03
N ALA B 670 -25.57 12.00 13.17
CA ALA B 670 -24.69 12.32 12.06
C ALA B 670 -24.00 11.04 11.58
N GLY B 671 -23.99 10.83 10.28
CA GLY B 671 -23.41 9.64 9.72
C GLY B 671 -22.68 9.95 8.43
N LYS B 672 -22.69 8.96 7.53
CA LYS B 672 -22.02 9.07 6.23
C LYS B 672 -23.03 9.04 5.09
N PHE B 673 -24.12 9.78 5.23
CA PHE B 673 -24.97 10.06 4.08
C PHE B 673 -24.20 10.92 3.10
N ASP B 674 -24.55 10.82 1.82
CA ASP B 674 -23.95 11.68 0.81
C ASP B 674 -24.35 13.13 1.06
N ALA B 675 -23.45 14.04 0.69
CA ALA B 675 -23.71 15.46 0.88
C ALA B 675 -24.80 15.91 -0.09
N PRO B 676 -25.87 16.54 0.41
CA PRO B 676 -27.01 16.92 -0.46
C PRO B 676 -26.67 18.11 -1.34
N THR B 677 -25.83 17.87 -2.35
CA THR B 677 -25.38 18.93 -3.23
C THR B 677 -26.47 19.42 -4.17
N TRP B 678 -27.54 18.63 -4.33
CA TRP B 678 -28.69 19.08 -5.11
C TRP B 678 -29.39 20.26 -4.44
N ALA B 679 -29.44 20.24 -3.10
CA ALA B 679 -30.19 21.25 -2.36
C ALA B 679 -29.48 22.61 -2.43
N TYR B 680 -28.16 22.61 -2.64
CA TYR B 680 -27.42 23.85 -2.65
C TYR B 680 -27.72 24.66 -3.90
N VAL B 681 -27.75 23.98 -5.06
CA VAL B 681 -27.98 24.66 -6.33
C VAL B 681 -29.42 24.54 -6.80
N GLU B 682 -30.30 23.97 -5.98
CA GLU B 682 -31.72 23.89 -6.31
C GLU B 682 -32.34 25.27 -6.49
N GLY B 683 -32.00 26.22 -5.61
CA GLY B 683 -32.51 27.58 -5.76
C GLY B 683 -31.98 28.28 -6.99
N LEU B 684 -30.71 28.05 -7.33
CA LEU B 684 -30.13 28.64 -8.53
C LEU B 684 -30.79 28.09 -9.79
N TYR B 685 -31.03 26.78 -9.82
CA TYR B 685 -31.72 26.18 -10.96
C TYR B 685 -33.15 26.70 -11.08
N TRP B 686 -33.84 26.85 -9.95
CA TRP B 686 -35.20 27.38 -9.98
C TRP B 686 -35.23 28.82 -10.49
N LYS B 687 -34.29 29.65 -10.03
CA LYS B 687 -34.23 31.03 -10.49
C LYS B 687 -33.88 31.12 -11.96
N SER B 688 -32.97 30.27 -12.43
CA SER B 688 -32.59 30.25 -13.84
C SER B 688 -33.76 29.83 -14.72
N ASN B 689 -34.53 28.83 -14.28
CA ASN B 689 -35.69 28.39 -15.04
C ASN B 689 -36.81 29.43 -15.02
N SER B 690 -36.95 30.16 -13.90
CA SER B 690 -37.98 31.20 -13.83
C SER B 690 -37.61 32.41 -14.67
N LYS B 691 -36.31 32.68 -14.82
CA LYS B 691 -35.88 33.83 -15.62
C LYS B 691 -36.19 33.61 -17.10
N ALA B 692 -36.01 32.39 -17.59
CA ALA B 692 -36.29 32.07 -18.98
C ALA B 692 -37.80 31.97 -19.23
N ASP B 718 -24.68 37.03 -4.96
CA ASP B 718 -24.36 36.50 -3.63
C ASP B 718 -23.61 35.19 -3.78
N GLU B 719 -22.95 34.76 -2.71
CA GLU B 719 -22.18 33.52 -2.69
C GLU B 719 -22.96 32.45 -1.96
N VAL B 720 -23.16 31.32 -2.64
CA VAL B 720 -23.83 30.16 -2.08
C VAL B 720 -22.78 29.30 -1.38
N PRO B 721 -22.98 28.89 -0.14
CA PRO B 721 -21.99 28.04 0.53
C PRO B 721 -21.82 26.69 -0.16
N TRP B 722 -20.58 26.22 -0.17
CA TRP B 722 -20.12 24.94 -0.71
C TRP B 722 -20.30 24.82 -2.22
N VAL B 723 -20.53 25.93 -2.93
CA VAL B 723 -20.70 25.91 -4.38
C VAL B 723 -19.79 26.97 -4.97
N GLU B 724 -18.99 26.59 -5.97
CA GLU B 724 -18.26 27.55 -6.79
C GLU B 724 -18.75 27.42 -8.23
N MET B 725 -18.85 28.56 -8.92
CA MET B 725 -19.53 28.63 -10.20
C MET B 725 -18.52 28.87 -11.31
N LEU B 726 -18.65 28.12 -12.40
CA LEU B 726 -17.83 28.35 -13.58
C LEU B 726 -18.48 29.39 -14.49
N HIS B 727 -17.64 30.22 -15.10
CA HIS B 727 -18.11 31.21 -16.05
C HIS B 727 -17.13 31.37 -17.21
N LEU C 107 25.54 -35.53 -23.25
CA LEU C 107 26.46 -35.42 -24.38
C LEU C 107 27.75 -34.72 -23.95
N LEU C 108 28.89 -35.32 -24.27
CA LEU C 108 30.17 -34.78 -23.87
C LEU C 108 30.51 -33.54 -24.69
N ARG C 109 30.95 -32.49 -24.01
CA ARG C 109 31.38 -31.25 -24.65
C ARG C 109 32.87 -31.07 -24.40
N HIS C 110 33.64 -30.90 -25.48
CA HIS C 110 35.09 -30.84 -25.41
C HIS C 110 35.51 -29.41 -25.11
N HIS C 111 35.99 -29.19 -23.88
CA HIS C 111 36.43 -27.85 -23.49
C HIS C 111 37.82 -27.53 -24.01
N SER C 112 38.77 -28.47 -23.87
CA SER C 112 40.15 -28.26 -24.26
C SER C 112 40.43 -29.00 -25.56
N SER C 113 40.99 -28.29 -26.54
CA SER C 113 41.31 -28.92 -27.82
C SER C 113 42.67 -29.60 -27.78
N PHE C 114 43.41 -29.45 -26.69
CA PHE C 114 44.73 -30.03 -26.58
C PHE C 114 44.65 -31.54 -26.41
N GLN C 115 45.57 -32.25 -27.05
CA GLN C 115 45.76 -33.67 -26.83
C GLN C 115 47.19 -33.91 -26.37
N PRO C 116 47.40 -34.66 -25.29
CA PRO C 116 48.76 -34.86 -24.78
C PRO C 116 49.41 -36.11 -25.34
N ASN C 117 50.73 -36.05 -25.48
CA ASN C 117 51.54 -37.24 -25.72
C ASN C 117 52.88 -37.04 -25.02
N ASN C 118 53.86 -37.88 -25.35
CA ASN C 118 55.18 -37.79 -24.72
C ASN C 118 55.95 -36.55 -25.15
N SER C 119 55.65 -36.00 -26.33
CA SER C 119 56.45 -34.90 -26.86
C SER C 119 55.99 -33.55 -26.33
N ASN C 120 54.71 -33.23 -26.52
CA ASN C 120 54.24 -31.88 -26.22
C ASN C 120 54.06 -31.65 -24.72
N PHE C 121 53.62 -32.68 -24.01
CA PHE C 121 53.16 -32.56 -22.63
C PHE C 121 54.16 -33.26 -21.72
N GLN C 122 54.75 -32.53 -20.78
CA GLN C 122 55.68 -33.15 -19.83
C GLN C 122 55.49 -32.58 -18.45
N ARG C 123 55.71 -33.42 -17.43
CA ARG C 123 55.65 -32.98 -16.04
C ARG C 123 57.04 -32.61 -15.56
N LYS C 124 57.08 -31.86 -14.46
CA LYS C 124 58.34 -31.47 -13.84
C LYS C 124 58.12 -31.31 -12.34
N ALA C 125 59.19 -31.56 -11.58
CA ALA C 125 59.14 -31.67 -10.13
C ALA C 125 58.64 -30.39 -9.47
N GLY C 126 57.88 -30.55 -8.40
CA GLY C 126 57.11 -29.47 -7.85
C GLY C 126 55.70 -29.35 -8.41
N GLY C 127 55.30 -30.30 -9.26
CA GLY C 127 53.98 -30.28 -9.86
C GLY C 127 53.84 -29.42 -11.08
N ARG C 128 54.94 -28.86 -11.60
CA ARG C 128 54.83 -27.94 -12.73
C ARG C 128 54.70 -28.71 -14.03
N LEU C 129 54.21 -28.04 -15.07
CA LEU C 129 53.91 -28.69 -16.34
C LEU C 129 54.47 -27.84 -17.48
N VAL C 130 55.03 -28.49 -18.49
CA VAL C 130 55.53 -27.80 -19.68
C VAL C 130 54.74 -28.34 -20.88
N LEU C 131 54.13 -27.42 -21.63
CA LEU C 131 53.23 -27.77 -22.72
C LEU C 131 53.62 -26.99 -23.96
N SER C 132 53.91 -27.70 -25.05
CA SER C 132 54.31 -27.08 -26.30
C SER C 132 53.27 -27.37 -27.38
N THR C 133 52.59 -26.33 -27.84
CA THR C 133 51.56 -26.44 -28.86
C THR C 133 52.08 -25.85 -30.17
N PRO C 134 52.27 -26.66 -31.21
CA PRO C 134 52.73 -26.13 -32.49
C PRO C 134 51.65 -25.36 -33.24
N ASP C 135 50.39 -25.59 -32.86
CA ASP C 135 49.26 -24.91 -33.47
C ASP C 135 48.47 -24.17 -32.41
N VAL C 136 47.42 -23.48 -32.86
CA VAL C 136 46.56 -22.74 -31.94
C VAL C 136 45.73 -23.74 -31.13
N GLU C 137 45.79 -23.62 -29.81
CA GLU C 137 45.09 -24.53 -28.92
C GLU C 137 44.36 -23.73 -27.85
N ARG C 138 43.33 -24.35 -27.27
CA ARG C 138 42.57 -23.74 -26.20
C ARG C 138 42.63 -24.65 -24.97
N PHE C 139 42.68 -24.02 -23.79
CA PHE C 139 42.76 -24.73 -22.52
C PHE C 139 41.69 -24.20 -21.59
N VAL C 140 40.95 -25.10 -20.96
CA VAL C 140 40.03 -24.75 -19.88
C VAL C 140 40.56 -25.44 -18.63
N ILE C 141 41.14 -24.67 -17.72
CA ILE C 141 41.78 -25.19 -16.53
C ILE C 141 41.00 -24.72 -15.31
N LEU C 142 40.68 -25.65 -14.42
CA LEU C 142 39.89 -25.38 -13.23
C LEU C 142 40.78 -25.46 -12.00
N GLY C 143 40.74 -24.43 -11.17
CA GLY C 143 41.55 -24.39 -9.98
C GLY C 143 42.47 -23.19 -10.00
N ASN C 144 43.55 -23.26 -9.23
CA ASN C 144 44.50 -22.18 -9.11
C ASN C 144 45.82 -22.58 -9.77
N TYR C 145 46.33 -21.73 -10.64
CA TYR C 145 47.56 -22.06 -11.35
C TYR C 145 48.33 -20.79 -11.65
N GLY C 146 49.48 -20.97 -12.31
CA GLY C 146 50.30 -19.86 -12.73
C GLY C 146 50.78 -20.04 -14.15
N VAL C 147 50.72 -18.98 -14.95
CA VAL C 147 51.06 -19.03 -16.37
C VAL C 147 52.37 -18.28 -16.57
N LYS C 148 53.34 -18.95 -17.17
CA LYS C 148 54.60 -18.35 -17.58
C LYS C 148 55.02 -19.01 -18.88
N VAL C 149 55.09 -18.23 -19.96
CA VAL C 149 55.29 -18.76 -21.29
C VAL C 149 56.79 -18.69 -21.62
N HIS C 150 57.31 -19.79 -22.17
CA HIS C 150 58.70 -19.81 -22.58
C HIS C 150 58.86 -19.29 -24.00
N GLN C 151 57.90 -19.57 -24.86
CA GLN C 151 57.92 -19.09 -26.24
C GLN C 151 56.50 -18.83 -26.70
N GLY C 152 56.33 -17.77 -27.50
CA GLY C 152 55.05 -17.49 -28.10
C GLY C 152 54.16 -16.64 -27.21
N GLU C 153 52.99 -16.32 -27.74
CA GLU C 153 52.03 -15.41 -27.12
C GLU C 153 50.78 -16.17 -26.76
N VAL C 154 50.25 -15.93 -25.56
CA VAL C 154 48.99 -16.55 -25.14
C VAL C 154 48.00 -15.46 -24.74
N THR C 155 46.73 -15.82 -24.75
CA THR C 155 45.64 -14.89 -24.42
C THR C 155 44.74 -15.57 -23.40
N ILE C 156 44.61 -14.97 -22.22
CA ILE C 156 43.73 -15.46 -21.18
C ILE C 156 42.92 -14.30 -20.60
N ALA C 157 41.59 -14.40 -20.74
CA ALA C 157 40.63 -13.41 -20.25
C ALA C 157 40.92 -12.01 -20.78
N GLY C 158 41.31 -11.95 -22.05
CA GLY C 158 41.66 -10.69 -22.68
C GLY C 158 43.06 -10.20 -22.40
N ALA C 159 43.83 -10.92 -21.59
CA ALA C 159 45.18 -10.53 -21.23
C ALA C 159 46.17 -11.25 -22.13
N THR C 160 47.07 -10.49 -22.74
CA THR C 160 48.07 -11.03 -23.65
C THR C 160 49.39 -11.19 -22.91
N LEU C 161 49.92 -12.42 -22.91
CA LEU C 161 51.16 -12.74 -22.21
C LEU C 161 52.23 -13.17 -23.20
N THR C 162 53.41 -12.60 -23.03
CA THR C 162 54.60 -12.78 -23.86
C THR C 162 55.71 -13.31 -22.97
N PRO C 163 56.78 -13.90 -23.56
CA PRO C 163 57.86 -14.43 -22.73
C PRO C 163 58.59 -13.40 -21.88
N ILE C 164 58.50 -12.11 -22.24
CA ILE C 164 59.08 -11.06 -21.43
C ILE C 164 58.35 -10.94 -20.10
N ASP C 165 57.03 -11.15 -20.11
CA ASP C 165 56.20 -10.94 -18.94
C ASP C 165 56.44 -12.01 -17.89
N ASP C 166 56.16 -11.66 -16.63
CA ASP C 166 56.41 -12.57 -15.52
C ASP C 166 55.29 -13.59 -15.37
N VAL C 167 55.35 -14.35 -14.28
CA VAL C 167 54.33 -15.34 -13.99
C VAL C 167 53.05 -14.65 -13.55
N GLN C 168 51.93 -15.08 -14.13
CA GLN C 168 50.63 -14.52 -13.80
C GLN C 168 49.78 -15.58 -13.12
N TRP C 169 49.23 -15.25 -11.96
CA TRP C 169 48.51 -16.21 -11.13
C TRP C 169 47.02 -16.12 -11.42
N VAL C 170 46.41 -17.27 -11.70
CA VAL C 170 45.01 -17.36 -12.11
C VAL C 170 44.27 -18.19 -11.08
N HIS C 171 43.13 -17.68 -10.62
CA HIS C 171 42.19 -18.43 -9.80
C HIS C 171 40.92 -18.64 -10.62
N ALA C 172 40.53 -19.89 -10.80
CA ALA C 172 39.36 -20.25 -11.60
C ALA C 172 38.48 -21.25 -10.82
N PRO C 173 37.64 -20.76 -9.92
CA PRO C 173 36.58 -21.61 -9.38
C PRO C 173 35.46 -21.73 -10.40
N HIS C 174 34.67 -22.81 -10.27
CA HIS C 174 33.64 -23.05 -11.26
C HIS C 174 32.33 -22.36 -10.89
N CYS C 175 32.32 -21.61 -9.79
CA CYS C 175 31.20 -20.73 -9.51
C CYS C 175 31.09 -19.64 -10.58
N HIS C 176 32.23 -19.12 -11.01
CA HIS C 176 32.27 -18.19 -12.12
C HIS C 176 32.71 -18.91 -13.39
N ALA C 177 32.67 -18.19 -14.51
CA ALA C 177 33.08 -18.78 -15.78
C ALA C 177 34.59 -18.98 -15.81
N LEU C 178 35.00 -20.16 -16.25
CA LEU C 178 36.42 -20.48 -16.27
C LEU C 178 37.11 -19.75 -17.42
N PRO C 179 38.21 -19.03 -17.15
CA PRO C 179 38.95 -18.38 -18.24
C PRO C 179 39.55 -19.41 -19.18
N VAL C 180 39.53 -19.09 -20.47
CA VAL C 180 40.04 -19.96 -21.52
C VAL C 180 41.37 -19.41 -22.00
N LEU C 181 42.40 -20.25 -21.94
CA LEU C 181 43.77 -19.87 -22.29
C LEU C 181 44.03 -20.31 -23.71
N ARG C 182 44.23 -19.35 -24.63
CA ARG C 182 44.44 -19.65 -26.03
C ARG C 182 45.90 -19.41 -26.40
N THR C 183 46.51 -20.41 -27.03
CA THR C 183 47.91 -20.37 -27.43
C THR C 183 47.98 -20.32 -28.95
N ALA C 184 48.83 -19.44 -29.47
CA ALA C 184 49.06 -19.34 -30.90
C ALA C 184 49.99 -20.45 -31.37
N ASN C 185 50.36 -20.39 -32.64
CA ASN C 185 51.22 -21.41 -33.23
C ASN C 185 52.63 -21.29 -32.70
N ASP C 186 53.26 -22.46 -32.47
CA ASP C 186 54.62 -22.58 -31.94
C ASP C 186 54.74 -21.86 -30.60
N THR C 187 54.00 -22.35 -29.61
CA THR C 187 53.92 -21.71 -28.30
C THR C 187 54.24 -22.72 -27.21
N VAL C 188 55.24 -22.42 -26.40
CA VAL C 188 55.66 -23.28 -25.29
C VAL C 188 55.37 -22.53 -23.99
N ILE C 189 54.52 -23.12 -23.15
CA ILE C 189 54.08 -22.50 -21.91
C ILE C 189 54.42 -23.42 -20.74
N GLU C 190 54.43 -22.82 -19.54
CA GLU C 190 54.63 -23.53 -18.30
C GLU C 190 53.49 -23.21 -17.34
N LEU C 191 52.91 -24.25 -16.76
CA LEU C 191 51.85 -24.13 -15.78
C LEU C 191 52.42 -24.45 -14.40
N LEU C 192 52.20 -23.54 -13.45
CA LEU C 192 52.77 -23.62 -12.12
C LEU C 192 51.67 -23.77 -11.08
N PRO C 193 51.86 -24.59 -10.04
CA PRO C 193 50.88 -24.63 -8.95
C PRO C 193 50.92 -23.35 -8.12
N CYS C 194 49.79 -23.04 -7.50
CA CYS C 194 49.68 -21.82 -6.69
C CYS C 194 49.98 -22.14 -5.23
N PRO C 195 50.93 -21.45 -4.60
CA PRO C 195 51.28 -21.75 -3.20
C PRO C 195 50.19 -21.37 -2.20
N THR C 196 49.68 -20.14 -2.30
CA THR C 196 48.76 -19.59 -1.32
C THR C 196 47.38 -20.24 -1.39
N ALA C 197 47.08 -20.89 -2.52
CA ALA C 197 45.74 -21.38 -2.82
C ALA C 197 45.25 -22.37 -1.78
N GLN C 198 46.17 -23.16 -1.22
CA GLN C 198 45.88 -24.14 -0.17
C GLN C 198 45.14 -23.49 0.99
N GLY C 199 45.59 -22.30 1.40
CA GLY C 199 44.91 -21.58 2.46
C GLY C 199 43.46 -21.29 2.12
N LEU C 200 43.22 -20.84 0.88
CA LEU C 200 41.86 -20.62 0.41
C LEU C 200 41.07 -21.92 0.42
N ARG C 201 41.71 -23.02 0.02
CA ARG C 201 41.02 -24.30 0.02
C ARG C 201 40.73 -24.77 1.44
N GLU C 202 41.55 -24.32 2.40
CA GLU C 202 41.27 -24.68 3.79
C GLU C 202 40.08 -23.90 4.33
N LEU C 203 39.63 -22.85 3.64
CA LEU C 203 38.36 -22.23 4.00
C LEU C 203 37.19 -23.17 3.76
N ALA C 204 37.39 -24.23 2.99
CA ALA C 204 36.39 -25.30 2.88
C ALA C 204 36.11 -25.94 4.22
N ARG C 205 37.06 -25.87 5.15
CA ARG C 205 36.84 -26.40 6.48
C ARG C 205 35.86 -25.55 7.28
N LEU C 206 35.68 -24.29 6.89
CA LEU C 206 34.85 -23.39 7.67
C LEU C 206 33.48 -23.17 7.03
N ASN C 207 33.38 -23.34 5.71
CA ASN C 207 32.14 -23.11 5.00
C ASN C 207 32.00 -24.19 3.93
N PRO C 208 30.85 -24.87 3.87
CA PRO C 208 30.63 -25.82 2.75
C PRO C 208 30.59 -25.16 1.38
N LEU C 209 30.29 -23.87 1.32
CA LEU C 209 30.28 -23.16 0.04
C LEU C 209 31.68 -23.06 -0.56
N PHE C 210 32.70 -22.98 0.28
CA PHE C 210 34.07 -22.88 -0.22
C PHE C 210 34.62 -24.24 -0.60
N GLY C 211 33.89 -25.32 -0.30
CA GLY C 211 34.34 -26.64 -0.70
C GLY C 211 33.96 -26.99 -2.12
N ARG C 212 32.90 -26.38 -2.65
CA ARG C 212 32.41 -26.75 -3.96
C ARG C 212 33.13 -26.00 -5.07
N LEU C 213 33.97 -25.03 -4.72
CA LEU C 213 34.49 -24.09 -5.71
C LEU C 213 35.54 -24.73 -6.62
N TRP C 214 36.37 -25.61 -6.07
CA TRP C 214 37.59 -25.99 -6.76
C TRP C 214 37.52 -27.42 -7.29
N ASN C 215 38.60 -27.83 -7.96
CA ASN C 215 38.69 -29.16 -8.54
C ASN C 215 38.90 -30.21 -7.45
N GLU C 216 38.49 -31.45 -7.75
CA GLU C 216 38.64 -32.55 -6.81
C GLU C 216 39.97 -33.26 -6.93
N THR C 217 40.77 -32.95 -7.96
CA THR C 217 42.08 -33.54 -8.12
C THR C 217 43.02 -33.01 -7.03
N SER C 218 43.98 -33.86 -6.63
CA SER C 218 44.91 -33.50 -5.55
C SER C 218 45.78 -32.31 -5.94
N ASP C 219 46.04 -32.12 -7.23
CA ASP C 219 46.77 -30.93 -7.68
C ASP C 219 45.89 -29.69 -7.57
N THR C 220 46.54 -28.53 -7.58
CA THR C 220 45.81 -27.27 -7.43
C THR C 220 44.95 -26.98 -8.66
N PHE C 221 45.46 -27.31 -9.85
CA PHE C 221 44.76 -27.05 -11.09
C PHE C 221 44.58 -28.35 -11.87
N GLN C 222 43.47 -28.46 -12.59
CA GLN C 222 43.17 -29.61 -13.43
C GLN C 222 42.73 -29.13 -14.80
N ILE C 223 43.34 -29.67 -15.85
CA ILE C 223 42.95 -29.32 -17.21
C ILE C 223 41.70 -30.11 -17.60
N ILE C 224 40.68 -29.40 -18.07
CA ILE C 224 39.39 -30.01 -18.38
C ILE C 224 39.32 -30.32 -19.87
N TYR C 225 39.70 -31.54 -20.25
CA TYR C 225 39.65 -31.93 -21.66
C TYR C 225 38.21 -32.14 -22.12
N THR C 226 37.43 -32.91 -21.36
CA THR C 226 36.05 -33.21 -21.71
C THR C 226 35.16 -32.86 -20.52
N SER C 227 33.85 -33.04 -20.72
CA SER C 227 32.91 -32.76 -19.64
C SER C 227 32.97 -33.82 -18.55
N ALA C 228 33.55 -34.98 -18.86
CA ALA C 228 33.70 -36.03 -17.86
C ALA C 228 34.75 -35.68 -16.83
N ASP C 229 35.67 -34.78 -17.17
CA ASP C 229 36.71 -34.36 -16.22
C ASP C 229 36.18 -33.37 -15.20
N ALA C 230 34.95 -32.89 -15.39
CA ALA C 230 34.36 -31.96 -14.44
C ALA C 230 34.02 -32.68 -13.14
N PRO C 231 33.96 -31.97 -12.01
CA PRO C 231 33.48 -32.60 -10.78
C PRO C 231 32.01 -32.98 -10.88
N LYS C 232 31.61 -33.95 -10.06
CA LYS C 232 30.25 -34.48 -10.11
C LYS C 232 29.23 -33.43 -9.70
N ARG C 233 28.08 -33.46 -10.39
CA ARG C 233 26.95 -32.55 -10.17
C ARG C 233 27.31 -31.08 -10.36
N THR C 234 28.31 -30.78 -11.19
CA THR C 234 28.73 -29.42 -11.47
C THR C 234 28.82 -29.24 -12.97
N SER C 235 28.35 -28.10 -13.46
CA SER C 235 28.42 -27.74 -14.88
C SER C 235 29.44 -26.63 -15.07
N LEU C 236 30.36 -26.83 -16.00
CA LEU C 236 31.44 -25.88 -16.25
C LEU C 236 31.08 -25.01 -17.45
N ARG C 237 31.12 -23.70 -17.26
CA ARG C 237 30.87 -22.74 -18.33
C ARG C 237 32.16 -21.99 -18.63
N GLU C 238 32.52 -21.94 -19.91
CA GLU C 238 33.71 -21.25 -20.34
C GLU C 238 33.48 -19.74 -20.36
N LEU C 239 34.57 -18.99 -20.24
CA LEU C 239 34.50 -17.54 -20.40
C LEU C 239 34.35 -17.20 -21.87
N ALA C 240 33.35 -16.36 -22.18
CA ALA C 240 33.03 -16.04 -23.55
C ALA C 240 32.85 -14.53 -23.70
N SER C 241 33.11 -14.03 -24.90
CA SER C 241 32.94 -12.63 -25.24
C SER C 241 32.25 -12.53 -26.58
N HIS C 242 31.34 -11.58 -26.72
CA HIS C 242 30.66 -11.35 -27.98
C HIS C 242 31.66 -10.77 -29.00
N PRO C 243 31.49 -11.07 -30.28
CA PRO C 243 32.32 -10.41 -31.30
C PRO C 243 32.15 -8.90 -31.35
N ALA C 244 30.94 -8.42 -31.03
CA ALA C 244 30.72 -6.98 -30.93
C ALA C 244 31.54 -6.38 -29.80
N TRP C 245 31.68 -7.12 -28.68
CA TRP C 245 32.53 -6.66 -27.59
C TRP C 245 33.98 -6.53 -28.03
N ASN C 246 34.49 -7.52 -28.76
CA ASN C 246 35.89 -7.48 -29.21
C ASN C 246 36.11 -6.34 -30.19
N LYS C 247 35.15 -6.12 -31.10
CA LYS C 247 35.28 -5.01 -32.05
C LYS C 247 35.26 -3.66 -31.33
N LYS C 248 34.36 -3.51 -30.34
CA LYS C 248 34.29 -2.26 -29.60
C LYS C 248 35.55 -2.03 -28.77
N ILE C 249 36.11 -3.09 -28.18
CA ILE C 249 37.34 -2.94 -27.41
C ILE C 249 38.51 -2.60 -28.33
N SER C 250 38.52 -3.15 -29.55
CA SER C 250 39.57 -2.80 -30.51
C SER C 250 39.49 -1.32 -30.91
N GLU C 251 38.27 -0.82 -31.16
CA GLU C 251 38.11 0.60 -31.46
C GLU C 251 38.49 1.47 -30.26
N LEU C 252 38.15 1.02 -29.05
CA LEU C 252 38.53 1.74 -27.84
C LEU C 252 40.03 1.79 -27.66
N LEU C 253 40.73 0.69 -27.99
CA LEU C 253 42.19 0.67 -27.91
C LEU C 253 42.81 1.62 -28.92
N THR C 254 42.25 1.67 -30.14
CA THR C 254 42.76 2.62 -31.13
C THR C 254 42.54 4.07 -30.68
N SER C 255 41.37 4.37 -30.13
CA SER C 255 41.11 5.73 -29.63
C SER C 255 41.98 6.05 -28.42
N THR C 256 42.26 5.05 -27.57
CA THR C 256 43.12 5.25 -26.41
C THR C 256 44.55 5.54 -26.84
N ARG C 257 45.02 4.87 -27.89
CA ARG C 257 46.33 5.20 -28.45
C ARG C 257 46.31 6.59 -29.07
N ARG C 258 45.18 7.00 -29.64
CA ARG C 258 45.08 8.35 -30.19
C ARG C 258 44.99 9.41 -29.09
N LYS C 259 44.16 9.18 -28.08
CA LYS C 259 43.89 10.18 -27.06
C LYS C 259 44.31 9.67 -25.68
N PRO C 260 45.16 10.40 -24.96
CA PRO C 260 45.67 9.89 -23.68
C PRO C 260 44.63 9.93 -22.59
N SER C 261 44.66 8.90 -21.73
CA SER C 261 43.85 8.70 -20.53
C SER C 261 42.35 8.84 -20.78
N PRO C 262 41.71 7.88 -21.47
CA PRO C 262 40.26 7.97 -21.67
C PRO C 262 39.51 7.53 -20.42
N ILE C 263 38.26 7.96 -20.33
CA ILE C 263 37.35 7.53 -19.26
C ILE C 263 36.21 6.75 -19.87
N LEU C 264 36.07 5.50 -19.46
CA LEU C 264 35.11 4.57 -20.03
C LEU C 264 34.07 4.24 -18.97
N PHE C 265 32.85 4.71 -19.20
CA PHE C 265 31.73 4.51 -18.29
C PHE C 265 30.99 3.27 -18.75
N ILE C 266 30.82 2.31 -17.85
CA ILE C 266 30.17 1.04 -18.18
C ILE C 266 28.90 0.93 -17.36
N CYS C 267 27.76 1.16 -17.99
CA CYS C 267 26.46 1.09 -17.32
C CYS C 267 25.66 -0.04 -17.95
N GLY C 268 24.71 -0.57 -17.20
CA GLY C 268 23.85 -1.61 -17.71
C GLY C 268 22.94 -2.17 -16.63
N PRO C 269 21.99 -3.02 -17.03
CA PRO C 269 21.14 -3.69 -16.04
C PRO C 269 21.92 -4.75 -15.29
N LYS C 270 21.33 -5.19 -14.17
CA LYS C 270 21.93 -6.28 -13.41
C LYS C 270 21.86 -7.57 -14.20
N SER C 271 22.88 -8.41 -14.04
CA SER C 271 23.09 -9.68 -14.75
C SER C 271 23.18 -9.49 -16.25
N SER C 272 23.69 -8.36 -16.73
CA SER C 272 23.88 -8.13 -18.15
C SER C 272 25.28 -8.48 -18.62
N GLY C 273 26.14 -9.01 -17.76
CA GLY C 273 27.49 -9.28 -18.15
C GLY C 273 28.38 -8.07 -18.26
N LYS C 274 28.07 -7.01 -17.52
CA LYS C 274 28.90 -5.81 -17.55
C LYS C 274 30.24 -6.05 -16.86
N SER C 275 30.27 -6.96 -15.87
CA SER C 275 31.49 -7.24 -15.14
C SER C 275 32.50 -7.98 -16.01
N THR C 276 32.03 -8.93 -16.81
CA THR C 276 32.92 -9.64 -17.73
C THR C 276 33.50 -8.70 -18.77
N PHE C 277 32.65 -7.82 -19.33
CA PHE C 277 33.14 -6.84 -20.30
C PHE C 277 34.13 -5.87 -19.65
N GLY C 278 33.89 -5.50 -18.39
CA GLY C 278 34.84 -4.65 -17.69
C GLY C 278 36.18 -5.32 -17.47
N ARG C 279 36.17 -6.61 -17.12
CA ARG C 279 37.42 -7.33 -16.92
C ARG C 279 38.21 -7.47 -18.21
N LEU C 280 37.55 -7.85 -19.31
CA LEU C 280 38.27 -7.94 -20.58
C LEU C 280 38.71 -6.57 -21.08
N LEU C 281 37.92 -5.52 -20.84
CA LEU C 281 38.33 -4.18 -21.23
C LEU C 281 39.58 -3.74 -20.48
N THR C 282 39.61 -3.98 -19.16
CA THR C 282 40.78 -3.64 -18.37
C THR C 282 42.01 -4.44 -18.80
N ASN C 283 41.83 -5.73 -19.04
CA ASN C 283 42.97 -6.58 -19.41
C ASN C 283 43.50 -6.21 -20.79
N ARG C 284 42.62 -5.82 -21.72
CA ARG C 284 43.08 -5.47 -23.06
C ARG C 284 43.70 -4.08 -23.08
N LEU C 285 43.20 -3.16 -22.25
CA LEU C 285 43.88 -1.86 -22.13
C LEU C 285 45.25 -2.01 -21.49
N MET C 286 45.38 -2.97 -20.57
CA MET C 286 46.65 -3.14 -19.88
C MET C 286 47.68 -3.86 -20.75
N THR C 287 47.34 -5.05 -21.25
CA THR C 287 48.34 -5.97 -21.77
C THR C 287 48.61 -5.81 -23.27
N ASP C 288 47.63 -5.34 -24.04
CA ASP C 288 47.80 -5.30 -25.48
C ASP C 288 48.75 -4.19 -25.89
N ARG C 289 49.81 -4.59 -26.60
CA ARG C 289 50.81 -3.65 -27.10
C ARG C 289 50.82 -3.72 -28.62
N ALA C 290 50.86 -2.56 -29.26
CA ALA C 290 50.84 -2.48 -30.71
C ALA C 290 52.17 -1.91 -31.21
N GLY C 291 52.70 -2.54 -32.25
CA GLY C 291 53.97 -2.12 -32.81
C GLY C 291 55.14 -2.83 -32.17
N HIS C 292 55.86 -2.08 -31.34
CA HIS C 292 57.03 -2.62 -30.67
C HIS C 292 56.62 -3.63 -29.60
N LYS C 293 57.30 -4.78 -29.60
CA LYS C 293 57.02 -5.81 -28.59
C LYS C 293 57.72 -5.50 -27.28
N SER C 294 58.64 -4.52 -27.29
CA SER C 294 59.34 -4.13 -26.08
C SER C 294 58.54 -3.14 -25.23
N ARG C 295 57.36 -2.74 -25.68
CA ARG C 295 56.53 -1.83 -24.91
C ARG C 295 56.06 -2.47 -23.61
N SER C 296 56.14 -1.71 -22.53
CA SER C 296 55.74 -2.22 -21.23
C SER C 296 54.23 -2.10 -21.04
N TRP C 297 53.74 -2.79 -20.01
CA TRP C 297 52.32 -2.73 -19.70
C TRP C 297 51.95 -1.38 -19.11
N LYS C 298 50.75 -0.92 -19.44
CA LYS C 298 50.29 0.33 -18.86
C LYS C 298 49.44 0.06 -17.62
N PRO C 299 49.58 0.88 -16.58
CA PRO C 299 48.66 0.79 -15.44
C PRO C 299 47.26 1.22 -15.85
N VAL C 300 46.27 0.58 -15.24
CA VAL C 300 44.87 0.90 -15.49
C VAL C 300 44.22 1.18 -14.14
N MET C 301 43.47 2.28 -14.06
CA MET C 301 42.84 2.66 -12.81
C MET C 301 41.35 2.36 -12.92
N VAL C 302 40.81 1.68 -11.92
CA VAL C 302 39.43 1.23 -11.90
C VAL C 302 38.69 1.95 -10.78
N LEU C 303 37.61 2.63 -11.16
CA LEU C 303 36.73 3.30 -10.21
C LEU C 303 35.53 2.39 -9.99
N ASP C 304 35.56 1.64 -8.89
CA ASP C 304 34.50 0.69 -8.56
C ASP C 304 33.46 1.40 -7.72
N LEU C 305 32.31 1.68 -8.32
CA LEU C 305 31.21 2.37 -7.67
C LEU C 305 30.03 1.47 -7.39
N ASP C 306 30.21 0.16 -7.44
CA ASP C 306 29.13 -0.78 -7.18
C ASP C 306 29.31 -1.36 -5.79
N PRO C 307 28.47 -1.00 -4.81
CA PRO C 307 28.62 -1.55 -3.47
C PRO C 307 28.05 -2.96 -3.35
N GLY C 308 26.98 -3.24 -4.10
CA GLY C 308 26.34 -4.54 -4.00
C GLY C 308 27.20 -5.68 -4.51
N GLN C 309 27.84 -5.49 -5.67
CA GLN C 309 28.70 -6.51 -6.27
C GLN C 309 30.05 -5.89 -6.60
N PRO C 310 30.88 -5.62 -5.59
CA PRO C 310 32.12 -4.88 -5.84
C PRO C 310 33.22 -5.79 -6.36
N GLU C 311 34.22 -5.16 -6.98
CA GLU C 311 35.46 -5.82 -7.35
C GLU C 311 36.60 -5.03 -6.75
N PHE C 312 37.61 -5.73 -6.22
CA PHE C 312 38.80 -5.23 -5.54
C PHE C 312 38.49 -4.59 -4.19
N SER C 313 37.24 -4.63 -3.72
CA SER C 313 36.86 -4.04 -2.45
C SER C 313 35.83 -4.93 -1.78
N PRO C 314 35.75 -4.90 -0.45
CA PRO C 314 34.71 -5.66 0.25
C PRO C 314 33.33 -5.08 -0.02
N PRO C 315 32.26 -5.83 0.24
CA PRO C 315 30.92 -5.30 0.00
C PRO C 315 30.57 -4.10 0.86
N GLY C 316 29.76 -3.22 0.30
CA GLY C 316 29.41 -1.97 0.94
C GLY C 316 30.44 -0.87 0.81
N VAL C 317 31.46 -1.07 -0.03
CA VAL C 317 32.57 -0.14 -0.17
C VAL C 317 32.70 0.24 -1.64
N VAL C 318 32.87 1.55 -1.88
CA VAL C 318 33.28 2.05 -3.19
C VAL C 318 34.77 2.33 -3.12
N SER C 319 35.47 2.11 -4.22
CA SER C 319 36.93 2.16 -4.17
C SER C 319 37.50 2.67 -5.47
N LEU C 320 38.76 3.11 -5.39
CA LEU C 320 39.57 3.48 -6.53
C LEU C 320 40.85 2.67 -6.48
N THR C 321 41.12 1.89 -7.53
CA THR C 321 42.18 0.91 -7.51
C THR C 321 43.11 1.13 -8.69
N LYS C 322 44.41 0.92 -8.47
CA LYS C 322 45.39 0.99 -9.54
C LYS C 322 45.96 -0.41 -9.80
N LEU C 323 45.92 -0.85 -11.05
CA LEU C 323 46.36 -2.18 -11.42
C LEU C 323 47.53 -2.09 -12.39
N ARG C 324 48.62 -2.77 -12.05
CA ARG C 324 49.72 -3.00 -12.96
C ARG C 324 49.82 -4.45 -13.40
N ARG C 325 48.94 -5.31 -12.90
CA ARG C 325 48.88 -6.74 -13.15
C ARG C 325 47.44 -7.12 -13.52
N PRO C 326 47.26 -7.98 -14.51
CA PRO C 326 45.91 -8.28 -15.01
C PRO C 326 45.02 -8.93 -13.96
N ASN C 327 43.73 -8.63 -14.04
CA ASN C 327 42.73 -9.16 -13.11
C ASN C 327 42.24 -10.49 -13.65
N LEU C 328 42.88 -11.56 -13.20
CA LEU C 328 42.53 -12.92 -13.62
C LEU C 328 41.84 -13.72 -12.53
N ALA C 329 41.26 -13.07 -11.54
CA ALA C 329 40.64 -13.74 -10.41
C ALA C 329 39.24 -13.21 -10.16
N PRO C 330 38.37 -14.00 -9.53
CA PRO C 330 37.03 -13.52 -9.14
C PRO C 330 37.12 -12.47 -8.06
N PRO C 331 36.06 -11.68 -7.86
CA PRO C 331 36.11 -10.63 -6.82
C PRO C 331 36.34 -11.13 -5.41
N PHE C 332 35.94 -12.37 -5.10
CA PHE C 332 36.17 -12.88 -3.75
C PHE C 332 37.58 -13.45 -3.60
N CYS C 333 38.31 -13.57 -4.71
CA CYS C 333 39.69 -14.04 -4.62
C CYS C 333 40.67 -12.90 -4.38
N HIS C 334 40.26 -11.66 -4.64
CA HIS C 334 41.00 -10.48 -4.21
C HIS C 334 40.02 -9.48 -3.56
N PRO C 335 39.51 -9.80 -2.38
CA PRO C 335 38.49 -8.93 -1.79
C PRO C 335 39.07 -7.69 -1.14
N GLY C 336 40.28 -7.77 -0.58
CA GLY C 336 40.90 -6.62 0.02
C GLY C 336 42.34 -6.46 -0.42
N LEU C 337 42.69 -5.27 -0.92
CA LEU C 337 44.02 -4.98 -1.43
C LEU C 337 44.71 -4.00 -0.50
N SER C 338 45.97 -4.25 -0.21
CA SER C 338 46.71 -3.38 0.70
C SER C 338 46.98 -2.03 0.04
N PHE C 339 47.04 -1.00 0.87
CA PHE C 339 47.32 0.35 0.37
C PHE C 339 48.77 0.45 -0.10
N GLY C 340 49.02 1.41 -0.99
CA GLY C 340 50.35 1.63 -1.54
C GLY C 340 51.34 2.15 -0.53
N ASN C 348 54.51 -0.61 -5.67
CA ASN C 348 55.17 -1.47 -6.66
C ASN C 348 54.45 -2.80 -6.79
N GLU C 349 53.35 -2.95 -6.05
CA GLU C 349 52.58 -4.18 -6.09
C GLU C 349 51.76 -4.24 -7.38
N GLY C 350 51.24 -5.43 -7.68
CA GLY C 350 50.43 -5.59 -8.88
C GLY C 350 49.12 -4.85 -8.82
N MET C 351 48.46 -4.90 -7.67
CA MET C 351 47.17 -4.24 -7.46
C MET C 351 47.19 -3.50 -6.13
N THR C 352 47.06 -2.18 -6.18
CA THR C 352 47.07 -1.35 -4.99
C THR C 352 45.83 -0.48 -4.96
N THR C 353 45.32 -0.26 -3.75
CA THR C 353 44.11 0.52 -3.53
C THR C 353 44.49 1.97 -3.20
N VAL C 354 43.95 2.91 -3.98
CA VAL C 354 44.27 4.31 -3.76
C VAL C 354 43.42 4.91 -2.65
N ARG C 355 42.11 4.67 -2.69
CA ARG C 355 41.20 5.24 -1.71
C ARG C 355 39.92 4.41 -1.68
N MET C 356 39.31 4.31 -0.50
CA MET C 356 38.01 3.67 -0.35
C MET C 356 37.08 4.54 0.48
N HIS C 357 35.79 4.36 0.27
CA HIS C 357 34.77 4.97 1.10
C HIS C 357 33.69 3.94 1.39
N ALA C 358 33.11 4.04 2.59
CA ALA C 358 32.14 3.07 3.06
C ALA C 358 30.74 3.61 2.78
N ILE C 359 30.08 3.02 1.78
CA ILE C 359 28.66 3.29 1.58
C ILE C 359 27.85 2.71 2.72
N ALA C 360 28.32 1.61 3.30
CA ALA C 360 27.72 0.85 4.40
C ALA C 360 26.36 0.31 4.01
N SER C 361 26.13 0.00 2.74
CA SER C 361 24.90 -0.61 2.28
C SER C 361 25.17 -1.29 0.96
N VAL C 362 24.27 -2.19 0.57
CA VAL C 362 24.42 -2.89 -0.70
C VAL C 362 23.88 -2.03 -1.85
N THR C 363 23.10 -1.00 -1.52
CA THR C 363 22.54 -0.11 -2.51
C THR C 363 22.73 1.35 -2.07
N PRO C 364 22.85 2.28 -3.02
CA PRO C 364 22.95 3.71 -2.63
C PRO C 364 21.64 4.33 -2.20
N ALA C 365 20.54 3.56 -2.15
CA ALA C 365 19.22 4.13 -1.93
C ALA C 365 19.08 4.73 -0.53
N LEU C 366 19.94 4.32 0.40
CA LEU C 366 19.91 4.93 1.72
C LEU C 366 20.36 6.39 1.66
N ASP C 367 21.34 6.70 0.81
CA ASP C 367 21.76 8.08 0.60
C ASP C 367 22.41 8.17 -0.78
N PRO C 368 21.68 8.65 -1.78
CA PRO C 368 22.26 8.78 -3.13
C PRO C 368 23.32 9.87 -3.21
N ALA C 369 23.04 11.06 -2.67
CA ALA C 369 23.91 12.22 -2.82
C ALA C 369 25.30 12.00 -2.24
N HIS C 370 25.39 11.44 -1.03
CA HIS C 370 26.68 11.08 -0.46
C HIS C 370 27.43 10.12 -1.37
N PHE C 371 26.70 9.17 -1.97
CA PHE C 371 27.27 8.27 -2.96
C PHE C 371 27.94 9.05 -4.09
N ILE C 372 27.22 10.04 -4.64
CA ILE C 372 27.79 10.88 -5.69
C ILE C 372 29.01 11.62 -5.16
N ALA C 373 28.93 12.10 -3.92
CA ALA C 373 30.05 12.80 -3.30
C ALA C 373 31.27 11.90 -3.24
N CYS C 374 31.07 10.62 -2.87
CA CYS C 374 32.17 9.66 -2.83
C CYS C 374 32.84 9.57 -4.19
N ALA C 375 32.02 9.46 -5.25
CA ALA C 375 32.55 9.36 -6.60
C ALA C 375 33.40 10.58 -6.93
N ARG C 376 32.90 11.78 -6.57
CA ARG C 376 33.63 13.02 -6.82
C ARG C 376 35.01 12.96 -6.20
N ASP C 377 35.06 12.56 -4.91
CA ASP C 377 36.33 12.50 -4.21
C ASP C 377 37.26 11.51 -4.88
N LEU C 378 36.73 10.34 -5.24
CA LEU C 378 37.56 9.33 -5.87
C LEU C 378 38.05 9.81 -7.21
N PHE C 379 37.17 10.50 -7.96
CA PHE C 379 37.55 11.02 -9.27
C PHE C 379 38.66 12.04 -9.12
N ALA C 380 38.61 12.84 -8.05
CA ALA C 380 39.63 13.84 -7.80
C ALA C 380 40.99 13.18 -7.64
N TYR C 381 41.04 12.05 -6.93
CA TYR C 381 42.32 11.38 -6.74
C TYR C 381 42.84 10.82 -8.06
N TYR C 382 41.92 10.37 -8.92
CA TYR C 382 42.34 9.90 -10.24
C TYR C 382 42.96 11.04 -11.02
N ARG C 383 42.41 12.26 -10.89
CA ARG C 383 42.99 13.40 -11.56
C ARG C 383 44.40 13.67 -11.05
N ARG C 384 44.61 13.46 -9.74
CA ARG C 384 45.93 13.71 -9.16
C ARG C 384 46.94 12.67 -9.62
N SER C 385 46.48 11.60 -10.28
CA SER C 385 47.41 10.73 -10.99
C SER C 385 47.49 11.11 -12.45
N ALA C 386 46.34 11.43 -13.06
CA ALA C 386 46.26 11.50 -14.53
C ALA C 386 47.01 12.72 -15.07
N SER C 387 47.29 13.70 -14.21
CA SER C 387 48.12 14.83 -14.61
C SER C 387 49.54 14.40 -14.90
N GLN C 388 50.09 13.49 -14.09
CA GLN C 388 51.50 13.14 -14.26
C GLN C 388 51.70 12.16 -15.42
N GLU C 389 50.82 11.16 -15.55
CA GLU C 389 50.96 10.14 -16.57
C GLU C 389 49.60 9.83 -17.14
N ASN C 390 49.57 9.32 -18.38
CA ASN C 390 48.32 8.94 -19.02
C ASN C 390 47.94 7.55 -18.52
N ILE C 391 46.77 7.45 -17.90
CA ILE C 391 46.27 6.20 -17.33
C ILE C 391 44.79 6.09 -17.70
N PRO C 392 44.36 5.03 -18.38
CA PRO C 392 42.93 4.85 -18.62
C PRO C 392 42.19 4.48 -17.34
N LEU C 393 40.98 5.01 -17.22
CA LEU C 393 40.10 4.76 -16.08
C LEU C 393 38.88 3.99 -16.56
N VAL C 394 38.56 2.91 -15.86
CA VAL C 394 37.38 2.09 -16.15
C VAL C 394 36.44 2.20 -14.96
N VAL C 395 35.20 2.61 -15.22
CA VAL C 395 34.23 2.91 -14.17
C VAL C 395 33.19 1.80 -14.13
N ASN C 396 33.04 1.18 -12.98
CA ASN C 396 32.01 0.16 -12.76
C ASN C 396 30.87 0.77 -11.96
N THR C 397 29.65 0.59 -12.45
CA THR C 397 28.47 1.29 -11.96
C THR C 397 27.47 0.28 -11.40
N PRO C 398 26.58 0.72 -10.49
CA PRO C 398 25.56 -0.19 -9.97
C PRO C 398 24.58 -0.63 -11.05
N GLY C 399 24.00 -1.81 -10.85
CA GLY C 399 23.00 -2.32 -11.76
C GLY C 399 21.60 -1.82 -11.45
N TRP C 400 21.46 -0.51 -11.31
CA TRP C 400 20.20 0.14 -11.01
C TRP C 400 19.88 1.09 -12.14
N ILE C 401 18.87 0.76 -12.94
CA ILE C 401 18.62 1.48 -14.19
C ILE C 401 17.25 2.13 -14.19
N GLN C 402 16.52 2.02 -13.08
CA GLN C 402 15.20 2.63 -13.00
C GLN C 402 15.07 3.40 -11.70
N GLY C 403 14.22 4.43 -11.72
CA GLY C 403 13.97 5.20 -10.53
C GLY C 403 15.14 6.08 -10.15
N THR C 404 15.55 5.97 -8.88
CA THR C 404 16.65 6.79 -8.38
C THR C 404 17.98 6.38 -9.00
N GLY C 405 18.11 5.11 -9.38
CA GLY C 405 19.34 4.65 -10.00
C GLY C 405 19.61 5.30 -11.35
N LEU C 406 18.55 5.60 -12.09
CA LEU C 406 18.72 6.29 -13.37
C LEU C 406 19.21 7.72 -13.16
N ASP C 407 18.68 8.41 -12.16
CA ASP C 407 19.19 9.73 -11.81
C ASP C 407 20.62 9.66 -11.30
N LEU C 408 20.96 8.57 -10.59
CA LEU C 408 22.34 8.37 -10.14
C LEU C 408 23.28 8.21 -11.32
N LEU C 409 22.87 7.43 -12.33
CA LEU C 409 23.71 7.25 -13.52
C LEU C 409 23.86 8.56 -14.28
N ALA C 410 22.78 9.34 -14.40
CA ALA C 410 22.87 10.64 -15.05
C ALA C 410 23.79 11.59 -14.30
N GLU C 411 23.71 11.59 -12.97
CA GLU C 411 24.61 12.41 -12.16
C GLU C 411 26.06 11.96 -12.30
N LEU C 412 26.29 10.64 -12.37
CA LEU C 412 27.66 10.15 -12.54
C LEU C 412 28.23 10.52 -13.89
N ILE C 413 27.40 10.48 -14.95
CA ILE C 413 27.84 10.94 -16.26
C ILE C 413 28.17 12.43 -16.22
N ALA C 414 27.34 13.21 -15.51
CA ALA C 414 27.58 14.65 -15.41
C ALA C 414 28.83 14.97 -14.58
N VAL C 415 29.15 14.13 -13.60
CA VAL C 415 30.30 14.40 -12.73
C VAL C 415 31.59 13.96 -13.39
N LEU C 416 31.65 12.71 -13.86
CA LEU C 416 32.91 12.14 -14.30
C LEU C 416 33.36 12.71 -15.64
N ARG C 417 32.40 13.16 -16.46
CA ARG C 417 32.59 13.56 -17.86
C ARG C 417 33.32 12.45 -18.62
N PRO C 418 32.71 11.29 -18.81
CA PRO C 418 33.45 10.16 -19.38
C PRO C 418 33.74 10.37 -20.86
N THR C 419 34.84 9.77 -21.33
CA THR C 419 35.16 9.82 -22.74
C THR C 419 34.12 9.06 -23.56
N GLU C 420 33.73 7.86 -23.12
CA GLU C 420 32.63 7.15 -23.75
C GLU C 420 31.74 6.52 -22.71
N VAL C 421 30.46 6.31 -23.08
CA VAL C 421 29.48 5.63 -22.25
C VAL C 421 29.05 4.37 -22.99
N LEU C 422 29.03 3.25 -22.27
CA LEU C 422 28.76 1.94 -22.84
C LEU C 422 27.61 1.32 -22.08
N TYR C 423 26.44 1.24 -22.72
CA TYR C 423 25.28 0.58 -22.16
C TYR C 423 25.32 -0.88 -22.60
N MET C 424 25.16 -1.79 -21.64
CA MET C 424 25.59 -3.16 -21.87
C MET C 424 24.46 -4.03 -22.41
N SER C 425 23.27 -3.47 -22.56
CA SER C 425 22.11 -4.23 -23.01
C SER C 425 21.54 -3.64 -24.29
N GLU C 426 21.37 -4.48 -25.32
CA GLU C 426 20.65 -4.05 -26.52
C GLU C 426 19.15 -3.96 -26.25
N ASP C 427 18.61 -4.92 -25.51
CA ASP C 427 17.17 -5.01 -25.26
C ASP C 427 16.75 -4.29 -24.00
N GLY C 428 17.48 -3.27 -23.57
CA GLY C 428 17.17 -2.53 -22.37
C GLY C 428 15.92 -1.69 -22.54
N PRO C 429 15.38 -1.19 -21.43
CA PRO C 429 14.18 -0.35 -21.50
C PRO C 429 14.46 0.94 -22.26
N GLU C 430 13.47 1.38 -23.04
CA GLU C 430 13.67 2.54 -23.90
C GLU C 430 13.75 3.82 -23.07
N GLU C 431 13.05 3.85 -21.93
CA GLU C 431 13.14 5.01 -21.05
C GLU C 431 14.53 5.15 -20.44
N THR C 432 15.17 4.02 -20.10
CA THR C 432 16.53 4.06 -19.55
C THR C 432 17.54 4.53 -20.59
N VAL C 433 17.44 3.99 -21.81
CA VAL C 433 18.34 4.38 -22.89
C VAL C 433 18.13 5.84 -23.27
N SER C 434 16.87 6.29 -23.25
CA SER C 434 16.57 7.69 -23.57
C SER C 434 17.12 8.62 -22.50
N ALA C 435 17.00 8.24 -21.22
CA ALA C 435 17.55 9.06 -20.14
C ALA C 435 19.07 9.13 -20.20
N LEU C 436 19.71 7.99 -20.51
CA LEU C 436 21.17 7.99 -20.62
C LEU C 436 21.64 8.79 -21.83
N ARG C 437 20.90 8.72 -22.95
CA ARG C 437 21.24 9.53 -24.12
C ARG C 437 21.05 11.02 -23.84
N GLU C 438 20.00 11.38 -23.10
CA GLU C 438 19.82 12.77 -22.71
C GLU C 438 20.95 13.24 -21.81
N ALA C 439 21.37 12.40 -20.86
CA ALA C 439 22.46 12.74 -19.95
C ALA C 439 23.77 12.89 -20.71
N CYS C 440 24.00 12.06 -21.72
CA CYS C 440 25.20 12.19 -22.54
C CYS C 440 25.16 13.47 -23.37
N ALA C 441 24.02 13.74 -24.02
CA ALA C 441 23.96 14.85 -24.96
C ALA C 441 23.87 16.20 -24.25
N SER C 442 23.47 16.20 -22.98
CA SER C 442 23.37 17.46 -22.24
C SER C 442 24.74 18.07 -21.98
N SER C 443 25.72 17.24 -21.66
CA SER C 443 27.07 17.74 -21.38
C SER C 443 27.78 18.18 -22.66
N SER C 444 28.06 17.23 -23.54
CA SER C 444 28.75 17.48 -24.78
C SER C 444 28.47 16.33 -25.73
N THR C 445 29.26 16.25 -26.79
CA THR C 445 29.19 15.11 -27.70
C THR C 445 29.92 13.94 -27.06
N ILE C 446 29.23 13.21 -26.19
CA ILE C 446 29.79 12.03 -25.52
C ILE C 446 29.24 10.80 -26.22
N PRO C 447 30.11 9.96 -26.80
CA PRO C 447 29.62 8.79 -27.54
C PRO C 447 28.97 7.76 -26.63
N PHE C 448 27.69 7.49 -26.90
CA PHE C 448 26.88 6.52 -26.18
C PHE C 448 26.71 5.30 -27.09
N THR C 449 27.23 4.15 -26.67
CA THR C 449 27.23 2.95 -27.49
C THR C 449 26.47 1.84 -26.75
N MET C 450 25.53 1.22 -27.45
CA MET C 450 24.79 0.09 -26.90
C MET C 450 25.47 -1.22 -27.31
N LEU C 451 25.53 -2.15 -26.38
CA LEU C 451 26.26 -3.40 -26.55
C LEU C 451 25.38 -4.58 -26.20
N PRO C 452 25.65 -5.75 -26.75
CA PRO C 452 24.89 -6.95 -26.36
C PRO C 452 25.18 -7.37 -24.93
N SER C 453 24.21 -8.06 -24.33
CA SER C 453 24.27 -8.49 -22.92
C SER C 453 24.28 -10.01 -22.86
N GLN C 454 25.46 -10.61 -22.85
CA GLN C 454 25.55 -12.02 -22.53
C GLN C 454 25.43 -12.21 -21.03
N PRO C 455 24.42 -12.94 -20.55
CA PRO C 455 24.23 -13.13 -19.11
C PRO C 455 25.00 -14.33 -18.56
N SER C 468 21.76 -20.90 -9.89
CA SER C 468 23.17 -21.17 -9.65
C SER C 468 23.62 -20.55 -8.32
N TRP C 469 24.38 -19.47 -8.41
CA TRP C 469 24.88 -18.75 -7.25
C TRP C 469 24.23 -17.37 -7.20
N THR C 470 23.47 -17.12 -6.14
CA THR C 470 22.81 -15.84 -5.98
C THR C 470 23.84 -14.75 -5.65
N PRO C 471 23.52 -13.49 -5.97
CA PRO C 471 24.45 -12.40 -5.60
C PRO C 471 24.66 -12.27 -4.10
N ALA C 472 23.67 -12.62 -3.28
CA ALA C 472 23.85 -12.54 -1.83
C ALA C 472 24.87 -13.56 -1.34
N THR C 473 24.87 -14.76 -1.90
CA THR C 473 25.87 -15.75 -1.52
C THR C 473 27.27 -15.34 -1.95
N LEU C 474 27.41 -14.77 -3.16
CA LEU C 474 28.70 -14.27 -3.59
C LEU C 474 29.18 -13.11 -2.72
N ARG C 475 28.24 -12.28 -2.27
CA ARG C 475 28.56 -11.19 -1.36
C ARG C 475 29.06 -11.72 -0.02
N SER C 476 28.42 -12.77 0.51
CA SER C 476 28.85 -13.38 1.76
C SER C 476 30.23 -14.03 1.61
N MET C 477 30.46 -14.70 0.46
CA MET C 477 31.79 -15.28 0.22
C MET C 477 32.86 -14.22 0.11
N ALA C 478 32.55 -13.08 -0.53
CA ALA C 478 33.50 -11.99 -0.61
C ALA C 478 33.83 -11.41 0.77
N MET C 479 32.81 -11.25 1.62
CA MET C 479 33.06 -10.74 2.97
C MET C 479 33.85 -11.73 3.83
N GLN C 480 33.54 -13.02 3.73
CA GLN C 480 34.29 -14.03 4.48
C GLN C 480 35.74 -14.11 4.02
N SER C 481 35.96 -14.05 2.70
CA SER C 481 37.32 -14.08 2.17
C SER C 481 38.08 -12.82 2.54
N TYR C 482 37.38 -11.69 2.65
CA TYR C 482 38.03 -10.47 3.14
C TYR C 482 38.47 -10.62 4.59
N PHE C 483 37.60 -11.16 5.44
CA PHE C 483 37.92 -11.24 6.85
C PHE C 483 38.92 -12.36 7.12
N HIS C 484 39.13 -13.26 6.16
CA HIS C 484 40.10 -14.32 6.37
C HIS C 484 41.45 -14.01 5.70
N LEU C 485 41.62 -12.80 5.20
CA LEU C 485 42.89 -12.39 4.62
C LEU C 485 43.97 -12.29 5.70
N SER C 486 45.17 -12.78 5.40
CA SER C 486 46.27 -12.63 6.32
C SER C 486 46.77 -11.19 6.30
N PRO C 487 47.20 -10.65 7.45
CA PRO C 487 47.77 -9.29 7.45
C PRO C 487 49.01 -9.15 6.58
N PHE C 488 49.80 -10.20 6.45
CA PHE C 488 50.96 -10.18 5.57
C PHE C 488 50.54 -10.10 4.11
CA GLY C 495 54.37 -14.13 -5.94
C GLY C 495 52.91 -13.70 -5.97
N PRO C 496 52.03 -14.58 -5.50
CA PRO C 496 50.60 -14.23 -5.44
C PRO C 496 50.35 -13.11 -4.44
N GLY C 497 49.31 -12.32 -4.71
CA GLY C 497 49.01 -11.15 -3.90
C GLY C 497 48.44 -11.46 -2.53
N CYS C 498 47.28 -12.12 -2.50
CA CYS C 498 46.56 -12.35 -1.25
C CYS C 498 46.92 -13.71 -0.66
N GLU C 499 46.88 -13.77 0.68
CA GLU C 499 47.06 -15.01 1.43
C GLU C 499 45.97 -15.08 2.49
N TRP C 500 45.49 -16.30 2.74
CA TRP C 500 44.35 -16.51 3.62
C TRP C 500 44.77 -17.26 4.87
N ASN C 501 44.01 -17.05 5.95
CA ASN C 501 44.26 -17.71 7.22
C ASN C 501 43.18 -18.77 7.45
N PRO C 502 43.54 -20.04 7.54
CA PRO C 502 42.50 -21.08 7.73
C PRO C 502 41.89 -21.10 9.12
N THR C 503 42.47 -20.36 10.07
CA THR C 503 41.99 -20.39 11.44
C THR C 503 40.59 -19.78 11.54
N PRO C 504 39.67 -20.38 12.28
CA PRO C 504 38.34 -19.78 12.45
C PRO C 504 38.41 -18.46 13.19
N LEU C 505 37.45 -17.58 12.89
CA LEU C 505 37.42 -16.27 13.53
C LEU C 505 37.17 -16.37 15.03
N THR C 506 36.52 -17.44 15.48
CA THR C 506 36.30 -17.64 16.90
C THR C 506 37.60 -17.99 17.62
N HIS C 507 38.60 -18.49 16.91
CA HIS C 507 39.84 -18.94 17.54
C HIS C 507 40.91 -17.86 17.54
N LEU C 508 40.76 -16.81 16.75
CA LEU C 508 41.78 -15.78 16.66
C LEU C 508 41.75 -14.88 17.89
N CYS C 509 42.93 -14.42 18.29
CA CYS C 509 43.02 -13.45 19.37
C CYS C 509 42.54 -12.09 18.88
N PRO C 510 41.55 -11.49 19.51
CA PRO C 510 40.98 -10.24 18.99
C PRO C 510 41.71 -9.00 19.46
N TRP C 511 41.53 -7.93 18.69
CA TRP C 511 42.00 -6.62 19.12
C TRP C 511 41.09 -6.08 20.22
N ARG C 512 41.70 -5.55 21.28
CA ARG C 512 40.98 -4.89 22.35
C ARG C 512 41.08 -3.39 22.15
N VAL C 513 39.94 -2.75 21.96
CA VAL C 513 39.85 -1.30 21.77
C VAL C 513 39.31 -0.71 23.06
N ARG C 514 40.14 0.10 23.72
CA ARG C 514 39.76 0.72 24.98
C ARG C 514 38.74 1.82 24.74
N LEU C 515 37.67 1.78 25.53
CA LEU C 515 36.55 2.70 25.35
C LEU C 515 36.46 3.78 26.42
N ALA C 516 37.17 3.64 27.53
CA ALA C 516 37.09 4.58 28.63
C ALA C 516 38.37 5.40 28.69
N GLY C 517 38.22 6.72 28.72
CA GLY C 517 39.36 7.59 28.87
C GLY C 517 39.18 8.85 28.05
N ARG C 518 40.28 9.60 27.94
CA ARG C 518 40.31 10.78 27.10
C ARG C 518 40.25 10.38 25.63
N PRO C 519 39.84 11.29 24.74
CA PRO C 519 39.85 10.97 23.30
C PRO C 519 41.24 10.63 22.77
N ASP C 520 42.29 11.14 23.41
CA ASP C 520 43.64 10.68 23.07
C ASP C 520 43.88 9.27 23.59
N GLU C 521 43.23 8.90 24.70
CA GLU C 521 43.51 7.62 25.33
C GLU C 521 42.72 6.48 24.70
N ARG C 522 41.49 6.75 24.25
CA ARG C 522 40.63 5.70 23.71
C ARG C 522 41.16 5.19 22.38
N GLY C 523 40.87 3.92 22.09
CA GLY C 523 41.28 3.35 20.82
C GLY C 523 40.53 3.95 19.64
N VAL C 524 39.23 4.19 19.81
CA VAL C 524 38.40 4.82 18.79
C VAL C 524 37.82 6.09 19.36
N LEU C 525 37.57 7.08 18.50
CA LEU C 525 37.01 8.35 18.96
C LEU C 525 35.55 8.19 19.35
N GLY C 526 34.79 7.40 18.58
CA GLY C 526 33.39 7.20 18.86
C GLY C 526 32.75 6.28 17.85
N ILE C 527 31.45 6.06 18.02
CA ILE C 527 30.66 5.21 17.14
C ILE C 527 29.60 6.07 16.48
N VAL C 528 29.58 6.07 15.15
CA VAL C 528 28.63 6.84 14.36
C VAL C 528 27.72 5.88 13.62
N CYS C 529 26.41 6.03 13.82
CA CYS C 529 25.45 5.19 13.14
C CYS C 529 24.96 5.85 11.86
N TYR C 530 24.88 5.07 10.79
CA TYR C 530 24.50 5.56 9.47
C TYR C 530 23.03 5.25 9.24
N ASP C 531 22.25 6.29 8.97
CA ASP C 531 20.88 6.31 8.49
C ASP C 531 19.86 5.89 9.56
N HIS C 532 20.28 5.39 10.71
CA HIS C 532 19.32 4.95 11.72
C HIS C 532 19.95 5.14 13.08
N GLN C 533 19.23 5.85 13.95
CA GLN C 533 19.73 6.22 15.26
C GLN C 533 19.09 5.32 16.31
N TYR C 534 19.87 4.39 16.84
CA TYR C 534 19.42 3.53 17.91
C TYR C 534 19.32 4.32 19.21
N ALA C 535 18.50 3.81 20.13
CA ALA C 535 18.57 4.27 21.50
C ALA C 535 19.92 3.88 22.08
N PRO C 536 20.48 4.69 22.98
CA PRO C 536 21.83 4.41 23.51
C PRO C 536 21.97 3.08 24.23
N GLU C 537 20.88 2.54 24.79
CA GLU C 537 20.96 1.22 25.40
C GLU C 537 20.98 0.12 24.35
N LEU C 538 20.52 0.42 23.14
CA LEU C 538 20.40 -0.62 22.12
C LEU C 538 21.60 -0.67 21.19
N VAL C 539 22.53 0.29 21.32
CA VAL C 539 23.68 0.34 20.42
C VAL C 539 24.59 -0.86 20.63
N SER C 540 24.80 -1.25 21.89
CA SER C 540 25.66 -2.39 22.19
C SER C 540 25.09 -3.68 21.63
N ASP C 541 23.78 -3.85 21.66
CA ASP C 541 23.17 -5.03 21.08
C ASP C 541 23.15 -4.96 19.56
N ALA C 542 23.08 -3.75 19.01
CA ALA C 542 22.99 -3.59 17.56
C ALA C 542 24.33 -3.84 16.89
N ILE C 543 25.43 -3.41 17.51
CA ILE C 543 26.73 -3.49 16.84
C ILE C 543 27.41 -4.82 17.14
N ASN C 544 26.90 -5.57 18.11
CA ASN C 544 27.58 -6.79 18.54
C ASN C 544 27.45 -7.88 17.48
N GLY C 545 28.59 -8.47 17.13
CA GLY C 545 28.63 -9.52 16.12
C GLY C 545 28.25 -9.06 14.74
N MET C 546 28.53 -7.80 14.41
CA MET C 546 28.17 -7.22 13.14
C MET C 546 29.38 -6.52 12.53
N VAL C 547 29.37 -6.43 11.20
CA VAL C 547 30.47 -5.79 10.48
C VAL C 547 30.32 -4.28 10.58
N MET C 548 31.39 -3.61 11.00
CA MET C 548 31.42 -2.16 11.10
C MET C 548 32.61 -1.63 10.32
N GLY C 549 32.47 -0.41 9.82
CA GLY C 549 33.56 0.23 9.09
C GLY C 549 34.49 0.98 10.02
N LEU C 550 35.77 1.01 9.67
CA LEU C 550 36.77 1.77 10.40
C LEU C 550 37.19 2.95 9.54
N VAL C 551 36.95 4.16 10.04
CA VAL C 551 37.07 5.38 9.25
C VAL C 551 38.12 6.28 9.88
N ARG C 552 39.08 6.71 9.07
CA ARG C 552 40.10 7.65 9.48
C ARG C 552 39.61 9.07 9.20
N ILE C 553 39.62 9.90 10.24
CA ILE C 553 39.22 11.30 10.14
C ILE C 553 40.45 12.13 9.79
N GLU C 554 40.62 12.45 8.51
CA GLU C 554 41.80 13.16 8.06
C GLU C 554 41.75 14.63 8.41
N LYS C 555 40.58 15.25 8.29
CA LYS C 555 40.40 16.67 8.57
C LYS C 555 39.37 16.86 9.67
N LYS C 556 39.53 17.95 10.44
CA LYS C 556 38.66 18.19 11.57
C LYS C 556 37.29 18.70 11.14
N GLU C 557 37.14 19.04 9.87
CA GLU C 557 35.87 19.60 9.40
C GLU C 557 34.80 18.53 9.28
N ALA C 558 35.21 17.25 9.25
CA ALA C 558 34.24 16.16 9.18
C ALA C 558 33.45 16.03 10.47
N LEU C 559 34.06 16.38 11.60
CA LEU C 559 33.41 16.18 12.90
C LEU C 559 32.55 17.37 13.28
N ARG C 560 32.58 18.44 12.49
CA ARG C 560 31.80 19.63 12.82
C ARG C 560 30.32 19.35 12.64
N GLY C 561 29.52 19.87 13.57
CA GLY C 561 28.11 19.56 13.62
C GLY C 561 27.77 18.29 14.38
N LEU C 562 28.77 17.57 14.86
CA LEU C 562 28.56 16.32 15.58
C LEU C 562 29.21 16.42 16.96
N ALA C 563 28.50 15.92 17.96
CA ALA C 563 28.93 16.00 19.36
C ALA C 563 29.79 14.79 19.69
N VAL C 564 31.09 14.95 19.61
CA VAL C 564 32.02 13.88 20.02
C VAL C 564 31.98 13.76 21.54
N PRO C 565 31.79 12.56 22.09
CA PRO C 565 31.75 12.42 23.56
C PRO C 565 33.09 12.75 24.19
N GLY C 566 33.04 13.33 25.39
CA GLY C 566 34.23 13.81 26.04
C GLY C 566 34.97 12.72 26.80
N ASP C 567 35.70 13.16 27.83
CA ASP C 567 36.47 12.28 28.68
C ASP C 567 35.55 11.34 29.45
N THR C 568 35.60 10.05 29.14
CA THR C 568 34.75 9.06 29.78
C THR C 568 35.53 8.31 30.86
N THR C 608 27.38 0.19 34.45
CA THR C 608 28.07 -0.06 33.20
C THR C 608 28.29 1.22 32.41
N PRO C 609 29.55 1.54 32.12
CA PRO C 609 29.85 2.71 31.28
C PRO C 609 29.27 2.55 29.88
N LEU C 610 28.81 3.66 29.32
CA LEU C 610 28.21 3.63 28.00
C LEU C 610 29.29 3.65 26.92
N LEU C 611 28.89 3.22 25.72
CA LEU C 611 29.80 3.28 24.59
C LEU C 611 30.03 4.74 24.18
N PRO C 612 31.20 5.07 23.63
CA PRO C 612 31.37 6.40 23.05
C PRO C 612 30.54 6.53 21.78
N LEU C 613 29.43 7.24 21.90
CA LEU C 613 28.46 7.32 20.81
C LEU C 613 28.36 8.76 20.35
N ILE C 614 28.59 8.99 19.07
CA ILE C 614 28.46 10.32 18.46
C ILE C 614 27.06 10.42 17.88
N PRO C 615 26.20 11.30 18.40
CA PRO C 615 24.85 11.44 17.84
C PRO C 615 24.90 12.04 16.44
N ASN C 616 24.12 11.46 15.53
CA ASN C 616 24.09 11.84 14.13
C ASN C 616 22.63 12.08 13.75
N PRO C 617 22.07 13.23 14.14
CA PRO C 617 20.62 13.45 13.94
C PRO C 617 20.18 13.45 12.48
N THR C 618 21.05 13.91 11.58
CA THR C 618 20.70 13.90 10.17
C THR C 618 20.76 12.49 9.59
N GLY C 619 21.59 11.63 10.18
CA GLY C 619 21.76 10.28 9.69
C GLY C 619 22.62 10.16 8.46
N SER C 620 23.19 11.26 7.98
CA SER C 620 23.99 11.22 6.79
C SER C 620 25.37 10.64 7.10
N PRO C 621 26.01 10.00 6.12
CA PRO C 621 27.38 9.53 6.33
C PRO C 621 28.38 10.67 6.47
N LEU C 622 29.57 10.32 6.94
CA LEU C 622 30.64 11.30 7.07
C LEU C 622 31.09 11.78 5.71
N SER C 623 31.67 12.98 5.68
CA SER C 623 32.02 13.60 4.42
C SER C 623 33.17 12.84 3.75
N PRO C 624 33.02 12.45 2.48
CA PRO C 624 34.09 11.69 1.81
C PRO C 624 35.38 12.48 1.65
N GLN C 625 35.31 13.79 1.49
CA GLN C 625 36.50 14.56 1.18
C GLN C 625 37.35 14.82 2.42
N TYR C 626 36.81 14.55 3.61
CA TYR C 626 37.59 14.69 4.83
C TYR C 626 37.85 13.38 5.56
N THR C 627 37.24 12.27 5.12
CA THR C 627 37.42 10.99 5.78
C THR C 627 37.90 9.96 4.76
N SER C 628 38.43 8.85 5.27
CA SER C 628 38.78 7.71 4.44
C SER C 628 38.42 6.43 5.18
N LEU C 629 38.43 5.32 4.46
CA LEU C 629 38.13 4.02 5.06
C LEU C 629 39.43 3.24 5.21
N VAL C 630 39.81 2.95 6.46
CA VAL C 630 40.94 2.07 6.70
C VAL C 630 40.60 0.63 6.33
N GLY C 631 39.43 0.17 6.75
CA GLY C 631 39.02 -1.19 6.48
C GLY C 631 37.75 -1.50 7.24
N LEU C 632 37.34 -2.76 7.17
CA LEU C 632 36.15 -3.25 7.85
C LEU C 632 36.57 -4.06 9.06
N VAL C 633 35.82 -3.94 10.16
CA VAL C 633 36.05 -4.72 11.36
C VAL C 633 34.79 -5.50 11.68
N LEU C 634 34.96 -6.54 12.48
CA LEU C 634 33.87 -7.36 12.96
C LEU C 634 33.92 -7.41 14.49
N ILE C 635 32.83 -7.02 15.14
CA ILE C 635 32.81 -6.89 16.59
C ILE C 635 32.74 -8.28 17.20
N ARG C 636 33.88 -8.74 17.73
CA ARG C 636 33.94 -10.02 18.42
C ARG C 636 33.10 -10.00 19.69
N GLY C 637 33.09 -8.89 20.41
CA GLY C 637 32.32 -8.79 21.64
C GLY C 637 32.42 -7.40 22.24
N VAL C 638 31.50 -7.11 23.14
CA VAL C 638 31.42 -5.82 23.82
C VAL C 638 31.49 -6.06 25.32
N SER C 639 32.49 -5.47 25.98
CA SER C 639 32.67 -5.62 27.43
C SER C 639 32.42 -4.27 28.08
N LEU C 640 31.27 -4.10 28.72
CA LEU C 640 30.91 -2.86 29.36
C LEU C 640 31.10 -2.89 30.87
N THR C 641 32.07 -3.66 31.36
CA THR C 641 32.37 -3.67 32.78
C THR C 641 32.99 -2.33 33.19
N ALA C 642 32.81 -1.96 34.46
CA ALA C 642 33.29 -0.67 34.93
C ALA C 642 34.81 -0.64 35.01
N SER C 643 35.44 -1.79 35.22
CA SER C 643 36.90 -1.83 35.35
C SER C 643 37.58 -1.58 34.02
N ASN C 644 37.08 -2.19 32.94
CA ASN C 644 37.69 -2.09 31.61
C ASN C 644 36.63 -2.15 30.54
N PRO C 645 36.05 -0.99 30.19
CA PRO C 645 35.14 -0.96 29.03
C PRO C 645 35.91 -1.07 27.73
N GLU C 646 35.59 -2.05 26.90
CA GLU C 646 36.35 -2.26 25.68
C GLU C 646 35.51 -3.00 24.64
N LEU C 647 36.00 -2.96 23.42
CA LEU C 647 35.46 -3.73 22.31
C LEU C 647 36.50 -4.74 21.86
N HIS C 648 36.11 -6.01 21.79
CA HIS C 648 36.92 -7.01 21.14
C HIS C 648 36.46 -7.08 19.68
N LEU C 649 37.40 -6.93 18.76
CA LEU C 649 37.04 -6.97 17.34
C LEU C 649 38.14 -7.61 16.52
N LEU C 650 37.75 -8.12 15.36
CA LEU C 650 38.63 -8.81 14.43
C LEU C 650 38.69 -8.03 13.12
N THR C 651 39.89 -7.88 12.56
CA THR C 651 40.04 -7.19 11.30
C THR C 651 41.22 -7.76 10.51
N PRO C 652 41.17 -7.72 9.18
CA PRO C 652 42.34 -8.16 8.40
C PRO C 652 43.37 -7.05 8.18
N VAL C 653 43.13 -5.88 8.74
CA VAL C 653 44.09 -4.77 8.62
C VAL C 653 45.37 -5.12 9.36
N PRO C 654 46.55 -4.90 8.79
CA PRO C 654 47.78 -5.30 9.47
C PRO C 654 47.99 -4.49 10.74
N PRO C 655 48.67 -5.06 11.73
CA PRO C 655 48.89 -4.32 13.00
C PRO C 655 49.69 -3.04 12.86
N SER C 656 50.59 -2.97 11.88
CA SER C 656 51.37 -1.75 11.68
C SER C 656 50.47 -0.59 11.24
N VAL C 657 49.51 -0.86 10.37
CA VAL C 657 48.57 0.16 9.93
C VAL C 657 47.69 0.62 11.08
N LEU C 658 47.21 -0.33 11.90
CA LEU C 658 46.35 0.01 13.03
C LEU C 658 47.12 0.81 14.08
N HIS C 659 48.39 0.47 14.31
CA HIS C 659 49.18 1.19 15.29
C HIS C 659 49.74 2.50 14.76
N SER C 660 49.70 2.72 13.45
CA SER C 660 50.13 4.01 12.91
C SER C 660 49.14 5.12 13.28
N PHE C 661 47.85 4.81 13.30
CA PHE C 661 46.85 5.84 13.57
C PHE C 661 46.72 6.11 15.06
N ARG C 662 46.40 7.35 15.39
CA ARG C 662 46.09 7.75 16.75
C ARG C 662 44.62 7.46 17.05
N GLY C 663 44.28 7.41 18.34
CA GLY C 663 42.93 7.04 18.74
C GLY C 663 41.89 8.08 18.34
N ASP C 664 42.27 9.35 18.31
CA ASP C 664 41.31 10.39 17.99
C ASP C 664 41.06 10.50 16.49
N GLU C 665 41.84 9.79 15.68
CA GLU C 665 41.61 9.81 14.24
C GLU C 665 40.62 8.74 13.81
N LEU C 666 40.48 7.68 14.61
CA LEU C 666 39.69 6.53 14.20
C LEU C 666 38.26 6.64 14.71
N VAL C 667 37.31 6.30 13.84
CA VAL C 667 35.89 6.30 14.16
C VAL C 667 35.28 5.01 13.65
N LEU C 668 34.51 4.34 14.50
CA LEU C 668 33.78 3.14 14.12
C LEU C 668 32.41 3.56 13.58
N VAL C 669 32.01 2.94 12.47
CA VAL C 669 30.81 3.32 11.74
C VAL C 669 29.90 2.10 11.63
N ALA C 670 28.66 2.26 12.10
CA ALA C 670 27.65 1.23 11.96
C ALA C 670 26.73 1.56 10.80
N GLY C 671 26.47 0.58 9.96
CA GLY C 671 25.66 0.78 8.78
C GLY C 671 24.76 -0.40 8.52
N LYS C 672 24.50 -0.63 7.24
CA LYS C 672 23.62 -1.70 6.80
C LYS C 672 24.38 -2.77 6.01
N PHE C 673 25.56 -3.15 6.50
CA PHE C 673 26.20 -4.36 6.01
C PHE C 673 25.36 -5.56 6.39
N ASP C 674 25.45 -6.63 5.59
CA ASP C 674 24.76 -7.86 5.93
C ASP C 674 25.35 -8.46 7.21
N ALA C 675 24.50 -9.16 7.96
CA ALA C 675 24.94 -9.77 9.19
C ALA C 675 25.89 -10.93 8.90
N PRO C 676 27.08 -10.95 9.49
CA PRO C 676 28.07 -12.00 9.17
C PRO C 676 27.70 -13.33 9.81
N THR C 677 26.67 -13.97 9.25
CA THR C 677 26.18 -15.22 9.79
C THR C 677 27.13 -16.39 9.54
N TRP C 678 28.06 -16.22 8.59
CA TRP C 678 29.09 -17.24 8.37
C TRP C 678 30.01 -17.35 9.58
N ALA C 679 30.31 -16.22 10.22
CA ALA C 679 31.28 -16.20 11.32
C ALA C 679 30.71 -16.89 12.55
N TYR C 680 29.39 -16.93 12.69
CA TYR C 680 28.78 -17.51 13.87
C TYR C 680 28.92 -19.02 13.88
N VAL C 681 28.68 -19.65 12.73
CA VAL C 681 28.75 -21.11 12.62
C VAL C 681 30.05 -21.60 12.02
N GLU C 682 31.01 -20.69 11.78
CA GLU C 682 32.33 -21.08 11.30
C GLU C 682 33.04 -22.01 12.26
N GLY C 683 32.96 -21.73 13.57
CA GLY C 683 33.58 -22.61 14.55
C GLY C 683 32.91 -23.97 14.62
N LEU C 684 31.58 -24.00 14.50
CA LEU C 684 30.86 -25.27 14.50
C LEU C 684 31.22 -26.11 13.29
N TYR C 685 31.31 -25.49 12.11
CA TYR C 685 31.71 -26.20 10.91
C TYR C 685 33.14 -26.73 11.03
N TRP C 686 34.04 -25.92 11.60
CA TRP C 686 35.42 -26.36 11.78
C TRP C 686 35.50 -27.54 12.73
N LYS C 687 34.75 -27.49 13.84
CA LYS C 687 34.75 -28.60 14.81
C LYS C 687 34.15 -29.86 14.19
N SER C 688 33.08 -29.72 13.41
CA SER C 688 32.46 -30.86 12.76
C SER C 688 33.40 -31.50 11.74
N ASN C 689 34.13 -30.68 10.99
CA ASN C 689 35.08 -31.23 10.02
C ASN C 689 36.28 -31.86 10.70
N SER C 690 36.70 -31.31 11.84
CA SER C 690 37.82 -31.90 12.57
C SER C 690 37.44 -33.20 13.24
N LYS C 691 36.18 -33.34 13.65
CA LYS C 691 35.73 -34.57 14.28
C LYS C 691 35.73 -35.74 13.30
N ALA C 692 35.34 -35.50 12.06
CA ALA C 692 35.34 -36.55 11.05
C ALA C 692 36.75 -36.86 10.55
N ASP C 718 26.92 -26.10 24.29
CA ASP C 718 26.86 -24.68 24.64
C ASP C 718 26.00 -23.98 23.58
N GLU C 719 25.48 -22.80 23.91
CA GLU C 719 24.60 -22.06 23.03
C GLU C 719 25.41 -20.96 22.33
N VAL C 720 25.37 -20.95 21.01
CA VAL C 720 26.02 -19.94 20.19
C VAL C 720 25.03 -18.81 19.98
N PRO C 721 25.42 -17.55 20.22
CA PRO C 721 24.48 -16.43 20.01
C PRO C 721 24.06 -16.31 18.56
N TRP C 722 22.79 -15.94 18.37
CA TRP C 722 22.12 -15.68 17.09
C TRP C 722 22.00 -16.92 16.21
N VAL C 723 22.22 -18.12 16.74
CA VAL C 723 22.11 -19.36 15.98
C VAL C 723 21.23 -20.32 16.77
N GLU C 724 20.22 -20.89 16.09
CA GLU C 724 19.44 -22.00 16.62
C GLU C 724 19.66 -23.21 15.72
N MET C 725 19.73 -24.38 16.34
CA MET C 725 20.14 -25.60 15.65
C MET C 725 18.97 -26.57 15.53
N LEU C 726 18.78 -27.12 14.34
CA LEU C 726 17.79 -28.18 14.15
C LEU C 726 18.44 -29.55 14.33
N HIS C 727 17.65 -30.48 14.85
CA HIS C 727 18.11 -31.85 15.04
C HIS C 727 17.00 -32.84 14.72
N MET D 1 22.00 -34.37 9.16
CA MET D 1 22.91 -33.23 9.29
C MET D 1 22.33 -32.17 10.23
N VAL D 2 23.07 -31.08 10.40
CA VAL D 2 22.66 -29.97 11.26
C VAL D 2 22.46 -28.74 10.40
N GLN D 3 21.30 -28.11 10.53
CA GLN D 3 20.96 -26.90 9.78
C GLN D 3 20.84 -25.74 10.76
N TYR D 4 21.30 -24.57 10.34
CA TYR D 4 21.36 -23.39 11.19
C TYR D 4 20.39 -22.33 10.68
N ILE D 5 19.56 -21.81 11.57
CA ILE D 5 18.73 -20.64 11.31
C ILE D 5 19.26 -19.51 12.17
N PHE D 6 19.55 -18.37 11.55
CA PHE D 6 20.14 -17.24 12.22
C PHE D 6 19.05 -16.26 12.63
N THR D 7 19.06 -15.86 13.90
CA THR D 7 18.01 -15.05 14.48
C THR D 7 18.57 -13.73 14.96
N PRO D 8 17.81 -12.63 14.87
CA PRO D 8 18.29 -11.36 15.42
C PRO D 8 18.48 -11.37 16.93
N TRP D 9 17.69 -12.16 17.65
CA TRP D 9 17.87 -12.28 19.10
C TRP D 9 19.02 -13.24 19.39
N ARG D 10 19.70 -13.00 20.52
CA ARG D 10 20.84 -13.83 20.88
C ARG D 10 20.42 -15.25 21.23
N ASN D 11 19.32 -15.40 21.96
CA ASN D 11 18.83 -16.70 22.38
C ASN D 11 17.31 -16.66 22.43
N ARG D 12 16.72 -17.82 22.70
CA ARG D 12 15.27 -17.91 22.73
C ARG D 12 14.69 -17.22 23.96
N ALA D 13 15.50 -17.05 25.01
CA ALA D 13 15.05 -16.35 26.21
C ALA D 13 14.75 -14.89 25.92
N GLU D 14 15.54 -14.26 25.04
CA GLU D 14 15.27 -12.88 24.63
C GLU D 14 13.94 -12.78 23.88
N LEU D 15 13.68 -13.74 22.98
CA LEU D 15 12.43 -13.74 22.24
C LEU D 15 11.23 -13.97 23.17
N LEU D 16 11.37 -14.87 24.14
CA LEU D 16 10.28 -15.11 25.07
C LEU D 16 10.05 -13.94 26.01
N ALA D 17 11.11 -13.22 26.40
CA ALA D 17 10.94 -11.99 27.17
C ALA D 17 10.21 -10.91 26.36
N VAL D 18 10.55 -10.79 25.07
CA VAL D 18 9.86 -9.83 24.22
C VAL D 18 8.40 -10.22 24.02
N ARG D 19 8.13 -11.53 23.94
CA ARG D 19 6.75 -12.01 23.89
C ARG D 19 6.00 -11.66 25.17
N ALA D 20 6.65 -11.80 26.32
CA ALA D 20 6.03 -11.44 27.58
C ALA D 20 5.76 -9.94 27.67
N GLN D 21 6.61 -9.13 27.04
CA GLN D 21 6.41 -7.68 27.08
C GLN D 21 5.29 -7.24 26.13
N PHE D 22 5.19 -7.85 24.94
CA PHE D 22 4.00 -7.66 24.10
C PHE D 22 2.72 -8.15 24.76
N TYR D 23 2.76 -9.30 25.42
CA TYR D 23 1.53 -9.94 25.92
C TYR D 23 1.66 -10.18 27.42
N PRO D 24 1.45 -9.16 28.24
CA PRO D 24 1.51 -9.38 29.69
C PRO D 24 0.33 -10.16 30.22
N GLU D 25 -0.83 -10.07 29.58
CA GLU D 25 -2.03 -10.72 30.11
C GLU D 25 -2.02 -12.22 29.86
N HIS D 26 -1.48 -12.64 28.71
CA HIS D 26 -1.42 -14.08 28.43
C HIS D 26 -0.30 -14.75 29.21
N THR D 27 0.85 -14.08 29.35
CA THR D 27 2.01 -14.72 29.96
C THR D 27 1.90 -14.78 31.47
N SER D 28 1.28 -13.78 32.09
CA SER D 28 1.10 -13.79 33.54
C SER D 28 0.00 -14.76 33.95
N SER D 38 -6.00 -1.65 36.14
CA SER D 38 -5.62 -1.97 37.51
C SER D 38 -4.93 -0.79 38.18
N THR D 39 -3.84 -1.08 38.88
CA THR D 39 -3.06 -0.04 39.52
C THR D 39 -2.34 0.81 38.47
N PHE D 40 -2.19 2.11 38.77
CA PHE D 40 -1.54 3.02 37.84
C PHE D 40 -0.07 2.66 37.64
N GLN D 41 0.60 2.20 38.70
CA GLN D 41 1.98 1.76 38.57
C GLN D 41 2.09 0.54 37.66
N ASP D 42 1.13 -0.38 37.75
CA ASP D 42 1.11 -1.53 36.86
C ASP D 42 0.90 -1.12 35.40
N ASP D 43 0.01 -0.14 35.17
CA ASP D 43 -0.22 0.34 33.81
C ASP D 43 1.01 1.03 33.24
N GLU D 44 1.68 1.84 34.06
CA GLU D 44 2.90 2.50 33.60
C GLU D 44 4.02 1.49 33.33
N HIS D 45 4.11 0.46 34.17
CA HIS D 45 5.10 -0.60 33.94
C HIS D 45 4.81 -1.36 32.65
N ILE D 46 3.53 -1.64 32.39
CA ILE D 46 3.15 -2.35 31.17
C ILE D 46 3.48 -1.51 29.94
N ARG D 47 3.19 -0.20 30.00
CA ARG D 47 3.50 0.68 28.88
C ARG D 47 5.01 0.79 28.65
N SER D 48 5.79 0.87 29.72
CA SER D 48 7.25 0.97 29.58
C SER D 48 7.83 -0.31 29.01
N GLU D 49 7.34 -1.47 29.46
CA GLU D 49 7.83 -2.74 28.93
C GLU D 49 7.45 -2.90 27.46
N LYS D 50 6.25 -2.46 27.08
CA LYS D 50 5.86 -2.52 25.67
C LYS D 50 6.73 -1.62 24.82
N GLN D 51 7.07 -0.43 25.32
CA GLN D 51 7.97 0.47 24.59
C GLN D 51 9.36 -0.16 24.44
N LYS D 52 9.87 -0.79 25.50
CA LYS D 52 11.16 -1.47 25.44
C LYS D 52 11.14 -2.59 24.40
N ALA D 53 10.05 -3.34 24.34
CA ALA D 53 9.95 -4.44 23.39
C ALA D 53 9.88 -3.95 21.96
N VAL D 54 9.14 -2.87 21.70
CA VAL D 54 9.05 -2.33 20.35
C VAL D 54 10.41 -1.77 19.91
N ALA D 55 11.14 -1.16 20.84
CA ALA D 55 12.49 -0.70 20.52
C ALA D 55 13.43 -1.88 20.21
N ARG D 56 13.29 -2.98 20.95
CA ARG D 56 14.09 -4.17 20.66
C ARG D 56 13.76 -4.74 19.29
N VAL D 57 12.49 -4.74 18.90
CA VAL D 57 12.14 -5.28 17.58
C VAL D 57 12.60 -4.33 16.48
N SER D 58 12.66 -3.03 16.76
CA SER D 58 13.27 -2.10 15.80
C SER D 58 14.75 -2.41 15.60
N MET D 59 15.47 -2.70 16.69
CA MET D 59 16.86 -3.13 16.58
C MET D 59 16.98 -4.44 15.81
N TRP D 60 16.05 -5.37 16.05
CA TRP D 60 16.06 -6.66 15.36
C TRP D 60 15.84 -6.49 13.86
N MET D 61 14.95 -5.59 13.47
CA MET D 61 14.73 -5.32 12.05
C MET D 61 15.94 -4.64 11.44
N GLN D 62 16.65 -3.84 12.22
CA GLN D 62 17.90 -3.27 11.74
C GLN D 62 18.96 -4.36 11.52
N ARG D 63 19.01 -5.35 12.42
CA ARG D 63 19.98 -6.44 12.26
C ARG D 63 19.65 -7.31 11.05
N GLY D 64 18.38 -7.63 10.85
CA GLY D 64 17.99 -8.46 9.74
C GLY D 64 17.61 -9.86 10.18
N GLY D 65 16.78 -10.51 9.40
CA GLY D 65 16.31 -11.84 9.71
C GLY D 65 15.14 -11.91 10.65
N CYS D 66 14.55 -10.77 11.00
CA CYS D 66 13.39 -10.77 11.88
C CYS D 66 12.16 -11.28 11.14
N PRO D 67 11.34 -12.12 11.75
CA PRO D 67 10.12 -12.60 11.09
C PRO D 67 9.12 -11.47 10.89
N HIS D 68 8.21 -11.69 9.95
CA HIS D 68 7.21 -10.67 9.63
C HIS D 68 6.20 -10.50 10.76
N MET D 69 5.89 -11.59 11.48
CA MET D 69 4.91 -11.50 12.54
C MET D 69 5.40 -10.66 13.72
N VAL D 70 6.70 -10.74 14.02
CA VAL D 70 7.28 -9.92 15.08
C VAL D 70 7.21 -8.44 14.71
N GLU D 71 7.54 -8.11 13.46
CA GLU D 71 7.47 -6.74 12.99
C GLU D 71 6.03 -6.21 13.00
N SER D 72 5.08 -7.05 12.58
CA SER D 72 3.67 -6.65 12.60
C SER D 72 3.17 -6.42 14.02
N THR D 73 3.58 -7.28 14.95
CA THR D 73 3.19 -7.10 16.35
C THR D 73 3.78 -5.81 16.92
N ALA D 74 5.05 -5.53 16.60
CA ALA D 74 5.67 -4.30 17.08
C ALA D 74 4.99 -3.07 16.50
N LEU D 75 4.63 -3.12 15.22
CA LEU D 75 3.94 -2.00 14.59
C LEU D 75 2.57 -1.76 15.20
N LEU D 76 1.80 -2.83 15.43
CA LEU D 76 0.48 -2.67 16.02
C LEU D 76 0.56 -2.19 17.47
N VAL D 77 1.52 -2.72 18.24
CA VAL D 77 1.68 -2.30 19.62
C VAL D 77 2.15 -0.84 19.69
N ALA D 78 3.01 -0.43 18.75
CA ALA D 78 3.44 0.97 18.69
C ALA D 78 2.29 1.90 18.34
N ALA D 79 1.42 1.48 17.42
CA ALA D 79 0.24 2.28 17.09
C ALA D 79 -0.70 2.39 18.29
N ILE D 80 -0.90 1.30 19.01
CA ILE D 80 -1.74 1.30 20.20
C ILE D 80 -1.14 2.19 21.29
N LEU D 81 0.18 2.15 21.45
CA LEU D 81 0.84 2.98 22.44
C LEU D 81 0.75 4.46 22.10
N SER D 82 0.88 4.80 20.81
CA SER D 82 0.74 6.19 20.40
C SER D 82 -0.71 6.66 20.55
N ASP D 83 -1.66 5.75 20.39
CA ASP D 83 -3.06 6.10 20.63
C ASP D 83 -3.28 6.36 22.11
N GLU D 84 -2.75 5.49 22.98
CA GLU D 84 -3.05 5.56 24.40
C GLU D 84 -2.32 6.71 25.08
N ALA D 85 -1.11 7.03 24.60
CA ALA D 85 -0.31 8.07 25.25
C ALA D 85 -0.94 9.45 25.07
N GLN D 86 -1.28 9.80 23.84
CA GLN D 86 -1.94 11.07 23.57
C GLN D 86 -2.65 10.95 22.23
N GLY D 87 -3.96 11.20 22.25
CA GLY D 87 -4.73 11.22 21.03
C GLY D 87 -4.61 12.56 20.35
N SER D 88 -4.46 12.54 19.02
CA SER D 88 -4.32 13.77 18.24
C SER D 88 -5.71 14.37 17.96
N GLY D 89 -6.40 14.72 19.03
CA GLY D 89 -7.70 15.35 18.89
C GLY D 89 -7.61 16.73 18.28
N ALA D 90 -6.54 17.46 18.61
CA ALA D 90 -6.29 18.75 17.96
C ALA D 90 -5.98 18.57 16.48
N ALA D 91 -5.24 17.51 16.14
CA ALA D 91 -4.86 17.28 14.75
C ALA D 91 -5.82 16.35 14.03
N GLY D 92 -6.92 15.96 14.66
CA GLY D 92 -7.89 15.11 14.00
C GLY D 92 -7.51 13.65 13.94
N GLY D 93 -6.36 13.26 14.48
CA GLY D 93 -6.01 11.86 14.60
C GLY D 93 -5.36 11.23 13.40
N TYR D 94 -4.97 12.00 12.39
CA TYR D 94 -4.21 11.43 11.27
C TYR D 94 -2.86 10.87 11.69
N ALA D 95 -2.28 11.37 12.78
CA ALA D 95 -1.07 10.74 13.29
C ALA D 95 -1.37 9.32 13.77
N VAL D 96 -2.38 9.18 14.61
CA VAL D 96 -2.72 7.88 15.18
C VAL D 96 -3.33 6.96 14.11
N ARG D 97 -4.25 7.50 13.31
CA ARG D 97 -4.88 6.70 12.26
C ARG D 97 -3.87 6.32 11.18
N ALA D 98 -2.90 7.18 10.90
CA ALA D 98 -1.86 6.84 9.94
C ALA D 98 -0.93 5.77 10.48
N ALA D 99 -0.62 5.81 11.78
CA ALA D 99 0.18 4.75 12.38
C ALA D 99 -0.54 3.42 12.30
N TYR D 100 -1.84 3.40 12.60
CA TYR D 100 -2.65 2.19 12.47
C TYR D 100 -2.68 1.70 11.04
N SER D 101 -2.87 2.62 10.09
CA SER D 101 -3.00 2.24 8.68
C SER D 101 -1.70 1.69 8.12
N ALA D 102 -0.56 2.25 8.49
CA ALA D 102 0.71 1.70 8.05
C ALA D 102 0.99 0.34 8.68
N ALA D 103 0.61 0.17 9.95
CA ALA D 103 0.75 -1.14 10.59
C ALA D 103 -0.08 -2.20 9.87
N PHE D 104 -1.31 -1.86 9.50
CA PHE D 104 -2.17 -2.81 8.81
C PHE D 104 -1.70 -3.06 7.39
N SER D 105 -1.19 -2.03 6.71
CA SER D 105 -0.66 -2.21 5.36
C SER D 105 0.52 -3.16 5.36
N ARG D 106 1.47 -2.97 6.28
CA ARG D 106 2.60 -3.87 6.39
C ARG D 106 2.17 -5.27 6.76
N PHE D 107 1.24 -5.41 7.71
CA PHE D 107 0.81 -6.72 8.19
C PHE D 107 0.12 -7.52 7.09
N VAL D 108 -0.89 -6.93 6.45
CA VAL D 108 -1.63 -7.64 5.42
C VAL D 108 -0.77 -7.88 4.19
N THR D 109 0.05 -6.90 3.79
CA THR D 109 0.90 -7.06 2.62
C THR D 109 1.94 -8.17 2.83
N GLY D 110 2.55 -8.22 4.01
CA GLY D 110 3.51 -9.28 4.28
C GLY D 110 2.88 -10.65 4.33
N LEU D 111 1.71 -10.77 4.98
CA LEU D 111 1.05 -12.07 5.05
C LEU D 111 0.63 -12.57 3.66
N LEU D 112 0.01 -11.69 2.86
CA LEU D 112 -0.43 -12.08 1.53
C LEU D 112 0.76 -12.37 0.61
N ASP D 113 1.83 -11.59 0.69
CA ASP D 113 2.99 -11.84 -0.16
C ASP D 113 3.71 -13.12 0.24
N SER D 114 3.67 -13.47 1.53
CA SER D 114 4.27 -14.72 1.97
C SER D 114 3.46 -15.91 1.48
N HIS D 115 2.13 -15.81 1.51
CA HIS D 115 1.32 -17.01 1.27
C HIS D 115 0.74 -17.04 -0.15
N GLN D 116 1.11 -16.10 -1.01
CA GLN D 116 0.61 -16.14 -2.38
C GLN D 116 1.45 -17.08 -3.23
N ASP D 117 0.86 -17.57 -4.31
CA ASP D 117 1.52 -18.42 -5.29
C ASP D 117 1.47 -17.76 -6.65
N LYS D 118 2.63 -17.66 -7.30
CA LYS D 118 2.68 -17.01 -8.62
C LYS D 118 2.16 -17.93 -9.71
N GLN D 119 2.16 -19.24 -9.45
CA GLN D 119 1.73 -20.20 -10.48
C GLN D 119 0.22 -20.12 -10.72
N ARG D 120 -0.56 -19.98 -9.65
CA ARG D 120 -2.01 -19.94 -9.74
C ARG D 120 -2.50 -18.52 -9.47
N LYS D 121 -3.38 -18.03 -10.33
CA LYS D 121 -3.95 -16.71 -10.12
C LYS D 121 -4.88 -16.71 -8.92
N GLN D 122 -4.47 -16.01 -7.86
CA GLN D 122 -5.20 -15.99 -6.61
C GLN D 122 -5.64 -14.56 -6.30
N SER D 123 -6.92 -14.39 -6.01
CA SER D 123 -7.40 -13.12 -5.49
C SER D 123 -6.90 -12.93 -4.06
N MET D 124 -6.81 -11.67 -3.64
CA MET D 124 -6.31 -11.37 -2.30
C MET D 124 -7.25 -11.90 -1.23
N TYR D 125 -8.55 -11.95 -1.52
CA TYR D 125 -9.50 -12.53 -0.58
C TYR D 125 -9.34 -14.04 -0.51
N ASP D 126 -8.97 -14.66 -1.63
CA ASP D 126 -8.70 -16.10 -1.62
C ASP D 126 -7.49 -16.45 -0.78
N VAL D 127 -6.42 -15.64 -0.88
CA VAL D 127 -5.25 -15.84 -0.03
C VAL D 127 -5.60 -15.59 1.43
N ALA D 128 -6.43 -14.58 1.69
CA ALA D 128 -6.86 -14.30 3.06
C ALA D 128 -7.67 -15.45 3.63
N LYS D 129 -8.51 -16.09 2.81
CA LYS D 129 -9.26 -17.25 3.26
C LYS D 129 -8.33 -18.45 3.48
N ALA D 130 -7.31 -18.60 2.62
CA ALA D 130 -6.37 -19.70 2.77
C ALA D 130 -5.55 -19.59 4.05
N VAL D 131 -5.12 -18.37 4.39
CA VAL D 131 -4.36 -18.15 5.62
C VAL D 131 -5.27 -18.34 6.83
N GLY D 132 -6.52 -17.89 6.73
CA GLY D 132 -7.39 -17.76 7.87
C GLY D 132 -7.54 -16.35 8.36
N LEU D 133 -6.92 -15.39 7.69
CA LEU D 133 -7.06 -13.99 8.05
C LEU D 133 -8.47 -13.51 7.74
N PRO D 134 -9.11 -12.77 8.65
CA PRO D 134 -10.39 -12.15 8.33
C PRO D 134 -10.26 -11.14 7.20
N ALA D 135 -11.32 -11.05 6.40
CA ALA D 135 -11.28 -10.18 5.22
C ALA D 135 -11.44 -8.71 5.61
N ALA D 136 -11.79 -8.45 6.87
CA ALA D 136 -11.90 -7.08 7.36
C ALA D 136 -10.55 -6.38 7.31
N PHE D 137 -9.47 -7.10 7.63
CA PHE D 137 -8.14 -6.52 7.57
C PHE D 137 -7.73 -6.19 6.15
N VAL D 138 -8.08 -7.06 5.19
CA VAL D 138 -7.75 -6.81 3.79
C VAL D 138 -8.52 -5.61 3.26
N GLU D 139 -9.81 -5.52 3.61
CA GLU D 139 -10.62 -4.38 3.20
C GLU D 139 -10.13 -3.09 3.86
N LEU D 140 -9.66 -3.19 5.10
CA LEU D 140 -9.12 -2.03 5.79
C LEU D 140 -7.82 -1.56 5.14
N ARG D 141 -6.98 -2.52 4.71
CA ARG D 141 -5.76 -2.17 3.98
C ARG D 141 -6.10 -1.48 2.67
N HIS D 142 -7.08 -2.00 1.93
CA HIS D 142 -7.46 -1.40 0.65
C HIS D 142 -8.05 -0.01 0.85
N GLN D 143 -8.86 0.18 1.89
CA GLN D 143 -9.42 1.50 2.15
C GLN D 143 -8.35 2.49 2.58
N ALA D 144 -7.38 2.05 3.39
CA ALA D 144 -6.30 2.93 3.81
C ALA D 144 -5.40 3.29 2.63
N THR D 145 -5.27 2.38 1.66
CA THR D 145 -4.39 2.67 0.53
C THR D 145 -5.07 3.52 -0.53
N HIS D 146 -6.17 3.04 -1.10
CA HIS D 146 -6.78 3.68 -2.27
C HIS D 146 -7.91 4.65 -1.92
N GLU D 147 -8.34 4.69 -0.66
CA GLU D 147 -9.37 5.63 -0.24
C GLU D 147 -8.83 6.41 0.95
N GLN D 148 -9.71 7.15 1.61
CA GLN D 148 -9.32 7.87 2.81
C GLN D 148 -9.03 6.89 3.94
N LEU D 149 -8.32 7.37 4.97
CA LEU D 149 -7.94 6.56 6.12
C LEU D 149 -9.18 6.08 6.85
N PRO D 150 -9.18 4.85 7.35
CA PRO D 150 -10.30 4.37 8.16
C PRO D 150 -10.39 5.13 9.48
N SER D 151 -11.58 5.11 10.07
CA SER D 151 -11.82 5.86 11.29
C SER D 151 -11.07 5.24 12.47
N LEU D 152 -10.91 6.05 13.52
CA LEU D 152 -10.04 5.65 14.63
C LEU D 152 -10.63 4.50 15.42
N THR D 153 -11.96 4.46 15.57
CA THR D 153 -12.59 3.38 16.33
C THR D 153 -12.45 2.04 15.61
N ARG D 154 -12.64 2.04 14.30
CA ARG D 154 -12.45 0.84 13.50
C ARG D 154 -11.01 0.36 13.56
N LEU D 155 -10.06 1.30 13.51
CA LEU D 155 -8.65 0.94 13.56
C LEU D 155 -8.27 0.38 14.92
N ARG D 156 -8.84 0.94 16.00
CA ARG D 156 -8.60 0.38 17.34
C ARG D 156 -9.12 -1.04 17.48
N SER D 157 -10.37 -1.26 17.07
CA SER D 157 -10.97 -2.60 17.21
C SER D 157 -10.24 -3.61 16.34
N ALA D 158 -9.89 -3.23 15.11
CA ALA D 158 -9.18 -4.13 14.22
C ALA D 158 -7.77 -4.39 14.71
N ALA D 159 -7.15 -3.40 15.37
CA ALA D 159 -5.80 -3.60 15.90
C ALA D 159 -5.80 -4.59 17.05
N ARG D 160 -6.80 -4.50 17.93
CA ARG D 160 -6.89 -5.47 19.02
C ARG D 160 -7.17 -6.88 18.48
N ARG D 161 -8.07 -6.99 17.50
CA ARG D 161 -8.35 -8.29 16.91
C ARG D 161 -7.14 -8.84 16.17
N ALA D 162 -6.38 -7.96 15.51
CA ALA D 162 -5.19 -8.40 14.79
C ALA D 162 -4.10 -8.86 15.75
N LEU D 163 -3.96 -8.18 16.89
CA LEU D 163 -2.97 -8.62 17.88
C LEU D 163 -3.34 -9.99 18.45
N GLU D 164 -4.64 -10.21 18.69
CA GLU D 164 -5.07 -11.55 19.14
C GLU D 164 -4.84 -12.60 18.07
N TRP D 165 -5.07 -12.25 16.80
CA TRP D 165 -4.83 -13.18 15.70
C TRP D 165 -3.36 -13.53 15.57
N ILE D 166 -2.46 -12.55 15.74
CA ILE D 166 -1.04 -12.83 15.67
C ILE D 166 -0.58 -13.67 16.85
N TRP D 167 -1.18 -13.44 18.03
CA TRP D 167 -0.87 -14.28 19.18
C TRP D 167 -1.25 -15.74 18.92
N TRP D 168 -2.44 -15.97 18.35
CA TRP D 168 -2.86 -17.34 18.09
C TRP D 168 -2.10 -17.94 16.91
N TYR D 169 -1.59 -17.09 16.01
CA TYR D 169 -0.91 -17.59 14.82
C TYR D 169 0.55 -17.91 15.11
N TYR D 170 1.27 -16.98 15.73
CA TYR D 170 2.72 -17.07 15.83
C TYR D 170 3.23 -17.19 17.26
N TRP D 171 2.80 -16.32 18.16
CA TRP D 171 3.49 -16.16 19.43
C TRP D 171 3.23 -17.31 20.39
N LYS D 172 2.08 -17.97 20.26
CA LYS D 172 1.76 -19.04 21.19
C LYS D 172 2.61 -20.28 20.95
N GLY D 173 3.04 -20.50 19.71
CA GLY D 173 3.72 -21.73 19.38
C GLY D 173 5.21 -21.70 19.69
N LEU D 174 5.71 -20.56 20.17
CA LEU D 174 7.15 -20.45 20.44
C LEU D 174 7.54 -21.29 21.65
N GLY D 175 6.70 -21.35 22.67
CA GLY D 175 6.99 -22.14 23.83
C GLY D 175 5.82 -22.23 24.79
N PRO D 176 5.97 -23.02 25.84
CA PRO D 176 4.95 -23.06 26.89
C PRO D 176 4.85 -21.72 27.61
N VAL D 177 3.63 -21.37 27.99
CA VAL D 177 3.32 -20.09 28.61
C VAL D 177 3.29 -20.27 30.12
N ASP D 178 4.17 -19.56 30.81
CA ASP D 178 4.25 -19.65 32.27
C ASP D 178 4.03 -18.29 32.92
N GLN D 344 50.37 3.50 21.91
CA GLN D 344 49.50 2.58 21.19
C GLN D 344 48.70 1.71 22.15
N SER D 345 48.39 2.28 23.32
CA SER D 345 47.62 1.54 24.31
C SER D 345 46.14 1.47 23.98
N GLY D 346 45.68 2.24 22.99
CA GLY D 346 44.29 2.18 22.59
C GLY D 346 43.91 0.84 21.97
N TRP D 347 44.77 0.33 21.09
CA TRP D 347 44.54 -0.96 20.44
C TRP D 347 45.59 -1.94 20.93
N VAL D 348 45.16 -2.95 21.66
CA VAL D 348 46.04 -3.98 22.21
C VAL D 348 45.56 -5.33 21.70
N LEU D 349 46.48 -6.11 21.11
CA LEU D 349 46.16 -7.49 20.79
C LEU D 349 46.01 -8.29 22.08
N TYR D 350 44.98 -9.13 22.14
CA TYR D 350 44.68 -9.84 23.37
C TYR D 350 45.69 -10.97 23.56
N ASP D 351 46.06 -11.22 24.80
CA ASP D 351 47.19 -12.10 25.09
C ASP D 351 46.87 -13.54 24.72
N GLU D 352 47.83 -14.21 24.07
CA GLU D 352 47.58 -15.54 23.53
C GLU D 352 47.54 -16.59 24.62
N LYS D 353 48.17 -16.32 25.77
CA LYS D 353 48.13 -17.27 26.87
C LYS D 353 46.77 -17.27 27.55
N GLU D 354 46.17 -16.08 27.69
CA GLU D 354 44.88 -15.98 28.38
C GLU D 354 43.71 -16.27 27.46
N TRP D 355 43.94 -16.37 26.15
CA TRP D 355 42.83 -16.48 25.21
C TRP D 355 42.26 -17.89 25.20
N VAL D 356 40.94 -17.96 25.37
CA VAL D 356 40.17 -19.19 25.22
C VAL D 356 39.13 -18.94 24.14
N PRO D 357 39.06 -19.75 23.09
CA PRO D 357 38.11 -19.50 22.00
C PRO D 357 36.66 -19.57 22.48
N LYS D 358 35.88 -18.60 22.04
CA LYS D 358 34.48 -18.41 22.42
C LYS D 358 33.68 -18.21 21.15
N PRO D 359 32.36 -18.43 21.20
CA PRO D 359 31.51 -18.04 20.08
C PRO D 359 31.52 -16.53 19.86
N ILE D 360 31.14 -16.12 18.64
CA ILE D 360 31.11 -14.70 18.32
C ILE D 360 30.02 -14.01 19.13
N GLY D 361 30.39 -12.93 19.80
CA GLY D 361 29.45 -12.18 20.60
C GLY D 361 29.51 -12.44 22.09
N ILE D 362 30.41 -13.31 22.55
CA ILE D 362 30.56 -13.63 23.96
C ILE D 362 31.89 -13.08 24.45
N VAL D 363 31.84 -12.33 25.56
CA VAL D 363 33.05 -11.81 26.17
C VAL D 363 33.42 -12.66 27.38
#